data_7FV8
# 
_entry.id   7FV8 
# 
_audit_conform.dict_name       mmcif_pdbx.dic 
_audit_conform.dict_version    5.392 
_audit_conform.dict_location   http://mmcif.pdb.org/dictionaries/ascii/mmcif_pdbx.dic 
# 
loop_
_database_2.database_id 
_database_2.database_code 
_database_2.pdbx_database_accession 
_database_2.pdbx_DOI 
PDB   7FV8         pdb_00007fv8 10.2210/pdb7fv8/pdb 
WWPDB D_1001405389 ?            ?                   
# 
loop_
_pdbx_audit_revision_history.ordinal 
_pdbx_audit_revision_history.data_content_type 
_pdbx_audit_revision_history.major_revision 
_pdbx_audit_revision_history.minor_revision 
_pdbx_audit_revision_history.revision_date 
1 'Structure model' 1 0 2023-03-29 
2 'Structure model' 1 1 2024-05-22 
# 
_pdbx_audit_revision_details.ordinal             1 
_pdbx_audit_revision_details.revision_ordinal    1 
_pdbx_audit_revision_details.data_content_type   'Structure model' 
_pdbx_audit_revision_details.provider            repository 
_pdbx_audit_revision_details.type                'Initial release' 
_pdbx_audit_revision_details.description         ? 
_pdbx_audit_revision_details.details             ? 
# 
_pdbx_audit_revision_group.ordinal             1 
_pdbx_audit_revision_group.revision_ordinal    2 
_pdbx_audit_revision_group.data_content_type   'Structure model' 
_pdbx_audit_revision_group.group               'Data collection' 
# 
loop_
_pdbx_audit_revision_category.ordinal 
_pdbx_audit_revision_category.revision_ordinal 
_pdbx_audit_revision_category.data_content_type 
_pdbx_audit_revision_category.category 
1 2 'Structure model' chem_comp_atom 
2 2 'Structure model' chem_comp_bond 
# 
_pdbx_database_status.entry_id                        7FV8 
_pdbx_database_status.status_code                     REL 
_pdbx_database_status.status_code_sf                  REL 
_pdbx_database_status.status_code_mr                  ? 
_pdbx_database_status.status_code_cs                  ? 
_pdbx_database_status.recvd_initial_deposition_date   2023-03-09 
_pdbx_database_status.status_code_nmr_data            ? 
_pdbx_database_status.deposit_site                    RCSB 
_pdbx_database_status.process_site                    RCSB 
_pdbx_database_status.SG_entry                        ? 
_pdbx_database_status.pdb_format_compatible           Y 
_pdbx_database_status.methods_development_category    ? 
# 
_pdbx_contact_author.id                 1 
_pdbx_contact_author.email              frank.von-delft@diamond.ac.uk 
_pdbx_contact_author.name_first         Frank 
_pdbx_contact_author.name_last          'von Delft' 
_pdbx_contact_author.role               'principal investigator/group leader' 
_pdbx_contact_author.identifier_ORCID   0000-0003-0378-0017 
_pdbx_contact_author.name_mi            ? 
# 
loop_
_audit_author.name 
_audit_author.pdbx_ordinal 
'Grosjean, H.'   1 
'Tomlinson, C.'  2 
'Bradshaw, W.J.' 3 
'Koekemoer, L.'  4 
'Krojer, T.'     5 
'Fearon, D.'     6 
'Biggin, P.C.'   7 
'von Delft, F.'  8 
# 
_citation.id                        primary 
_citation.title                     'PanDDA analysis group deposition' 
_citation.journal_abbrev            'To Be Published' 
_citation.journal_volume            ? 
_citation.page_first                ? 
_citation.page_last                 ? 
_citation.year                      ? 
_citation.journal_id_ASTM           ? 
_citation.country                   ? 
_citation.journal_id_ISSN           ? 
_citation.journal_id_CSD            0353 
_citation.book_publisher            ? 
_citation.pdbx_database_id_PubMed   ? 
_citation.pdbx_database_id_DOI      ? 
# 
loop_
_citation_author.citation_id 
_citation_author.name 
_citation_author.identifier_ORCID 
_citation_author.ordinal 
primary 'Grosjean, H.'   ? 1 
primary 'Tomlinson, C.'  ? 2 
primary 'Bradshaw, W.J.' ? 3 
primary 'Koekemoer, L.'  ? 4 
primary 'Krojer, T.'     ? 5 
primary 'Fearon, D.'     ? 6 
primary 'Biggin, P.C.'   ? 7 
primary 'von Delft, F.'  ? 8 
# 
loop_
_entity.id 
_entity.type 
_entity.src_method 
_entity.pdbx_description 
_entity.formula_weight 
_entity.pdbx_number_of_molecules 
_entity.pdbx_ec 
_entity.pdbx_mutation 
_entity.pdbx_fragment 
_entity.details 
1 polymer     man 'PH-interacting protein'                                                                                       
17627.859 1   ? ? ? ? 
2 non-polymer syn '4-(3-chlorobenzoyl)-N-[3-(6,7-dihydrothieno[3,2-c]pyridin-5(4H)-yl)-3-oxopropyl]-1,4-diazepane-1-carboxamide' 
475.003   1   ? ? ? ? 
3 water       nat water                                                                                                          
18.015    219 ? ? ? ? 
# 
_entity_name_com.entity_id   1 
_entity_name_com.name        
'PHIP,DDB1- and CUL4-associated factor 14,IRS-1 PH domain-binding protein,WD repeat-containing protein 11' 
# 
_entity_poly.entity_id                      1 
_entity_poly.type                           'polypeptide(L)' 
_entity_poly.nstd_linkage                   no 
_entity_poly.nstd_monomer                   no 
_entity_poly.pdbx_seq_one_letter_code       
;MHHHHHHSSGVDLGTENLYFQSMSYDIQAWKKQCEELLNLIFQCEDSEPFRQPVDLLEYPDYRDIIDTPMDFATVRETLE
AGNYESPMELCKDVRLIFSNSKAYTPSKRSRIYSMSLRLSAFFEEHISSVLSDYKSALRFHKRNTITKR
;
_entity_poly.pdbx_seq_one_letter_code_can   
;MHHHHHHSSGVDLGTENLYFQSMSYDIQAWKKQCEELLNLIFQCEDSEPFRQPVDLLEYPDYRDIIDTPMDFATVRETLE
AGNYESPMELCKDVRLIFSNSKAYTPSKRSRIYSMSLRLSAFFEEHISSVLSDYKSALRFHKRNTITKR
;
_entity_poly.pdbx_strand_id                 A 
_entity_poly.pdbx_target_identifier         ? 
# 
loop_
_pdbx_entity_nonpoly.entity_id 
_pdbx_entity_nonpoly.name 
_pdbx_entity_nonpoly.comp_id 
2 '4-(3-chlorobenzoyl)-N-[3-(6,7-dihydrothieno[3,2-c]pyridin-5(4H)-yl)-3-oxopropyl]-1,4-diazepane-1-carboxamide' ZL8 
3 water                                                                                                          HOH 
# 
loop_
_entity_poly_seq.entity_id 
_entity_poly_seq.num 
_entity_poly_seq.mon_id 
_entity_poly_seq.hetero 
1 1   MET n 
1 2   HIS n 
1 3   HIS n 
1 4   HIS n 
1 5   HIS n 
1 6   HIS n 
1 7   HIS n 
1 8   SER n 
1 9   SER n 
1 10  GLY n 
1 11  VAL n 
1 12  ASP n 
1 13  LEU n 
1 14  GLY n 
1 15  THR n 
1 16  GLU n 
1 17  ASN n 
1 18  LEU n 
1 19  TYR n 
1 20  PHE n 
1 21  GLN n 
1 22  SER n 
1 23  MET n 
1 24  SER n 
1 25  TYR n 
1 26  ASP n 
1 27  ILE n 
1 28  GLN n 
1 29  ALA n 
1 30  TRP n 
1 31  LYS n 
1 32  LYS n 
1 33  GLN n 
1 34  CYS n 
1 35  GLU n 
1 36  GLU n 
1 37  LEU n 
1 38  LEU n 
1 39  ASN n 
1 40  LEU n 
1 41  ILE n 
1 42  PHE n 
1 43  GLN n 
1 44  CYS n 
1 45  GLU n 
1 46  ASP n 
1 47  SER n 
1 48  GLU n 
1 49  PRO n 
1 50  PHE n 
1 51  ARG n 
1 52  GLN n 
1 53  PRO n 
1 54  VAL n 
1 55  ASP n 
1 56  LEU n 
1 57  LEU n 
1 58  GLU n 
1 59  TYR n 
1 60  PRO n 
1 61  ASP n 
1 62  TYR n 
1 63  ARG n 
1 64  ASP n 
1 65  ILE n 
1 66  ILE n 
1 67  ASP n 
1 68  THR n 
1 69  PRO n 
1 70  MET n 
1 71  ASP n 
1 72  PHE n 
1 73  ALA n 
1 74  THR n 
1 75  VAL n 
1 76  ARG n 
1 77  GLU n 
1 78  THR n 
1 79  LEU n 
1 80  GLU n 
1 81  ALA n 
1 82  GLY n 
1 83  ASN n 
1 84  TYR n 
1 85  GLU n 
1 86  SER n 
1 87  PRO n 
1 88  MET n 
1 89  GLU n 
1 90  LEU n 
1 91  CYS n 
1 92  LYS n 
1 93  ASP n 
1 94  VAL n 
1 95  ARG n 
1 96  LEU n 
1 97  ILE n 
1 98  PHE n 
1 99  SER n 
1 100 ASN n 
1 101 SER n 
1 102 LYS n 
1 103 ALA n 
1 104 TYR n 
1 105 THR n 
1 106 PRO n 
1 107 SER n 
1 108 LYS n 
1 109 ARG n 
1 110 SER n 
1 111 ARG n 
1 112 ILE n 
1 113 TYR n 
1 114 SER n 
1 115 MET n 
1 116 SER n 
1 117 LEU n 
1 118 ARG n 
1 119 LEU n 
1 120 SER n 
1 121 ALA n 
1 122 PHE n 
1 123 PHE n 
1 124 GLU n 
1 125 GLU n 
1 126 HIS n 
1 127 ILE n 
1 128 SER n 
1 129 SER n 
1 130 VAL n 
1 131 LEU n 
1 132 SER n 
1 133 ASP n 
1 134 TYR n 
1 135 LYS n 
1 136 SER n 
1 137 ALA n 
1 138 LEU n 
1 139 ARG n 
1 140 PHE n 
1 141 HIS n 
1 142 LYS n 
1 143 ARG n 
1 144 ASN n 
1 145 THR n 
1 146 ILE n 
1 147 THR n 
1 148 LYS n 
1 149 ARG n 
# 
_entity_src_gen.entity_id                          1 
_entity_src_gen.pdbx_src_id                        1 
_entity_src_gen.pdbx_alt_source_flag               sample 
_entity_src_gen.pdbx_seq_type                      'Biological sequence' 
_entity_src_gen.pdbx_beg_seq_num                   1 
_entity_src_gen.pdbx_end_seq_num                   149 
_entity_src_gen.gene_src_common_name               human 
_entity_src_gen.gene_src_genus                     ? 
_entity_src_gen.pdbx_gene_src_gene                 'PHIP, DCAF14, WDR11' 
_entity_src_gen.gene_src_species                   ? 
_entity_src_gen.gene_src_strain                    ? 
_entity_src_gen.gene_src_tissue                    ? 
_entity_src_gen.gene_src_tissue_fraction           ? 
_entity_src_gen.gene_src_details                   ? 
_entity_src_gen.pdbx_gene_src_fragment             ? 
_entity_src_gen.pdbx_gene_src_scientific_name      'Homo sapiens' 
_entity_src_gen.pdbx_gene_src_ncbi_taxonomy_id     9606 
_entity_src_gen.pdbx_gene_src_variant              ? 
_entity_src_gen.pdbx_gene_src_cell_line            ? 
_entity_src_gen.pdbx_gene_src_atcc                 ? 
_entity_src_gen.pdbx_gene_src_organ                ? 
_entity_src_gen.pdbx_gene_src_organelle            ? 
_entity_src_gen.pdbx_gene_src_cell                 ? 
_entity_src_gen.pdbx_gene_src_cellular_location    ? 
_entity_src_gen.host_org_common_name               ? 
_entity_src_gen.pdbx_host_org_scientific_name      'Escherichia coli' 
_entity_src_gen.pdbx_host_org_ncbi_taxonomy_id     562 
_entity_src_gen.host_org_genus                     ? 
_entity_src_gen.pdbx_host_org_gene                 ? 
_entity_src_gen.pdbx_host_org_organ                ? 
_entity_src_gen.host_org_species                   ? 
_entity_src_gen.pdbx_host_org_tissue               ? 
_entity_src_gen.pdbx_host_org_tissue_fraction      ? 
_entity_src_gen.pdbx_host_org_strain               ? 
_entity_src_gen.pdbx_host_org_variant              ? 
_entity_src_gen.pdbx_host_org_cell_line            ? 
_entity_src_gen.pdbx_host_org_atcc                 ? 
_entity_src_gen.pdbx_host_org_culture_collection   ? 
_entity_src_gen.pdbx_host_org_cell                 ? 
_entity_src_gen.pdbx_host_org_organelle            ? 
_entity_src_gen.pdbx_host_org_cellular_location    ? 
_entity_src_gen.pdbx_host_org_vector_type          ? 
_entity_src_gen.pdbx_host_org_vector               ? 
_entity_src_gen.host_org_details                   ? 
_entity_src_gen.expression_system_id               ? 
_entity_src_gen.plasmid_name                       ? 
_entity_src_gen.plasmid_details                    ? 
_entity_src_gen.pdbx_description                   ? 
# 
loop_
_chem_comp.id 
_chem_comp.type 
_chem_comp.mon_nstd_flag 
_chem_comp.name 
_chem_comp.pdbx_synonyms 
_chem_comp.formula 
_chem_comp.formula_weight 
ALA 'L-peptide linking' y ALANINE ? 'C3 H7 N O2'         89.093  
ARG 'L-peptide linking' y ARGININE ? 'C6 H15 N4 O2 1'     175.209 
ASN 'L-peptide linking' y ASPARAGINE ? 'C4 H8 N2 O3'        132.118 
ASP 'L-peptide linking' y 'ASPARTIC ACID' ? 'C4 H7 N O4'         133.103 
CYS 'L-peptide linking' y CYSTEINE ? 'C3 H7 N O2 S'       121.158 
GLN 'L-peptide linking' y GLUTAMINE ? 'C5 H10 N2 O3'       146.144 
GLU 'L-peptide linking' y 'GLUTAMIC ACID' ? 'C5 H9 N O4'         147.129 
GLY 'peptide linking'   y GLYCINE ? 'C2 H5 N O2'         75.067  
HIS 'L-peptide linking' y HISTIDINE ? 'C6 H10 N3 O2 1'     156.162 
HOH non-polymer         . WATER ? 'H2 O'               18.015  
ILE 'L-peptide linking' y ISOLEUCINE ? 'C6 H13 N O2'        131.173 
LEU 'L-peptide linking' y LEUCINE ? 'C6 H13 N O2'        131.173 
LYS 'L-peptide linking' y LYSINE ? 'C6 H15 N2 O2 1'     147.195 
MET 'L-peptide linking' y METHIONINE ? 'C5 H11 N O2 S'      149.211 
PHE 'L-peptide linking' y PHENYLALANINE ? 'C9 H11 N O2'        165.189 
PRO 'L-peptide linking' y PROLINE ? 'C5 H9 N O2'         115.130 
SER 'L-peptide linking' y SERINE ? 'C3 H7 N O3'         105.093 
THR 'L-peptide linking' y THREONINE ? 'C4 H9 N O3'         119.119 
TRP 'L-peptide linking' y TRYPTOPHAN ? 'C11 H12 N2 O2'      204.225 
TYR 'L-peptide linking' y TYROSINE ? 'C9 H11 N O3'        181.189 
VAL 'L-peptide linking' y VALINE ? 'C5 H11 N O2'        117.146 
ZL8 non-polymer         . 
'4-(3-chlorobenzoyl)-N-[3-(6,7-dihydrothieno[3,2-c]pyridin-5(4H)-yl)-3-oxopropyl]-1,4-diazepane-1-carboxamide' ? 
'C23 H27 Cl N4 O3 S' 475.003 
# 
loop_
_pdbx_poly_seq_scheme.asym_id 
_pdbx_poly_seq_scheme.entity_id 
_pdbx_poly_seq_scheme.seq_id 
_pdbx_poly_seq_scheme.mon_id 
_pdbx_poly_seq_scheme.ndb_seq_num 
_pdbx_poly_seq_scheme.pdb_seq_num 
_pdbx_poly_seq_scheme.auth_seq_num 
_pdbx_poly_seq_scheme.pdb_mon_id 
_pdbx_poly_seq_scheme.auth_mon_id 
_pdbx_poly_seq_scheme.pdb_strand_id 
_pdbx_poly_seq_scheme.pdb_ins_code 
_pdbx_poly_seq_scheme.hetero 
A 1 1   MET 1   1292 ?    ?   ?   A . n 
A 1 2   HIS 2   1293 ?    ?   ?   A . n 
A 1 3   HIS 3   1294 ?    ?   ?   A . n 
A 1 4   HIS 4   1295 ?    ?   ?   A . n 
A 1 5   HIS 5   1296 ?    ?   ?   A . n 
A 1 6   HIS 6   1297 ?    ?   ?   A . n 
A 1 7   HIS 7   1298 ?    ?   ?   A . n 
A 1 8   SER 8   1299 ?    ?   ?   A . n 
A 1 9   SER 9   1300 ?    ?   ?   A . n 
A 1 10  GLY 10  1301 ?    ?   ?   A . n 
A 1 11  VAL 11  1302 ?    ?   ?   A . n 
A 1 12  ASP 12  1303 ?    ?   ?   A . n 
A 1 13  LEU 13  1304 ?    ?   ?   A . n 
A 1 14  GLY 14  1305 ?    ?   ?   A . n 
A 1 15  THR 15  1306 ?    ?   ?   A . n 
A 1 16  GLU 16  1307 ?    ?   ?   A . n 
A 1 17  ASN 17  1308 ?    ?   ?   A . n 
A 1 18  LEU 18  1309 ?    ?   ?   A . n 
A 1 19  TYR 19  1310 ?    ?   ?   A . n 
A 1 20  PHE 20  1311 ?    ?   ?   A . n 
A 1 21  GLN 21  1312 ?    ?   ?   A . n 
A 1 22  SER 22  1313 ?    ?   ?   A . n 
A 1 23  MET 23  1314 ?    ?   ?   A . n 
A 1 24  SER 24  1315 1315 SER SER A . n 
A 1 25  TYR 25  1316 1316 TYR TYR A . n 
A 1 26  ASP 26  1317 1317 ASP ASP A . n 
A 1 27  ILE 27  1318 1318 ILE ILE A . n 
A 1 28  GLN 28  1319 1319 GLN GLN A . n 
A 1 29  ALA 29  1320 1320 ALA ALA A . n 
A 1 30  TRP 30  1321 1321 TRP TRP A . n 
A 1 31  LYS 31  1322 1322 LYS LYS A . n 
A 1 32  LYS 32  1323 1323 LYS LYS A . n 
A 1 33  GLN 33  1324 1324 GLN GLN A . n 
A 1 34  CYS 34  1325 1325 CYS CYS A . n 
A 1 35  GLU 35  1326 1326 GLU GLU A . n 
A 1 36  GLU 36  1327 1327 GLU GLU A . n 
A 1 37  LEU 37  1328 1328 LEU LEU A . n 
A 1 38  LEU 38  1329 1329 LEU LEU A . n 
A 1 39  ASN 39  1330 1330 ASN ASN A . n 
A 1 40  LEU 40  1331 1331 LEU LEU A . n 
A 1 41  ILE 41  1332 1332 ILE ILE A . n 
A 1 42  PHE 42  1333 1333 PHE PHE A . n 
A 1 43  GLN 43  1334 1334 GLN GLN A . n 
A 1 44  CYS 44  1335 1335 CYS CYS A . n 
A 1 45  GLU 45  1336 1336 GLU GLU A . n 
A 1 46  ASP 46  1337 1337 ASP ASP A . n 
A 1 47  SER 47  1338 1338 SER SER A . n 
A 1 48  GLU 48  1339 1339 GLU GLU A . n 
A 1 49  PRO 49  1340 1340 PRO PRO A . n 
A 1 50  PHE 50  1341 1341 PHE PHE A . n 
A 1 51  ARG 51  1342 1342 ARG ARG A . n 
A 1 52  GLN 52  1343 1343 GLN GLN A . n 
A 1 53  PRO 53  1344 1344 PRO PRO A . n 
A 1 54  VAL 54  1345 1345 VAL VAL A . n 
A 1 55  ASP 55  1346 1346 ASP ASP A . n 
A 1 56  LEU 56  1347 1347 LEU LEU A . n 
A 1 57  LEU 57  1348 1348 LEU LEU A . n 
A 1 58  GLU 58  1349 1349 GLU GLU A . n 
A 1 59  TYR 59  1350 1350 TYR TYR A . n 
A 1 60  PRO 60  1351 1351 PRO PRO A . n 
A 1 61  ASP 61  1352 1352 ASP ASP A . n 
A 1 62  TYR 62  1353 1353 TYR TYR A . n 
A 1 63  ARG 63  1354 1354 ARG ARG A . n 
A 1 64  ASP 64  1355 1355 ASP ASP A . n 
A 1 65  ILE 65  1356 1356 ILE ILE A . n 
A 1 66  ILE 66  1357 1357 ILE ILE A . n 
A 1 67  ASP 67  1358 1358 ASP ASP A . n 
A 1 68  THR 68  1359 1359 THR THR A . n 
A 1 69  PRO 69  1360 1360 PRO PRO A . n 
A 1 70  MET 70  1361 1361 MET MET A . n 
A 1 71  ASP 71  1362 1362 ASP ASP A . n 
A 1 72  PHE 72  1363 1363 PHE PHE A . n 
A 1 73  ALA 73  1364 1364 ALA ALA A . n 
A 1 74  THR 74  1365 1365 THR THR A . n 
A 1 75  VAL 75  1366 1366 VAL VAL A . n 
A 1 76  ARG 76  1367 1367 ARG ARG A . n 
A 1 77  GLU 77  1368 1368 GLU GLU A . n 
A 1 78  THR 78  1369 1369 THR THR A . n 
A 1 79  LEU 79  1370 1370 LEU LEU A . n 
A 1 80  GLU 80  1371 1371 GLU GLU A . n 
A 1 81  ALA 81  1372 1372 ALA ALA A . n 
A 1 82  GLY 82  1373 1373 GLY GLY A . n 
A 1 83  ASN 83  1374 1374 ASN ASN A . n 
A 1 84  TYR 84  1375 1375 TYR TYR A . n 
A 1 85  GLU 85  1376 1376 GLU GLU A . n 
A 1 86  SER 86  1377 1377 SER SER A . n 
A 1 87  PRO 87  1378 1378 PRO PRO A . n 
A 1 88  MET 88  1379 1379 MET MET A . n 
A 1 89  GLU 89  1380 1380 GLU GLU A . n 
A 1 90  LEU 90  1381 1381 LEU LEU A . n 
A 1 91  CYS 91  1382 1382 CYS CYS A . n 
A 1 92  LYS 92  1383 1383 LYS LYS A . n 
A 1 93  ASP 93  1384 1384 ASP ASP A . n 
A 1 94  VAL 94  1385 1385 VAL VAL A . n 
A 1 95  ARG 95  1386 1386 ARG ARG A . n 
A 1 96  LEU 96  1387 1387 LEU LEU A . n 
A 1 97  ILE 97  1388 1388 ILE ILE A . n 
A 1 98  PHE 98  1389 1389 PHE PHE A . n 
A 1 99  SER 99  1390 1390 SER SER A . n 
A 1 100 ASN 100 1391 1391 ASN ASN A . n 
A 1 101 SER 101 1392 1392 SER SER A . n 
A 1 102 LYS 102 1393 1393 LYS LYS A . n 
A 1 103 ALA 103 1394 1394 ALA ALA A . n 
A 1 104 TYR 104 1395 1395 TYR TYR A . n 
A 1 105 THR 105 1396 1396 THR THR A . n 
A 1 106 PRO 106 1397 1397 PRO PRO A . n 
A 1 107 SER 107 1398 1398 SER SER A . n 
A 1 108 LYS 108 1399 1399 LYS LYS A . n 
A 1 109 ARG 109 1400 1400 ARG ARG A . n 
A 1 110 SER 110 1401 1401 SER SER A . n 
A 1 111 ARG 111 1402 1402 ARG ARG A . n 
A 1 112 ILE 112 1403 1403 ILE ILE A . n 
A 1 113 TYR 113 1404 1404 TYR TYR A . n 
A 1 114 SER 114 1405 1405 SER SER A . n 
A 1 115 MET 115 1406 1406 MET MET A . n 
A 1 116 SER 116 1407 1407 SER SER A . n 
A 1 117 LEU 117 1408 1408 LEU LEU A . n 
A 1 118 ARG 118 1409 1409 ARG ARG A . n 
A 1 119 LEU 119 1410 1410 LEU LEU A . n 
A 1 120 SER 120 1411 1411 SER SER A . n 
A 1 121 ALA 121 1412 1412 ALA ALA A . n 
A 1 122 PHE 122 1413 1413 PHE PHE A . n 
A 1 123 PHE 123 1414 1414 PHE PHE A . n 
A 1 124 GLU 124 1415 1415 GLU GLU A . n 
A 1 125 GLU 125 1416 1416 GLU GLU A . n 
A 1 126 HIS 126 1417 1417 HIS HIS A . n 
A 1 127 ILE 127 1418 1418 ILE ILE A . n 
A 1 128 SER 128 1419 1419 SER SER A . n 
A 1 129 SER 129 1420 1420 SER SER A . n 
A 1 130 VAL 130 1421 1421 VAL VAL A . n 
A 1 131 LEU 131 1422 1422 LEU LEU A . n 
A 1 132 SER 132 1423 1423 SER SER A . n 
A 1 133 ASP 133 1424 1424 ASP ASP A . n 
A 1 134 TYR 134 1425 1425 TYR TYR A . n 
A 1 135 LYS 135 1426 1426 LYS LYS A . n 
A 1 136 SER 136 1427 1427 SER SER A . n 
A 1 137 ALA 137 1428 1428 ALA ALA A . n 
A 1 138 LEU 138 1429 1429 LEU LEU A . n 
A 1 139 ARG 139 1430 1430 ARG ARG A . n 
A 1 140 PHE 140 1431 1431 PHE PHE A . n 
A 1 141 HIS 141 1432 1432 HIS HIS A . n 
A 1 142 LYS 142 1433 1433 LYS LYS A . n 
A 1 143 ARG 143 1434 1434 ARG ARG A . n 
A 1 144 ASN 144 1435 1435 ASN ASN A . n 
A 1 145 THR 145 1436 ?    ?   ?   A . n 
A 1 146 ILE 146 1437 ?    ?   ?   A . n 
A 1 147 THR 147 1438 ?    ?   ?   A . n 
A 1 148 LYS 148 1439 ?    ?   ?   A . n 
A 1 149 ARG 149 1440 ?    ?   ?   A . n 
# 
loop_
_pdbx_nonpoly_scheme.asym_id 
_pdbx_nonpoly_scheme.entity_id 
_pdbx_nonpoly_scheme.mon_id 
_pdbx_nonpoly_scheme.ndb_seq_num 
_pdbx_nonpoly_scheme.pdb_seq_num 
_pdbx_nonpoly_scheme.auth_seq_num 
_pdbx_nonpoly_scheme.pdb_mon_id 
_pdbx_nonpoly_scheme.auth_mon_id 
_pdbx_nonpoly_scheme.pdb_strand_id 
_pdbx_nonpoly_scheme.pdb_ins_code 
B 2 ZL8 1   1901 1901 ZL8 LIG A . 
C 3 HOH 1   2001 31   HOH HOH A . 
C 3 HOH 2   2002 1747 HOH HOH A . 
C 3 HOH 3   2003 1712 HOH HOH A . 
C 3 HOH 4   2004 1771 HOH HOH A . 
C 3 HOH 5   2005 1610 HOH HOH A . 
C 3 HOH 6   2006 1618 HOH HOH A . 
C 3 HOH 7   2007 1662 HOH HOH A . 
C 3 HOH 8   2008 1606 HOH HOH A . 
C 3 HOH 9   2009 20   HOH HOH A . 
C 3 HOH 10  2010 1739 HOH HOH A . 
C 3 HOH 11  2011 1605 HOH HOH A . 
C 3 HOH 12  2012 1602 HOH HOH A . 
C 3 HOH 13  2013 1608 HOH HOH A . 
C 3 HOH 14  2014 1607 HOH HOH A . 
C 3 HOH 15  2015 1609 HOH HOH A . 
C 3 HOH 16  2016 1603 HOH HOH A . 
C 3 HOH 17  2017 1676 HOH HOH A . 
C 3 HOH 18  2018 1647 HOH HOH A . 
C 3 HOH 19  2019 1633 HOH HOH A . 
C 3 HOH 20  2020 30   HOH HOH A . 
C 3 HOH 21  2021 13   HOH HOH A . 
C 3 HOH 22  2022 1629 HOH HOH A . 
C 3 HOH 23  2023 1757 HOH HOH A . 
C 3 HOH 24  2024 1678 HOH HOH A . 
C 3 HOH 25  2025 1612 HOH HOH A . 
C 3 HOH 26  2026 1638 HOH HOH A . 
C 3 HOH 27  2027 1624 HOH HOH A . 
C 3 HOH 28  2028 1627 HOH HOH A . 
C 3 HOH 29  2029 1615 HOH HOH A . 
C 3 HOH 30  2030 1663 HOH HOH A . 
C 3 HOH 31  2031 1626 HOH HOH A . 
C 3 HOH 32  2032 1622 HOH HOH A . 
C 3 HOH 33  2033 1631 HOH HOH A . 
C 3 HOH 34  2034 1660 HOH HOH A . 
C 3 HOH 35  2035 28   HOH HOH A . 
C 3 HOH 36  2036 1649 HOH HOH A . 
C 3 HOH 37  2037 1625 HOH HOH A . 
C 3 HOH 38  2038 1732 HOH HOH A . 
C 3 HOH 39  2039 1628 HOH HOH A . 
C 3 HOH 40  2040 1648 HOH HOH A . 
C 3 HOH 41  2041 1630 HOH HOH A . 
C 3 HOH 42  2042 1617 HOH HOH A . 
C 3 HOH 43  2043 1634 HOH HOH A . 
C 3 HOH 44  2044 15   HOH HOH A . 
C 3 HOH 45  2045 1671 HOH HOH A . 
C 3 HOH 46  2046 1604 HOH HOH A . 
C 3 HOH 47  2047 23   HOH HOH A . 
C 3 HOH 48  2048 1658 HOH HOH A . 
C 3 HOH 49  2049 1642 HOH HOH A . 
C 3 HOH 50  2050 1641 HOH HOH A . 
C 3 HOH 51  2051 1645 HOH HOH A . 
C 3 HOH 52  2052 1659 HOH HOH A . 
C 3 HOH 53  2053 1623 HOH HOH A . 
C 3 HOH 54  2054 1644 HOH HOH A . 
C 3 HOH 55  2055 1632 HOH HOH A . 
C 3 HOH 56  2056 1646 HOH HOH A . 
C 3 HOH 57  2057 1620 HOH HOH A . 
C 3 HOH 58  2058 1655 HOH HOH A . 
C 3 HOH 59  2059 1677 HOH HOH A . 
C 3 HOH 60  2060 1666 HOH HOH A . 
C 3 HOH 61  2061 1673 HOH HOH A . 
C 3 HOH 62  2062 1691 HOH HOH A . 
C 3 HOH 63  2063 1672 HOH HOH A . 
C 3 HOH 64  2064 1619 HOH HOH A . 
C 3 HOH 65  2065 41   HOH HOH A . 
C 3 HOH 66  2066 1664 HOH HOH A . 
C 3 HOH 67  2067 1693 HOH HOH A . 
C 3 HOH 68  2068 1621 HOH HOH A . 
C 3 HOH 69  2069 1668 HOH HOH A . 
C 3 HOH 70  2070 1683 HOH HOH A . 
C 3 HOH 71  2071 1640 HOH HOH A . 
C 3 HOH 72  2072 1652 HOH HOH A . 
C 3 HOH 73  2073 1682 HOH HOH A . 
C 3 HOH 74  2074 1650 HOH HOH A . 
C 3 HOH 75  2075 1680 HOH HOH A . 
C 3 HOH 76  2076 1674 HOH HOH A . 
C 3 HOH 77  2077 1643 HOH HOH A . 
C 3 HOH 78  2078 1733 HOH HOH A . 
C 3 HOH 79  2079 1681 HOH HOH A . 
C 3 HOH 80  2080 1698 HOH HOH A . 
C 3 HOH 81  2081 12   HOH HOH A . 
C 3 HOH 82  2082 1637 HOH HOH A . 
C 3 HOH 83  2083 21   HOH HOH A . 
C 3 HOH 84  2084 1690 HOH HOH A . 
C 3 HOH 85  2085 1767 HOH HOH A . 
C 3 HOH 86  2086 1665 HOH HOH A . 
C 3 HOH 87  2087 1675 HOH HOH A . 
C 3 HOH 88  2088 1689 HOH HOH A . 
C 3 HOH 89  2089 11   HOH HOH A . 
C 3 HOH 90  2090 1714 HOH HOH A . 
C 3 HOH 91  2091 4    HOH HOH A . 
C 3 HOH 92  2092 1687 HOH HOH A . 
C 3 HOH 93  2093 1661 HOH HOH A . 
C 3 HOH 94  2094 19   HOH HOH A . 
C 3 HOH 95  2095 1613 HOH HOH A . 
C 3 HOH 96  2096 1701 HOH HOH A . 
C 3 HOH 97  2097 1651 HOH HOH A . 
C 3 HOH 98  2098 1725 HOH HOH A . 
C 3 HOH 99  2099 1696 HOH HOH A . 
C 3 HOH 100 2100 34   HOH HOH A . 
C 3 HOH 101 2101 1686 HOH HOH A . 
C 3 HOH 102 2102 1738 HOH HOH A . 
C 3 HOH 103 2103 1700 HOH HOH A . 
C 3 HOH 104 2104 1688 HOH HOH A . 
C 3 HOH 105 2105 1721 HOH HOH A . 
C 3 HOH 106 2106 1601 HOH HOH A . 
C 3 HOH 107 2107 1685 HOH HOH A . 
C 3 HOH 108 2108 36   HOH HOH A . 
C 3 HOH 109 2109 1694 HOH HOH A . 
C 3 HOH 110 2110 1734 HOH HOH A . 
C 3 HOH 111 2111 1709 HOH HOH A . 
C 3 HOH 112 2112 33   HOH HOH A . 
C 3 HOH 113 2113 1684 HOH HOH A . 
C 3 HOH 114 2114 1614 HOH HOH A . 
C 3 HOH 115 2115 1740 HOH HOH A . 
C 3 HOH 116 2116 1669 HOH HOH A . 
C 3 HOH 117 2117 1611 HOH HOH A . 
C 3 HOH 118 2118 3    HOH HOH A . 
C 3 HOH 119 2119 37   HOH HOH A . 
C 3 HOH 120 2120 1708 HOH HOH A . 
C 3 HOH 121 2121 1723 HOH HOH A . 
C 3 HOH 122 2122 18   HOH HOH A . 
C 3 HOH 123 2123 24   HOH HOH A . 
C 3 HOH 124 2124 1713 HOH HOH A . 
C 3 HOH 125 2125 1735 HOH HOH A . 
C 3 HOH 126 2126 1720 HOH HOH A . 
C 3 HOH 127 2127 1704 HOH HOH A . 
C 3 HOH 128 2128 1718 HOH HOH A . 
C 3 HOH 129 2129 1706 HOH HOH A . 
C 3 HOH 130 2130 1741 HOH HOH A . 
C 3 HOH 131 2131 1692 HOH HOH A . 
C 3 HOH 132 2132 2    HOH HOH A . 
C 3 HOH 133 2133 1679 HOH HOH A . 
C 3 HOH 134 2134 1711 HOH HOH A . 
C 3 HOH 135 2135 1746 HOH HOH A . 
C 3 HOH 136 2136 1715 HOH HOH A . 
C 3 HOH 137 2137 1728 HOH HOH A . 
C 3 HOH 138 2138 1737 HOH HOH A . 
C 3 HOH 139 2139 1719 HOH HOH A . 
C 3 HOH 140 2140 1667 HOH HOH A . 
C 3 HOH 141 2141 1729 HOH HOH A . 
C 3 HOH 142 2142 1657 HOH HOH A . 
C 3 HOH 143 2143 1724 HOH HOH A . 
C 3 HOH 144 2144 1736 HOH HOH A . 
C 3 HOH 145 2145 1716 HOH HOH A . 
C 3 HOH 146 2146 1697 HOH HOH A . 
C 3 HOH 147 2147 1731 HOH HOH A . 
C 3 HOH 148 2148 1726 HOH HOH A . 
C 3 HOH 149 2149 1730 HOH HOH A . 
C 3 HOH 150 2150 1801 HOH HOH A . 
C 3 HOH 151 2151 1744 HOH HOH A . 
C 3 HOH 152 2152 1710 HOH HOH A . 
C 3 HOH 153 2153 40   HOH HOH A . 
C 3 HOH 154 2154 39   HOH HOH A . 
C 3 HOH 155 2155 1727 HOH HOH A . 
C 3 HOH 156 2156 1703 HOH HOH A . 
C 3 HOH 157 2157 1656 HOH HOH A . 
C 3 HOH 158 2158 1750 HOH HOH A . 
C 3 HOH 159 2159 9    HOH HOH A . 
C 3 HOH 160 2160 35   HOH HOH A . 
C 3 HOH 161 2161 1702 HOH HOH A . 
C 3 HOH 162 2162 1752 HOH HOH A . 
C 3 HOH 163 2163 32   HOH HOH A . 
C 3 HOH 164 2164 1751 HOH HOH A . 
C 3 HOH 165 2165 1756 HOH HOH A . 
C 3 HOH 166 2166 1753 HOH HOH A . 
C 3 HOH 167 2167 1749 HOH HOH A . 
C 3 HOH 168 2168 1755 HOH HOH A . 
C 3 HOH 169 2169 1748 HOH HOH A . 
C 3 HOH 170 2170 1742 HOH HOH A . 
C 3 HOH 171 2171 8    HOH HOH A . 
C 3 HOH 172 2172 1770 HOH HOH A . 
C 3 HOH 173 2173 1766 HOH HOH A . 
C 3 HOH 174 2174 1769 HOH HOH A . 
C 3 HOH 175 2175 1743 HOH HOH A . 
C 3 HOH 176 2176 1759 HOH HOH A . 
C 3 HOH 177 2177 27   HOH HOH A . 
C 3 HOH 178 2178 1794 HOH HOH A . 
C 3 HOH 179 2179 25   HOH HOH A . 
C 3 HOH 180 2180 1795 HOH HOH A . 
C 3 HOH 181 2181 1784 HOH HOH A . 
C 3 HOH 182 2182 1765 HOH HOH A . 
C 3 HOH 183 2183 38   HOH HOH A . 
C 3 HOH 184 2184 1763 HOH HOH A . 
C 3 HOH 185 2185 1754 HOH HOH A . 
C 3 HOH 186 2186 1779 HOH HOH A . 
C 3 HOH 187 2187 14   HOH HOH A . 
C 3 HOH 188 2188 1768 HOH HOH A . 
C 3 HOH 189 2189 1786 HOH HOH A . 
C 3 HOH 190 2190 1760 HOH HOH A . 
C 3 HOH 191 2191 1758 HOH HOH A . 
C 3 HOH 192 2192 1764 HOH HOH A . 
C 3 HOH 193 2193 1774 HOH HOH A . 
C 3 HOH 194 2194 1783 HOH HOH A . 
C 3 HOH 195 2195 1777 HOH HOH A . 
C 3 HOH 196 2196 1796 HOH HOH A . 
C 3 HOH 197 2197 1775 HOH HOH A . 
C 3 HOH 198 2198 1776 HOH HOH A . 
C 3 HOH 199 2199 29   HOH HOH A . 
C 3 HOH 200 2200 1778 HOH HOH A . 
C 3 HOH 201 2201 1781 HOH HOH A . 
C 3 HOH 202 2202 1782 HOH HOH A . 
C 3 HOH 203 2203 1785 HOH HOH A . 
C 3 HOH 204 2204 26   HOH HOH A . 
C 3 HOH 205 2205 1780 HOH HOH A . 
C 3 HOH 206 2206 16   HOH HOH A . 
C 3 HOH 207 2207 22   HOH HOH A . 
C 3 HOH 208 2208 1    HOH HOH A . 
C 3 HOH 209 2209 17   HOH HOH A . 
C 3 HOH 210 2210 1787 HOH HOH A . 
C 3 HOH 211 2211 1791 HOH HOH A . 
C 3 HOH 212 2212 1789 HOH HOH A . 
C 3 HOH 213 2213 1792 HOH HOH A . 
C 3 HOH 214 2214 1790 HOH HOH A . 
C 3 HOH 215 2215 1793 HOH HOH A . 
C 3 HOH 216 2216 1798 HOH HOH A . 
C 3 HOH 217 2217 1797 HOH HOH A . 
C 3 HOH 218 2218 1799 HOH HOH A . 
C 3 HOH 219 2219 1800 HOH HOH A . 
# 
loop_
_pdbx_unobs_or_zero_occ_atoms.id 
_pdbx_unobs_or_zero_occ_atoms.PDB_model_num 
_pdbx_unobs_or_zero_occ_atoms.polymer_flag 
_pdbx_unobs_or_zero_occ_atoms.occupancy_flag 
_pdbx_unobs_or_zero_occ_atoms.auth_asym_id 
_pdbx_unobs_or_zero_occ_atoms.auth_comp_id 
_pdbx_unobs_or_zero_occ_atoms.auth_seq_id 
_pdbx_unobs_or_zero_occ_atoms.PDB_ins_code 
_pdbx_unobs_or_zero_occ_atoms.auth_atom_id 
_pdbx_unobs_or_zero_occ_atoms.label_alt_id 
_pdbx_unobs_or_zero_occ_atoms.label_asym_id 
_pdbx_unobs_or_zero_occ_atoms.label_comp_id 
_pdbx_unobs_or_zero_occ_atoms.label_seq_id 
_pdbx_unobs_or_zero_occ_atoms.label_atom_id 
1 1 Y 1 A GLN 1334 ? CD  ? A GLN 43 CD  
2 1 Y 1 A GLN 1334 ? OE1 ? A GLN 43 OE1 
3 1 Y 1 A GLN 1334 ? NE2 ? A GLN 43 NE2 
# 
loop_
_software.pdbx_ordinal 
_software.name 
_software.version 
_software.date 
_software.type 
_software.contact_author 
_software.contact_author_email 
_software.classification 
_software.location 
_software.language 
_software.citation_id 
1 REFMAC      5.8.0267 ?               program 'Garib N. Murshudov' garib@ysbl.york.ac.uk    refinement        
http://www.ccp4.ac.uk/dist/html/refmac5.html        Fortran_77 ? 
2 Aimless     0.7.7    23/04/21        program 'Phil Evans'         ?                        'data scaling'    
http://www.mrc-lmb.cam.ac.uk/harry/pre/aimless.html ?          ? 
3 PDB_EXTRACT 3.23     'SEP. 23, 2016' package PDB                  deposit@deposit.rcsb.org 'data extraction' 
http://sw-tools.pdb.org/apps/PDB_EXTRACT/           C++        ? 
4 XDS         .        ?               program ?                    ?                        'data reduction'  ? ?          ? 
5 REFMAC      .        ?               program ?                    ?                        phasing           ? ?          ? 
# 
_cell.entry_id           7FV8 
_cell.length_a           81.971 
_cell.length_b           27.330 
_cell.length_c           56.289 
_cell.angle_alpha        90.000 
_cell.angle_beta         100.020 
_cell.angle_gamma        90.000 
_cell.Z_PDB              4 
_cell.pdbx_unique_axis   ? 
# 
_symmetry.entry_id                         7FV8 
_symmetry.space_group_name_H-M             'C 1 2 1' 
_symmetry.pdbx_full_space_group_name_H-M   ? 
_symmetry.cell_setting                     ? 
_symmetry.Int_Tables_number                5 
# 
_exptl.crystals_number   1 
_exptl.entry_id          7FV8 
_exptl.method            'X-RAY DIFFRACTION' 
# 
_exptl_crystal.id                    1 
_exptl_crystal.pdbx_mosaicity        0.000 
_exptl_crystal.pdbx_mosaicity_esd    ? 
_exptl_crystal.density_Matthews      1.76 
_exptl_crystal.density_diffrn        ? 
_exptl_crystal.density_meas          ? 
_exptl_crystal.density_meas_temp     ? 
_exptl_crystal.density_percent_sol   30.16 
_exptl_crystal.size_max              ? 
_exptl_crystal.size_mid              ? 
_exptl_crystal.size_min              ? 
_exptl_crystal.size_rad              ? 
_exptl_crystal.description           ? 
# 
_exptl_crystal_grow.crystal_id      1 
_exptl_crystal_grow.method          'VAPOR DIFFUSION, SITTING DROP' 
_exptl_crystal_grow.pH              5.6 
_exptl_crystal_grow.temp            277 
_exptl_crystal_grow.pdbx_details    '20% PEG 8000, 0.04M potassium phosphate' 
_exptl_crystal_grow.temp_details    ? 
_exptl_crystal_grow.pdbx_pH_range   ? 
# 
_diffrn.id                     1 
_diffrn.ambient_temp           100 
_diffrn.crystal_id             1 
_diffrn.ambient_temp_details   ? 
# 
_diffrn_detector.detector               PIXEL 
_diffrn_detector.type                   'DECTRIS PILATUS 6M' 
_diffrn_detector.pdbx_collection_date   2022-09-24 
_diffrn_detector.diffrn_id              1 
_diffrn_detector.details                ? 
# 
_diffrn_radiation.diffrn_id                        1 
_diffrn_radiation.wavelength_id                    1 
_diffrn_radiation.pdbx_diffrn_protocol             'SINGLE WAVELENGTH' 
_diffrn_radiation.pdbx_monochromatic_or_laue_m_l   ? 
_diffrn_radiation.monochromator                    ? 
_diffrn_radiation.pdbx_scattering_type             x-ray 
# 
_diffrn_radiation_wavelength.id           1 
_diffrn_radiation_wavelength.wavelength   0.92124 
_diffrn_radiation_wavelength.wt           1.0 
# 
_diffrn_source.diffrn_id                   1 
_diffrn_source.source                      SYNCHROTRON 
_diffrn_source.type                        'DIAMOND BEAMLINE I04-1' 
_diffrn_source.pdbx_wavelength_list        0.92124 
_diffrn_source.pdbx_synchrotron_site       Diamond 
_diffrn_source.pdbx_synchrotron_beamline   I04-1 
_diffrn_source.pdbx_wavelength             ? 
# 
_reflns.entry_id                     7FV8 
_reflns.pdbx_diffrn_id               1 
_reflns.pdbx_ordinal                 1 
_reflns.observed_criterion_sigma_I   ? 
_reflns.observed_criterion_sigma_F   ? 
_reflns.d_resolution_low             55.440 
_reflns.d_resolution_high            1.150 
_reflns.number_obs                   29376 
_reflns.number_all                   ? 
_reflns.percent_possible_obs         66.700 
_reflns.pdbx_Rmerge_I_obs            0.059 
_reflns.pdbx_Rsym_value              ? 
_reflns.pdbx_netI_over_sigmaI        21.100 
_reflns.B_iso_Wilson_estimate        ? 
_reflns.pdbx_redundancy              5.900 
_reflns.pdbx_Rrim_I_all              0.064 
_reflns.pdbx_Rpim_I_all              0.025 
_reflns.pdbx_CC_half                 0.995 
_reflns.pdbx_netI_over_av_sigmaI     ? 
_reflns.pdbx_number_measured_all     174225 
_reflns.pdbx_scaling_rejects         0 
_reflns.pdbx_chi_squared             ? 
_reflns.Rmerge_F_all                 ? 
_reflns.Rmerge_F_obs                 ? 
_reflns.observed_criterion_F_max     ? 
_reflns.observed_criterion_F_min     ? 
_reflns.observed_criterion_I_max     ? 
_reflns.observed_criterion_I_min     ? 
_reflns.pdbx_d_res_high_opt          ? 
_reflns.pdbx_d_res_low_opt           ? 
_reflns.details                      ? 
# 
loop_
_reflns_shell.pdbx_diffrn_id 
_reflns_shell.pdbx_ordinal 
_reflns_shell.d_res_high 
_reflns_shell.d_res_low 
_reflns_shell.number_measured_obs 
_reflns_shell.number_measured_all 
_reflns_shell.number_unique_obs 
_reflns_shell.pdbx_rejects 
_reflns_shell.Rmerge_I_obs 
_reflns_shell.meanI_over_sigI_obs 
_reflns_shell.pdbx_Rsym_value 
_reflns_shell.pdbx_chi_squared 
_reflns_shell.pdbx_redundancy 
_reflns_shell.percent_possible_obs 
_reflns_shell.pdbx_netI_over_sigmaI_obs 
_reflns_shell.number_possible 
_reflns_shell.number_unique_all 
_reflns_shell.Rmerge_F_all 
_reflns_shell.Rmerge_F_obs 
_reflns_shell.Rmerge_I_all 
_reflns_shell.meanI_over_sigI_all 
_reflns_shell.percent_possible_all 
_reflns_shell.pdbx_Rrim_I_all 
_reflns_shell.pdbx_Rpim_I_all 
_reflns_shell.pdbx_CC_half 
1 1 1.150 1.170  ? 113  ? ? 0.225 ? ? ? 1.900 ? 1.200  ? 61  ? ? ? ? 2.800  0.318 0.225 0.882 
1 2 6.300 55.440 ? 1741 ? ? 0.089 ? ? ? 5.900 ? 45.100 ? 297 ? ? ? ? 99.200 0.099 0.042 0.978 
# 
_refine.entry_id                                 7FV8 
_refine.pdbx_refine_id                           'X-RAY DIFFRACTION' 
_refine.ls_d_res_high                            1.1500 
_refine.ls_d_res_low                             55.4300 
_refine.pdbx_ls_sigma_F                          0.000 
_refine.pdbx_data_cutoff_high_absF               ? 
_refine.pdbx_data_cutoff_low_absF                ? 
_refine.ls_percent_reflns_obs                    66.6000 
_refine.ls_number_reflns_obs                     27898 
_refine.ls_number_reflns_all                     ? 
_refine.pdbx_ls_cross_valid_method               THROUGHOUT 
_refine.ls_matrix_type                           ? 
_refine.pdbx_R_Free_selection_details            RANDOM 
_refine.details                                  
'HYDROGENS HAVE BEEN ADDED IN THE RIDING POSITIONS U VALUES      : REFINED INDIVIDUALLY' 
_refine.ls_R_factor_all                          ? 
_refine.ls_R_factor_obs                          0.1688 
_refine.ls_R_factor_R_work                       0.1676 
_refine.ls_wR_factor_R_work                      ? 
_refine.ls_R_factor_R_free                       0.1911 
_refine.ls_wR_factor_R_free                      ? 
_refine.ls_percent_reflns_R_free                 5.0000 
_refine.ls_number_reflns_R_free                  1478 
_refine.ls_number_reflns_R_work                  ? 
_refine.ls_R_factor_R_free_error                 ? 
_refine.B_iso_mean                               22.9270 
_refine.solvent_model_param_bsol                 ? 
_refine.solvent_model_param_ksol                 ? 
_refine.pdbx_isotropic_thermal_model             ? 
_refine.aniso_B[1][1]                            -0.3900 
_refine.aniso_B[2][2]                            1.3200 
_refine.aniso_B[3][3]                            -0.9100 
_refine.aniso_B[1][2]                            -0.0000 
_refine.aniso_B[1][3]                            0.1000 
_refine.aniso_B[2][3]                            0.0000 
_refine.correlation_coeff_Fo_to_Fc               0.9680 
_refine.correlation_coeff_Fo_to_Fc_free          0.9620 
_refine.overall_SU_R_Cruickshank_DPI             ? 
_refine.pdbx_overall_SU_R_free_Cruickshank_DPI   ? 
_refine.pdbx_overall_SU_R_Blow_DPI               ? 
_refine.pdbx_overall_SU_R_free_Blow_DPI          ? 
_refine.overall_SU_R_free                        ? 
_refine.pdbx_overall_ESU_R                       0.0710 
_refine.pdbx_overall_ESU_R_Free                  0.0680 
_refine.overall_SU_ML                            0.0420 
_refine.overall_SU_B                             0.9360 
_refine.solvent_model_details                    MASK 
_refine.pdbx_solvent_vdw_probe_radii             1.2000 
_refine.pdbx_solvent_ion_probe_radii             0.8000 
_refine.pdbx_solvent_shrinkage_radii             0.8000 
_refine.ls_number_parameters                     ? 
_refine.ls_number_restraints                     ? 
_refine.pdbx_starting_model                      7av9 
_refine.pdbx_method_to_determine_struct          'FOURIER SYNTHESIS' 
_refine.pdbx_stereochemistry_target_values       'MAXIMUM LIKELIHOOD' 
_refine.pdbx_stereochem_target_val_spec_case     ? 
_refine.overall_FOM_work_R_set                   ? 
_refine.B_iso_max                                268.160 
_refine.B_iso_min                                9.910 
_refine.pdbx_overall_phase_error                 ? 
_refine.occupancy_max                            ? 
_refine.occupancy_min                            ? 
_refine.pdbx_diffrn_id                           1 
_refine.pdbx_TLS_residual_ADP_flag               ? 
_refine.pdbx_ls_sigma_I                          ? 
_refine.pdbx_data_cutoff_high_rms_absF           ? 
_refine.ls_R_factor_R_free_error_details         ? 
# 
_refine_hist.cycle_id                         final 
_refine_hist.pdbx_refine_id                   'X-RAY DIFFRACTION' 
_refine_hist.d_res_high                       1.1500 
_refine_hist.d_res_low                        55.4300 
_refine_hist.pdbx_number_atoms_ligand         32 
_refine_hist.number_atoms_solvent             219 
_refine_hist.number_atoms_total               1254 
_refine_hist.pdbx_number_residues_total       121 
_refine_hist.pdbx_B_iso_mean_ligand           87.48 
_refine_hist.pdbx_B_iso_mean_solvent          30.72 
_refine_hist.pdbx_number_atoms_protein        1003 
_refine_hist.pdbx_number_atoms_nucleic_acid   0 
# 
loop_
_refine_ls_restr.pdbx_refine_id 
_refine_ls_restr.type 
_refine_ls_restr.number 
_refine_ls_restr.dev_ideal 
_refine_ls_restr.dev_ideal_target 
_refine_ls_restr.weight 
_refine_ls_restr.pdbx_restraint_function 
'X-RAY DIFFRACTION' r_bond_refined_d       2226 0.012  0.014  ? ? 
'X-RAY DIFFRACTION' r_bond_other_d         1544 0.001  0.015  ? ? 
'X-RAY DIFFRACTION' r_angle_refined_deg    2410 1.651  1.662  ? ? 
'X-RAY DIFFRACTION' r_angle_other_deg      3630 1.491  1.579  ? ? 
'X-RAY DIFFRACTION' r_dihedral_angle_1_deg 228  5.951  5.000  ? ? 
'X-RAY DIFFRACTION' r_dihedral_angle_2_deg 97   30.112 22.268 ? ? 
'X-RAY DIFFRACTION' r_dihedral_angle_3_deg 281  12.356 15.000 ? ? 
'X-RAY DIFFRACTION' r_dihedral_angle_4_deg 9    13.122 15.000 ? ? 
'X-RAY DIFFRACTION' r_chiral_restr         218  0.095  0.200  ? ? 
'X-RAY DIFFRACTION' r_gen_planes_refined   2136 0.009  0.020  ? ? 
'X-RAY DIFFRACTION' r_gen_planes_other     398  0.002  0.020  ? ? 
'X-RAY DIFFRACTION' r_mcbond_it            1068 2.065  2.121  ? ? 
'X-RAY DIFFRACTION' r_mcbond_other         1000 2.129  1.965  ? ? 
'X-RAY DIFFRACTION' r_mcangle_it           1076 4.226  2.760  ? ? 
# 
_refine_ls_shell.d_res_high                       1.1500 
_refine_ls_shell.d_res_low                        1.1800 
_refine_ls_shell.pdbx_total_number_of_bins_used   20 
_refine_ls_shell.percent_reflns_obs               4.1300 
_refine_ls_shell.number_reflns_R_work             127 
_refine_ls_shell.R_factor_all                     ? 
_refine_ls_shell.R_factor_R_work                  0.2680 
_refine_ls_shell.R_factor_R_free                  0.3460 
_refine_ls_shell.percent_reflns_R_free            ? 
_refine_ls_shell.number_reflns_R_free             8 
_refine_ls_shell.R_factor_R_free_error            ? 
_refine_ls_shell.number_reflns_all                135 
_refine_ls_shell.number_reflns_obs                ? 
_refine_ls_shell.pdbx_refine_id                   'X-RAY DIFFRACTION' 
# 
_struct.entry_id                  7FV8 
_struct.title                     'PanDDA analysis group deposition -- PHIP in complex with Z964297186' 
_struct.pdbx_model_details        ? 
_struct.pdbx_CASP_flag            ? 
_struct.pdbx_model_type_details   ? 
# 
_struct_keywords.entry_id        7FV8 
_struct_keywords.text            
'False negatives, ligand features, rescreening, catalogue, fragment follow-ups, automated chemistry, SIGNALING PROTEIN' 
_struct_keywords.pdbx_keywords   'SIGNALING PROTEIN' 
# 
loop_
_struct_asym.id 
_struct_asym.pdbx_blank_PDB_chainid_flag 
_struct_asym.pdbx_modified 
_struct_asym.entity_id 
_struct_asym.details 
A N N 1 ? 
B N N 2 ? 
C N N 3 ? 
# 
_struct_ref.id                         1 
_struct_ref.db_name                    UNP 
_struct_ref.db_code                    PHIP_HUMAN 
_struct_ref.pdbx_db_accession          Q8WWQ0 
_struct_ref.pdbx_db_isoform            ? 
_struct_ref.entity_id                  1 
_struct_ref.pdbx_seq_one_letter_code   
;SYDIQAWKKQCEELLNLIFQCEDSEPFRQPVDLLEYPDYRDIIDTPMDFATVRETLEAGNYESPMELCKDVRLIFSNSKA
YTPSKRSRIYSMSLRLSAFFEEHISSVLSDYKSALRFHKRNTITKR
;
_struct_ref.pdbx_align_begin           1315 
# 
_struct_ref_seq.align_id                      1 
_struct_ref_seq.ref_id                        1 
_struct_ref_seq.pdbx_PDB_id_code              7FV8 
_struct_ref_seq.pdbx_strand_id                A 
_struct_ref_seq.seq_align_beg                 24 
_struct_ref_seq.pdbx_seq_align_beg_ins_code   ? 
_struct_ref_seq.seq_align_end                 149 
_struct_ref_seq.pdbx_seq_align_end_ins_code   ? 
_struct_ref_seq.pdbx_db_accession             Q8WWQ0 
_struct_ref_seq.db_align_beg                  1315 
_struct_ref_seq.pdbx_db_align_beg_ins_code    ? 
_struct_ref_seq.db_align_end                  1440 
_struct_ref_seq.pdbx_db_align_end_ins_code    ? 
_struct_ref_seq.pdbx_auth_seq_align_beg       1315 
_struct_ref_seq.pdbx_auth_seq_align_end       1440 
# 
loop_
_struct_ref_seq_dif.align_id 
_struct_ref_seq_dif.pdbx_pdb_id_code 
_struct_ref_seq_dif.mon_id 
_struct_ref_seq_dif.pdbx_pdb_strand_id 
_struct_ref_seq_dif.seq_num 
_struct_ref_seq_dif.pdbx_pdb_ins_code 
_struct_ref_seq_dif.pdbx_seq_db_name 
_struct_ref_seq_dif.pdbx_seq_db_accession_code 
_struct_ref_seq_dif.db_mon_id 
_struct_ref_seq_dif.pdbx_seq_db_seq_num 
_struct_ref_seq_dif.details 
_struct_ref_seq_dif.pdbx_auth_seq_num 
_struct_ref_seq_dif.pdbx_ordinal 
1 7FV8 MET A 1  ? UNP Q8WWQ0 ? ? 'initiating methionine' 1292 1  
1 7FV8 HIS A 2  ? UNP Q8WWQ0 ? ? 'expression tag'        1293 2  
1 7FV8 HIS A 3  ? UNP Q8WWQ0 ? ? 'expression tag'        1294 3  
1 7FV8 HIS A 4  ? UNP Q8WWQ0 ? ? 'expression tag'        1295 4  
1 7FV8 HIS A 5  ? UNP Q8WWQ0 ? ? 'expression tag'        1296 5  
1 7FV8 HIS A 6  ? UNP Q8WWQ0 ? ? 'expression tag'        1297 6  
1 7FV8 HIS A 7  ? UNP Q8WWQ0 ? ? 'expression tag'        1298 7  
1 7FV8 SER A 8  ? UNP Q8WWQ0 ? ? 'expression tag'        1299 8  
1 7FV8 SER A 9  ? UNP Q8WWQ0 ? ? 'expression tag'        1300 9  
1 7FV8 GLY A 10 ? UNP Q8WWQ0 ? ? 'expression tag'        1301 10 
1 7FV8 VAL A 11 ? UNP Q8WWQ0 ? ? 'expression tag'        1302 11 
1 7FV8 ASP A 12 ? UNP Q8WWQ0 ? ? 'expression tag'        1303 12 
1 7FV8 LEU A 13 ? UNP Q8WWQ0 ? ? 'expression tag'        1304 13 
1 7FV8 GLY A 14 ? UNP Q8WWQ0 ? ? 'expression tag'        1305 14 
1 7FV8 THR A 15 ? UNP Q8WWQ0 ? ? 'expression tag'        1306 15 
1 7FV8 GLU A 16 ? UNP Q8WWQ0 ? ? 'expression tag'        1307 16 
1 7FV8 ASN A 17 ? UNP Q8WWQ0 ? ? 'expression tag'        1308 17 
1 7FV8 LEU A 18 ? UNP Q8WWQ0 ? ? 'expression tag'        1309 18 
1 7FV8 TYR A 19 ? UNP Q8WWQ0 ? ? 'expression tag'        1310 19 
1 7FV8 PHE A 20 ? UNP Q8WWQ0 ? ? 'expression tag'        1311 20 
1 7FV8 GLN A 21 ? UNP Q8WWQ0 ? ? 'expression tag'        1312 21 
1 7FV8 SER A 22 ? UNP Q8WWQ0 ? ? 'expression tag'        1313 22 
1 7FV8 MET A 23 ? UNP Q8WWQ0 ? ? 'expression tag'        1314 23 
# 
_pdbx_struct_assembly.id                   1 
_pdbx_struct_assembly.details              author_and_software_defined_assembly 
_pdbx_struct_assembly.method_details       PISA 
_pdbx_struct_assembly.oligomeric_details   monomeric 
_pdbx_struct_assembly.oligomeric_count     1 
# 
_pdbx_struct_assembly_gen.assembly_id       1 
_pdbx_struct_assembly_gen.oper_expression   1 
_pdbx_struct_assembly_gen.asym_id_list      A,B,C 
# 
_pdbx_struct_oper_list.id                   1 
_pdbx_struct_oper_list.type                 'identity operation' 
_pdbx_struct_oper_list.name                 1_555 
_pdbx_struct_oper_list.symmetry_operation   x,y,z 
_pdbx_struct_oper_list.matrix[1][1]         1.0000000000 
_pdbx_struct_oper_list.matrix[1][2]         0.0000000000 
_pdbx_struct_oper_list.matrix[1][3]         0.0000000000 
_pdbx_struct_oper_list.vector[1]            0.0000000000 
_pdbx_struct_oper_list.matrix[2][1]         0.0000000000 
_pdbx_struct_oper_list.matrix[2][2]         1.0000000000 
_pdbx_struct_oper_list.matrix[2][3]         0.0000000000 
_pdbx_struct_oper_list.vector[2]            0.0000000000 
_pdbx_struct_oper_list.matrix[3][1]         0.0000000000 
_pdbx_struct_oper_list.matrix[3][2]         0.0000000000 
_pdbx_struct_oper_list.matrix[3][3]         1.0000000000 
_pdbx_struct_oper_list.vector[3]            0.0000000000 
# 
loop_
_struct_conf.conf_type_id 
_struct_conf.id 
_struct_conf.pdbx_PDB_helix_id 
_struct_conf.beg_label_comp_id 
_struct_conf.beg_label_asym_id 
_struct_conf.beg_label_seq_id 
_struct_conf.pdbx_beg_PDB_ins_code 
_struct_conf.end_label_comp_id 
_struct_conf.end_label_asym_id 
_struct_conf.end_label_seq_id 
_struct_conf.pdbx_end_PDB_ins_code 
_struct_conf.beg_auth_comp_id 
_struct_conf.beg_auth_asym_id 
_struct_conf.beg_auth_seq_id 
_struct_conf.end_auth_comp_id 
_struct_conf.end_auth_asym_id 
_struct_conf.end_auth_seq_id 
_struct_conf.pdbx_PDB_helix_class 
_struct_conf.details 
_struct_conf.pdbx_PDB_helix_length 
HELX_P HELX_P1 AA1 ALA A 29  ? CYS A 44  ? ALA A 1320 CYS A 1335 1 ? 16 
HELX_P HELX_P2 AA2 GLU A 45  ? ARG A 51  ? GLU A 1336 ARG A 1342 5 ? 7  
HELX_P HELX_P3 AA3 ASP A 61  ? ILE A 66  ? ASP A 1352 ILE A 1357 1 ? 6  
HELX_P HELX_P4 AA4 ASP A 71  ? ALA A 81  ? ASP A 1362 ALA A 1372 1 ? 11 
HELX_P HELX_P5 AA5 SER A 86  ? THR A 105 ? SER A 1377 THR A 1396 1 ? 20 
HELX_P HELX_P6 AA6 SER A 110 ? LYS A 142 ? SER A 1401 LYS A 1433 1 ? 33 
# 
_struct_conf_type.id          HELX_P 
_struct_conf_type.criteria    ? 
_struct_conf_type.reference   ? 
# 
loop_
_pdbx_validate_close_contact.id 
_pdbx_validate_close_contact.PDB_model_num 
_pdbx_validate_close_contact.auth_atom_id_1 
_pdbx_validate_close_contact.auth_asym_id_1 
_pdbx_validate_close_contact.auth_comp_id_1 
_pdbx_validate_close_contact.auth_seq_id_1 
_pdbx_validate_close_contact.PDB_ins_code_1 
_pdbx_validate_close_contact.label_alt_id_1 
_pdbx_validate_close_contact.auth_atom_id_2 
_pdbx_validate_close_contact.auth_asym_id_2 
_pdbx_validate_close_contact.auth_comp_id_2 
_pdbx_validate_close_contact.auth_seq_id_2 
_pdbx_validate_close_contact.PDB_ins_code_2 
_pdbx_validate_close_contact.label_alt_id_2 
_pdbx_validate_close_contact.dist 
1 1 O   A HOH 2031 ? ? O A HOH 2157 ? ? 2.07 
2 1 OD2 A ASP 1352 ? ? O A HOH 2001 ? ? 2.13 
3 1 SG  A CYS 1335 ? B O A HOH 2122 ? ? 2.18 
# 
loop_
_pdbx_validate_symm_contact.id 
_pdbx_validate_symm_contact.PDB_model_num 
_pdbx_validate_symm_contact.auth_atom_id_1 
_pdbx_validate_symm_contact.auth_asym_id_1 
_pdbx_validate_symm_contact.auth_comp_id_1 
_pdbx_validate_symm_contact.auth_seq_id_1 
_pdbx_validate_symm_contact.PDB_ins_code_1 
_pdbx_validate_symm_contact.label_alt_id_1 
_pdbx_validate_symm_contact.site_symmetry_1 
_pdbx_validate_symm_contact.auth_atom_id_2 
_pdbx_validate_symm_contact.auth_asym_id_2 
_pdbx_validate_symm_contact.auth_comp_id_2 
_pdbx_validate_symm_contact.auth_seq_id_2 
_pdbx_validate_symm_contact.PDB_ins_code_2 
_pdbx_validate_symm_contact.label_alt_id_2 
_pdbx_validate_symm_contact.site_symmetry_2 
_pdbx_validate_symm_contact.dist 
1 1 O A HOH 2204 ? ? 1_555 O A HOH 2208 ? ? 1_545 1.23 
2 1 O A HOH 2085 ? ? 1_555 O A HOH 2158 ? ? 4_446 2.01 
3 1 O A HOH 2173 ? ? 1_555 O A HOH 2193 ? ? 4_445 2.17 
# 
loop_
_pdbx_struct_special_symmetry.id 
_pdbx_struct_special_symmetry.PDB_model_num 
_pdbx_struct_special_symmetry.auth_asym_id 
_pdbx_struct_special_symmetry.auth_comp_id 
_pdbx_struct_special_symmetry.auth_seq_id 
_pdbx_struct_special_symmetry.PDB_ins_code 
_pdbx_struct_special_symmetry.label_asym_id 
_pdbx_struct_special_symmetry.label_comp_id 
_pdbx_struct_special_symmetry.label_seq_id 
1 1 A HOH 2125 ? C HOH . 
2 1 A HOH 2214 ? C HOH . 
# 
_phasing.method   MR 
# 
_pdbx_entry_details.entry_id                 7FV8 
_pdbx_entry_details.compound_details         ? 
_pdbx_entry_details.source_details           ? 
_pdbx_entry_details.nonpolymer_details       ? 
_pdbx_entry_details.sequence_details         ? 
_pdbx_entry_details.has_ligand_of_interest   Y 
# 
loop_
_pdbx_unobs_or_zero_occ_residues.id 
_pdbx_unobs_or_zero_occ_residues.PDB_model_num 
_pdbx_unobs_or_zero_occ_residues.polymer_flag 
_pdbx_unobs_or_zero_occ_residues.occupancy_flag 
_pdbx_unobs_or_zero_occ_residues.auth_asym_id 
_pdbx_unobs_or_zero_occ_residues.auth_comp_id 
_pdbx_unobs_or_zero_occ_residues.auth_seq_id 
_pdbx_unobs_or_zero_occ_residues.PDB_ins_code 
_pdbx_unobs_or_zero_occ_residues.label_asym_id 
_pdbx_unobs_or_zero_occ_residues.label_comp_id 
_pdbx_unobs_or_zero_occ_residues.label_seq_id 
1  1 Y 1 A MET 1292 ? A MET 1   
2  1 Y 1 A HIS 1293 ? A HIS 2   
3  1 Y 1 A HIS 1294 ? A HIS 3   
4  1 Y 1 A HIS 1295 ? A HIS 4   
5  1 Y 1 A HIS 1296 ? A HIS 5   
6  1 Y 1 A HIS 1297 ? A HIS 6   
7  1 Y 1 A HIS 1298 ? A HIS 7   
8  1 Y 1 A SER 1299 ? A SER 8   
9  1 Y 1 A SER 1300 ? A SER 9   
10 1 Y 1 A GLY 1301 ? A GLY 10  
11 1 Y 1 A VAL 1302 ? A VAL 11  
12 1 Y 1 A ASP 1303 ? A ASP 12  
13 1 Y 1 A LEU 1304 ? A LEU 13  
14 1 Y 1 A GLY 1305 ? A GLY 14  
15 1 Y 1 A THR 1306 ? A THR 15  
16 1 Y 1 A GLU 1307 ? A GLU 16  
17 1 Y 1 A ASN 1308 ? A ASN 17  
18 1 Y 1 A LEU 1309 ? A LEU 18  
19 1 Y 1 A TYR 1310 ? A TYR 19  
20 1 Y 1 A PHE 1311 ? A PHE 20  
21 1 Y 1 A GLN 1312 ? A GLN 21  
22 1 Y 1 A SER 1313 ? A SER 22  
23 1 Y 1 A MET 1314 ? A MET 23  
24 1 Y 1 A THR 1436 ? A THR 145 
25 1 Y 1 A ILE 1437 ? A ILE 146 
26 1 Y 1 A THR 1438 ? A THR 147 
27 1 Y 1 A LYS 1439 ? A LYS 148 
28 1 Y 1 A ARG 1440 ? A ARG 149 
# 
loop_
_chem_comp_atom.comp_id 
_chem_comp_atom.atom_id 
_chem_comp_atom.type_symbol 
_chem_comp_atom.pdbx_aromatic_flag 
_chem_comp_atom.pdbx_stereo_config 
_chem_comp_atom.pdbx_ordinal 
ALA N    N  N N 1   
ALA CA   C  N S 2   
ALA C    C  N N 3   
ALA O    O  N N 4   
ALA CB   C  N N 5   
ALA OXT  O  N N 6   
ALA H    H  N N 7   
ALA H2   H  N N 8   
ALA HA   H  N N 9   
ALA HB1  H  N N 10  
ALA HB2  H  N N 11  
ALA HB3  H  N N 12  
ALA HXT  H  N N 13  
ARG N    N  N N 14  
ARG CA   C  N S 15  
ARG C    C  N N 16  
ARG O    O  N N 17  
ARG CB   C  N N 18  
ARG CG   C  N N 19  
ARG CD   C  N N 20  
ARG NE   N  N N 21  
ARG CZ   C  N N 22  
ARG NH1  N  N N 23  
ARG NH2  N  N N 24  
ARG OXT  O  N N 25  
ARG H    H  N N 26  
ARG H2   H  N N 27  
ARG HA   H  N N 28  
ARG HB2  H  N N 29  
ARG HB3  H  N N 30  
ARG HG2  H  N N 31  
ARG HG3  H  N N 32  
ARG HD2  H  N N 33  
ARG HD3  H  N N 34  
ARG HE   H  N N 35  
ARG HH11 H  N N 36  
ARG HH12 H  N N 37  
ARG HH21 H  N N 38  
ARG HH22 H  N N 39  
ARG HXT  H  N N 40  
ASN N    N  N N 41  
ASN CA   C  N S 42  
ASN C    C  N N 43  
ASN O    O  N N 44  
ASN CB   C  N N 45  
ASN CG   C  N N 46  
ASN OD1  O  N N 47  
ASN ND2  N  N N 48  
ASN OXT  O  N N 49  
ASN H    H  N N 50  
ASN H2   H  N N 51  
ASN HA   H  N N 52  
ASN HB2  H  N N 53  
ASN HB3  H  N N 54  
ASN HD21 H  N N 55  
ASN HD22 H  N N 56  
ASN HXT  H  N N 57  
ASP N    N  N N 58  
ASP CA   C  N S 59  
ASP C    C  N N 60  
ASP O    O  N N 61  
ASP CB   C  N N 62  
ASP CG   C  N N 63  
ASP OD1  O  N N 64  
ASP OD2  O  N N 65  
ASP OXT  O  N N 66  
ASP H    H  N N 67  
ASP H2   H  N N 68  
ASP HA   H  N N 69  
ASP HB2  H  N N 70  
ASP HB3  H  N N 71  
ASP HD2  H  N N 72  
ASP HXT  H  N N 73  
CYS N    N  N N 74  
CYS CA   C  N R 75  
CYS C    C  N N 76  
CYS O    O  N N 77  
CYS CB   C  N N 78  
CYS SG   S  N N 79  
CYS OXT  O  N N 80  
CYS H    H  N N 81  
CYS H2   H  N N 82  
CYS HA   H  N N 83  
CYS HB2  H  N N 84  
CYS HB3  H  N N 85  
CYS HG   H  N N 86  
CYS HXT  H  N N 87  
GLN N    N  N N 88  
GLN CA   C  N S 89  
GLN C    C  N N 90  
GLN O    O  N N 91  
GLN CB   C  N N 92  
GLN CG   C  N N 93  
GLN CD   C  N N 94  
GLN OE1  O  N N 95  
GLN NE2  N  N N 96  
GLN OXT  O  N N 97  
GLN H    H  N N 98  
GLN H2   H  N N 99  
GLN HA   H  N N 100 
GLN HB2  H  N N 101 
GLN HB3  H  N N 102 
GLN HG2  H  N N 103 
GLN HG3  H  N N 104 
GLN HE21 H  N N 105 
GLN HE22 H  N N 106 
GLN HXT  H  N N 107 
GLU N    N  N N 108 
GLU CA   C  N S 109 
GLU C    C  N N 110 
GLU O    O  N N 111 
GLU CB   C  N N 112 
GLU CG   C  N N 113 
GLU CD   C  N N 114 
GLU OE1  O  N N 115 
GLU OE2  O  N N 116 
GLU OXT  O  N N 117 
GLU H    H  N N 118 
GLU H2   H  N N 119 
GLU HA   H  N N 120 
GLU HB2  H  N N 121 
GLU HB3  H  N N 122 
GLU HG2  H  N N 123 
GLU HG3  H  N N 124 
GLU HE2  H  N N 125 
GLU HXT  H  N N 126 
GLY N    N  N N 127 
GLY CA   C  N N 128 
GLY C    C  N N 129 
GLY O    O  N N 130 
GLY OXT  O  N N 131 
GLY H    H  N N 132 
GLY H2   H  N N 133 
GLY HA2  H  N N 134 
GLY HA3  H  N N 135 
GLY HXT  H  N N 136 
HIS N    N  N N 137 
HIS CA   C  N S 138 
HIS C    C  N N 139 
HIS O    O  N N 140 
HIS CB   C  N N 141 
HIS CG   C  Y N 142 
HIS ND1  N  Y N 143 
HIS CD2  C  Y N 144 
HIS CE1  C  Y N 145 
HIS NE2  N  Y N 146 
HIS OXT  O  N N 147 
HIS H    H  N N 148 
HIS H2   H  N N 149 
HIS HA   H  N N 150 
HIS HB2  H  N N 151 
HIS HB3  H  N N 152 
HIS HD1  H  N N 153 
HIS HD2  H  N N 154 
HIS HE1  H  N N 155 
HIS HE2  H  N N 156 
HIS HXT  H  N N 157 
HOH O    O  N N 158 
HOH H1   H  N N 159 
HOH H2   H  N N 160 
ILE N    N  N N 161 
ILE CA   C  N S 162 
ILE C    C  N N 163 
ILE O    O  N N 164 
ILE CB   C  N S 165 
ILE CG1  C  N N 166 
ILE CG2  C  N N 167 
ILE CD1  C  N N 168 
ILE OXT  O  N N 169 
ILE H    H  N N 170 
ILE H2   H  N N 171 
ILE HA   H  N N 172 
ILE HB   H  N N 173 
ILE HG12 H  N N 174 
ILE HG13 H  N N 175 
ILE HG21 H  N N 176 
ILE HG22 H  N N 177 
ILE HG23 H  N N 178 
ILE HD11 H  N N 179 
ILE HD12 H  N N 180 
ILE HD13 H  N N 181 
ILE HXT  H  N N 182 
LEU N    N  N N 183 
LEU CA   C  N S 184 
LEU C    C  N N 185 
LEU O    O  N N 186 
LEU CB   C  N N 187 
LEU CG   C  N N 188 
LEU CD1  C  N N 189 
LEU CD2  C  N N 190 
LEU OXT  O  N N 191 
LEU H    H  N N 192 
LEU H2   H  N N 193 
LEU HA   H  N N 194 
LEU HB2  H  N N 195 
LEU HB3  H  N N 196 
LEU HG   H  N N 197 
LEU HD11 H  N N 198 
LEU HD12 H  N N 199 
LEU HD13 H  N N 200 
LEU HD21 H  N N 201 
LEU HD22 H  N N 202 
LEU HD23 H  N N 203 
LEU HXT  H  N N 204 
LYS N    N  N N 205 
LYS CA   C  N S 206 
LYS C    C  N N 207 
LYS O    O  N N 208 
LYS CB   C  N N 209 
LYS CG   C  N N 210 
LYS CD   C  N N 211 
LYS CE   C  N N 212 
LYS NZ   N  N N 213 
LYS OXT  O  N N 214 
LYS H    H  N N 215 
LYS H2   H  N N 216 
LYS HA   H  N N 217 
LYS HB2  H  N N 218 
LYS HB3  H  N N 219 
LYS HG2  H  N N 220 
LYS HG3  H  N N 221 
LYS HD2  H  N N 222 
LYS HD3  H  N N 223 
LYS HE2  H  N N 224 
LYS HE3  H  N N 225 
LYS HZ1  H  N N 226 
LYS HZ2  H  N N 227 
LYS HZ3  H  N N 228 
LYS HXT  H  N N 229 
MET N    N  N N 230 
MET CA   C  N S 231 
MET C    C  N N 232 
MET O    O  N N 233 
MET CB   C  N N 234 
MET CG   C  N N 235 
MET SD   S  N N 236 
MET CE   C  N N 237 
MET OXT  O  N N 238 
MET H    H  N N 239 
MET H2   H  N N 240 
MET HA   H  N N 241 
MET HB2  H  N N 242 
MET HB3  H  N N 243 
MET HG2  H  N N 244 
MET HG3  H  N N 245 
MET HE1  H  N N 246 
MET HE2  H  N N 247 
MET HE3  H  N N 248 
MET HXT  H  N N 249 
PHE N    N  N N 250 
PHE CA   C  N S 251 
PHE C    C  N N 252 
PHE O    O  N N 253 
PHE CB   C  N N 254 
PHE CG   C  Y N 255 
PHE CD1  C  Y N 256 
PHE CD2  C  Y N 257 
PHE CE1  C  Y N 258 
PHE CE2  C  Y N 259 
PHE CZ   C  Y N 260 
PHE OXT  O  N N 261 
PHE H    H  N N 262 
PHE H2   H  N N 263 
PHE HA   H  N N 264 
PHE HB2  H  N N 265 
PHE HB3  H  N N 266 
PHE HD1  H  N N 267 
PHE HD2  H  N N 268 
PHE HE1  H  N N 269 
PHE HE2  H  N N 270 
PHE HZ   H  N N 271 
PHE HXT  H  N N 272 
PRO N    N  N N 273 
PRO CA   C  N S 274 
PRO C    C  N N 275 
PRO O    O  N N 276 
PRO CB   C  N N 277 
PRO CG   C  N N 278 
PRO CD   C  N N 279 
PRO OXT  O  N N 280 
PRO H    H  N N 281 
PRO HA   H  N N 282 
PRO HB2  H  N N 283 
PRO HB3  H  N N 284 
PRO HG2  H  N N 285 
PRO HG3  H  N N 286 
PRO HD2  H  N N 287 
PRO HD3  H  N N 288 
PRO HXT  H  N N 289 
SER N    N  N N 290 
SER CA   C  N S 291 
SER C    C  N N 292 
SER O    O  N N 293 
SER CB   C  N N 294 
SER OG   O  N N 295 
SER OXT  O  N N 296 
SER H    H  N N 297 
SER H2   H  N N 298 
SER HA   H  N N 299 
SER HB2  H  N N 300 
SER HB3  H  N N 301 
SER HG   H  N N 302 
SER HXT  H  N N 303 
THR N    N  N N 304 
THR CA   C  N S 305 
THR C    C  N N 306 
THR O    O  N N 307 
THR CB   C  N R 308 
THR OG1  O  N N 309 
THR CG2  C  N N 310 
THR OXT  O  N N 311 
THR H    H  N N 312 
THR H2   H  N N 313 
THR HA   H  N N 314 
THR HB   H  N N 315 
THR HG1  H  N N 316 
THR HG21 H  N N 317 
THR HG22 H  N N 318 
THR HG23 H  N N 319 
THR HXT  H  N N 320 
TRP N    N  N N 321 
TRP CA   C  N S 322 
TRP C    C  N N 323 
TRP O    O  N N 324 
TRP CB   C  N N 325 
TRP CG   C  Y N 326 
TRP CD1  C  Y N 327 
TRP CD2  C  Y N 328 
TRP NE1  N  Y N 329 
TRP CE2  C  Y N 330 
TRP CE3  C  Y N 331 
TRP CZ2  C  Y N 332 
TRP CZ3  C  Y N 333 
TRP CH2  C  Y N 334 
TRP OXT  O  N N 335 
TRP H    H  N N 336 
TRP H2   H  N N 337 
TRP HA   H  N N 338 
TRP HB2  H  N N 339 
TRP HB3  H  N N 340 
TRP HD1  H  N N 341 
TRP HE1  H  N N 342 
TRP HE3  H  N N 343 
TRP HZ2  H  N N 344 
TRP HZ3  H  N N 345 
TRP HH2  H  N N 346 
TRP HXT  H  N N 347 
TYR N    N  N N 348 
TYR CA   C  N S 349 
TYR C    C  N N 350 
TYR O    O  N N 351 
TYR CB   C  N N 352 
TYR CG   C  Y N 353 
TYR CD1  C  Y N 354 
TYR CD2  C  Y N 355 
TYR CE1  C  Y N 356 
TYR CE2  C  Y N 357 
TYR CZ   C  Y N 358 
TYR OH   O  N N 359 
TYR OXT  O  N N 360 
TYR H    H  N N 361 
TYR H2   H  N N 362 
TYR HA   H  N N 363 
TYR HB2  H  N N 364 
TYR HB3  H  N N 365 
TYR HD1  H  N N 366 
TYR HD2  H  N N 367 
TYR HE1  H  N N 368 
TYR HE2  H  N N 369 
TYR HH   H  N N 370 
TYR HXT  H  N N 371 
VAL N    N  N N 372 
VAL CA   C  N S 373 
VAL C    C  N N 374 
VAL O    O  N N 375 
VAL CB   C  N N 376 
VAL CG1  C  N N 377 
VAL CG2  C  N N 378 
VAL OXT  O  N N 379 
VAL H    H  N N 380 
VAL H2   H  N N 381 
VAL HA   H  N N 382 
VAL HB   H  N N 383 
VAL HG11 H  N N 384 
VAL HG12 H  N N 385 
VAL HG13 H  N N 386 
VAL HG21 H  N N 387 
VAL HG22 H  N N 388 
VAL HG23 H  N N 389 
VAL HXT  H  N N 390 
ZL8 N1   N  N N 391 
ZL8 N3   N  N N 392 
ZL8 C4   C  Y N 393 
ZL8 C5   C  Y N 394 
ZL8 C6   C  Y N 395 
ZL8 C7   C  N N 396 
ZL8 C8   C  N N 397 
ZL8 C10  C  N N 398 
ZL8 C13  C  N N 399 
ZL8 C15  C  N N 400 
ZL8 C17  C  N N 401 
ZL8 C20  C  Y N 402 
ZL8 C21  C  Y N 403 
ZL8 C22  C  Y N 404 
ZL8 C1   C  Y N 405 
ZL8 C11  C  N N 406 
ZL8 C12  C  N N 407 
ZL8 C14  C  N N 408 
ZL8 C16  C  N N 409 
ZL8 C18  C  N N 410 
ZL8 C19  C  Y N 411 
ZL8 C2   C  Y N 412 
ZL8 C23  C  N N 413 
ZL8 C3   C  Y N 414 
ZL8 C9   C  N N 415 
ZL8 N2   N  N N 416 
ZL8 N4   N  N N 417 
ZL8 O1   O  N N 418 
ZL8 O2   O  N N 419 
ZL8 O3   O  N N 420 
ZL8 S1   S  Y N 421 
ZL8 CL1  CL N N 422 
ZL8 H15  H  N N 423 
ZL8 H3   H  N N 424 
ZL8 H4   H  N N 425 
ZL8 H6   H  N N 426 
ZL8 H5   H  N N 427 
ZL8 H9   H  N N 428 
ZL8 H10  H  N N 429 
ZL8 H19  H  N N 430 
ZL8 H18  H  N N 431 
ZL8 H20  H  N N 432 
ZL8 H21  H  N N 433 
ZL8 H24  H  N N 434 
ZL8 H25  H  N N 435 
ZL8 H11  H  N N 436 
ZL8 H12  H  N N 437 
ZL8 H14  H  N N 438 
ZL8 H13  H  N N 439 
ZL8 H17  H  N N 440 
ZL8 H16  H  N N 441 
ZL8 H22  H  N N 442 
ZL8 H23  H  N N 443 
ZL8 H1   H  N N 444 
ZL8 H26  H  N N 445 
ZL8 H27  H  N N 446 
ZL8 H2   H  N N 447 
ZL8 H8   H  N N 448 
ZL8 H7   H  N N 449 
# 
loop_
_chem_comp_bond.comp_id 
_chem_comp_bond.atom_id_1 
_chem_comp_bond.atom_id_2 
_chem_comp_bond.value_order 
_chem_comp_bond.pdbx_aromatic_flag 
_chem_comp_bond.pdbx_stereo_config 
_chem_comp_bond.pdbx_ordinal 
ALA N   CA   sing N N 1   
ALA N   H    sing N N 2   
ALA N   H2   sing N N 3   
ALA CA  C    sing N N 4   
ALA CA  CB   sing N N 5   
ALA CA  HA   sing N N 6   
ALA C   O    doub N N 7   
ALA C   OXT  sing N N 8   
ALA CB  HB1  sing N N 9   
ALA CB  HB2  sing N N 10  
ALA CB  HB3  sing N N 11  
ALA OXT HXT  sing N N 12  
ARG N   CA   sing N N 13  
ARG N   H    sing N N 14  
ARG N   H2   sing N N 15  
ARG CA  C    sing N N 16  
ARG CA  CB   sing N N 17  
ARG CA  HA   sing N N 18  
ARG C   O    doub N N 19  
ARG C   OXT  sing N N 20  
ARG CB  CG   sing N N 21  
ARG CB  HB2  sing N N 22  
ARG CB  HB3  sing N N 23  
ARG CG  CD   sing N N 24  
ARG CG  HG2  sing N N 25  
ARG CG  HG3  sing N N 26  
ARG CD  NE   sing N N 27  
ARG CD  HD2  sing N N 28  
ARG CD  HD3  sing N N 29  
ARG NE  CZ   sing N N 30  
ARG NE  HE   sing N N 31  
ARG CZ  NH1  sing N N 32  
ARG CZ  NH2  doub N N 33  
ARG NH1 HH11 sing N N 34  
ARG NH1 HH12 sing N N 35  
ARG NH2 HH21 sing N N 36  
ARG NH2 HH22 sing N N 37  
ARG OXT HXT  sing N N 38  
ASN N   CA   sing N N 39  
ASN N   H    sing N N 40  
ASN N   H2   sing N N 41  
ASN CA  C    sing N N 42  
ASN CA  CB   sing N N 43  
ASN CA  HA   sing N N 44  
ASN C   O    doub N N 45  
ASN C   OXT  sing N N 46  
ASN CB  CG   sing N N 47  
ASN CB  HB2  sing N N 48  
ASN CB  HB3  sing N N 49  
ASN CG  OD1  doub N N 50  
ASN CG  ND2  sing N N 51  
ASN ND2 HD21 sing N N 52  
ASN ND2 HD22 sing N N 53  
ASN OXT HXT  sing N N 54  
ASP N   CA   sing N N 55  
ASP N   H    sing N N 56  
ASP N   H2   sing N N 57  
ASP CA  C    sing N N 58  
ASP CA  CB   sing N N 59  
ASP CA  HA   sing N N 60  
ASP C   O    doub N N 61  
ASP C   OXT  sing N N 62  
ASP CB  CG   sing N N 63  
ASP CB  HB2  sing N N 64  
ASP CB  HB3  sing N N 65  
ASP CG  OD1  doub N N 66  
ASP CG  OD2  sing N N 67  
ASP OD2 HD2  sing N N 68  
ASP OXT HXT  sing N N 69  
CYS N   CA   sing N N 70  
CYS N   H    sing N N 71  
CYS N   H2   sing N N 72  
CYS CA  C    sing N N 73  
CYS CA  CB   sing N N 74  
CYS CA  HA   sing N N 75  
CYS C   O    doub N N 76  
CYS C   OXT  sing N N 77  
CYS CB  SG   sing N N 78  
CYS CB  HB2  sing N N 79  
CYS CB  HB3  sing N N 80  
CYS SG  HG   sing N N 81  
CYS OXT HXT  sing N N 82  
GLN N   CA   sing N N 83  
GLN N   H    sing N N 84  
GLN N   H2   sing N N 85  
GLN CA  C    sing N N 86  
GLN CA  CB   sing N N 87  
GLN CA  HA   sing N N 88  
GLN C   O    doub N N 89  
GLN C   OXT  sing N N 90  
GLN CB  CG   sing N N 91  
GLN CB  HB2  sing N N 92  
GLN CB  HB3  sing N N 93  
GLN CG  CD   sing N N 94  
GLN CG  HG2  sing N N 95  
GLN CG  HG3  sing N N 96  
GLN CD  OE1  doub N N 97  
GLN CD  NE2  sing N N 98  
GLN NE2 HE21 sing N N 99  
GLN NE2 HE22 sing N N 100 
GLN OXT HXT  sing N N 101 
GLU N   CA   sing N N 102 
GLU N   H    sing N N 103 
GLU N   H2   sing N N 104 
GLU CA  C    sing N N 105 
GLU CA  CB   sing N N 106 
GLU CA  HA   sing N N 107 
GLU C   O    doub N N 108 
GLU C   OXT  sing N N 109 
GLU CB  CG   sing N N 110 
GLU CB  HB2  sing N N 111 
GLU CB  HB3  sing N N 112 
GLU CG  CD   sing N N 113 
GLU CG  HG2  sing N N 114 
GLU CG  HG3  sing N N 115 
GLU CD  OE1  doub N N 116 
GLU CD  OE2  sing N N 117 
GLU OE2 HE2  sing N N 118 
GLU OXT HXT  sing N N 119 
GLY N   CA   sing N N 120 
GLY N   H    sing N N 121 
GLY N   H2   sing N N 122 
GLY CA  C    sing N N 123 
GLY CA  HA2  sing N N 124 
GLY CA  HA3  sing N N 125 
GLY C   O    doub N N 126 
GLY C   OXT  sing N N 127 
GLY OXT HXT  sing N N 128 
HIS N   CA   sing N N 129 
HIS N   H    sing N N 130 
HIS N   H2   sing N N 131 
HIS CA  C    sing N N 132 
HIS CA  CB   sing N N 133 
HIS CA  HA   sing N N 134 
HIS C   O    doub N N 135 
HIS C   OXT  sing N N 136 
HIS CB  CG   sing N N 137 
HIS CB  HB2  sing N N 138 
HIS CB  HB3  sing N N 139 
HIS CG  ND1  sing Y N 140 
HIS CG  CD2  doub Y N 141 
HIS ND1 CE1  doub Y N 142 
HIS ND1 HD1  sing N N 143 
HIS CD2 NE2  sing Y N 144 
HIS CD2 HD2  sing N N 145 
HIS CE1 NE2  sing Y N 146 
HIS CE1 HE1  sing N N 147 
HIS NE2 HE2  sing N N 148 
HIS OXT HXT  sing N N 149 
HOH O   H1   sing N N 150 
HOH O   H2   sing N N 151 
ILE N   CA   sing N N 152 
ILE N   H    sing N N 153 
ILE N   H2   sing N N 154 
ILE CA  C    sing N N 155 
ILE CA  CB   sing N N 156 
ILE CA  HA   sing N N 157 
ILE C   O    doub N N 158 
ILE C   OXT  sing N N 159 
ILE CB  CG1  sing N N 160 
ILE CB  CG2  sing N N 161 
ILE CB  HB   sing N N 162 
ILE CG1 CD1  sing N N 163 
ILE CG1 HG12 sing N N 164 
ILE CG1 HG13 sing N N 165 
ILE CG2 HG21 sing N N 166 
ILE CG2 HG22 sing N N 167 
ILE CG2 HG23 sing N N 168 
ILE CD1 HD11 sing N N 169 
ILE CD1 HD12 sing N N 170 
ILE CD1 HD13 sing N N 171 
ILE OXT HXT  sing N N 172 
LEU N   CA   sing N N 173 
LEU N   H    sing N N 174 
LEU N   H2   sing N N 175 
LEU CA  C    sing N N 176 
LEU CA  CB   sing N N 177 
LEU CA  HA   sing N N 178 
LEU C   O    doub N N 179 
LEU C   OXT  sing N N 180 
LEU CB  CG   sing N N 181 
LEU CB  HB2  sing N N 182 
LEU CB  HB3  sing N N 183 
LEU CG  CD1  sing N N 184 
LEU CG  CD2  sing N N 185 
LEU CG  HG   sing N N 186 
LEU CD1 HD11 sing N N 187 
LEU CD1 HD12 sing N N 188 
LEU CD1 HD13 sing N N 189 
LEU CD2 HD21 sing N N 190 
LEU CD2 HD22 sing N N 191 
LEU CD2 HD23 sing N N 192 
LEU OXT HXT  sing N N 193 
LYS N   CA   sing N N 194 
LYS N   H    sing N N 195 
LYS N   H2   sing N N 196 
LYS CA  C    sing N N 197 
LYS CA  CB   sing N N 198 
LYS CA  HA   sing N N 199 
LYS C   O    doub N N 200 
LYS C   OXT  sing N N 201 
LYS CB  CG   sing N N 202 
LYS CB  HB2  sing N N 203 
LYS CB  HB3  sing N N 204 
LYS CG  CD   sing N N 205 
LYS CG  HG2  sing N N 206 
LYS CG  HG3  sing N N 207 
LYS CD  CE   sing N N 208 
LYS CD  HD2  sing N N 209 
LYS CD  HD3  sing N N 210 
LYS CE  NZ   sing N N 211 
LYS CE  HE2  sing N N 212 
LYS CE  HE3  sing N N 213 
LYS NZ  HZ1  sing N N 214 
LYS NZ  HZ2  sing N N 215 
LYS NZ  HZ3  sing N N 216 
LYS OXT HXT  sing N N 217 
MET N   CA   sing N N 218 
MET N   H    sing N N 219 
MET N   H2   sing N N 220 
MET CA  C    sing N N 221 
MET CA  CB   sing N N 222 
MET CA  HA   sing N N 223 
MET C   O    doub N N 224 
MET C   OXT  sing N N 225 
MET CB  CG   sing N N 226 
MET CB  HB2  sing N N 227 
MET CB  HB3  sing N N 228 
MET CG  SD   sing N N 229 
MET CG  HG2  sing N N 230 
MET CG  HG3  sing N N 231 
MET SD  CE   sing N N 232 
MET CE  HE1  sing N N 233 
MET CE  HE2  sing N N 234 
MET CE  HE3  sing N N 235 
MET OXT HXT  sing N N 236 
PHE N   CA   sing N N 237 
PHE N   H    sing N N 238 
PHE N   H2   sing N N 239 
PHE CA  C    sing N N 240 
PHE CA  CB   sing N N 241 
PHE CA  HA   sing N N 242 
PHE C   O    doub N N 243 
PHE C   OXT  sing N N 244 
PHE CB  CG   sing N N 245 
PHE CB  HB2  sing N N 246 
PHE CB  HB3  sing N N 247 
PHE CG  CD1  doub Y N 248 
PHE CG  CD2  sing Y N 249 
PHE CD1 CE1  sing Y N 250 
PHE CD1 HD1  sing N N 251 
PHE CD2 CE2  doub Y N 252 
PHE CD2 HD2  sing N N 253 
PHE CE1 CZ   doub Y N 254 
PHE CE1 HE1  sing N N 255 
PHE CE2 CZ   sing Y N 256 
PHE CE2 HE2  sing N N 257 
PHE CZ  HZ   sing N N 258 
PHE OXT HXT  sing N N 259 
PRO N   CA   sing N N 260 
PRO N   CD   sing N N 261 
PRO N   H    sing N N 262 
PRO CA  C    sing N N 263 
PRO CA  CB   sing N N 264 
PRO CA  HA   sing N N 265 
PRO C   O    doub N N 266 
PRO C   OXT  sing N N 267 
PRO CB  CG   sing N N 268 
PRO CB  HB2  sing N N 269 
PRO CB  HB3  sing N N 270 
PRO CG  CD   sing N N 271 
PRO CG  HG2  sing N N 272 
PRO CG  HG3  sing N N 273 
PRO CD  HD2  sing N N 274 
PRO CD  HD3  sing N N 275 
PRO OXT HXT  sing N N 276 
SER N   CA   sing N N 277 
SER N   H    sing N N 278 
SER N   H2   sing N N 279 
SER CA  C    sing N N 280 
SER CA  CB   sing N N 281 
SER CA  HA   sing N N 282 
SER C   O    doub N N 283 
SER C   OXT  sing N N 284 
SER CB  OG   sing N N 285 
SER CB  HB2  sing N N 286 
SER CB  HB3  sing N N 287 
SER OG  HG   sing N N 288 
SER OXT HXT  sing N N 289 
THR N   CA   sing N N 290 
THR N   H    sing N N 291 
THR N   H2   sing N N 292 
THR CA  C    sing N N 293 
THR CA  CB   sing N N 294 
THR CA  HA   sing N N 295 
THR C   O    doub N N 296 
THR C   OXT  sing N N 297 
THR CB  OG1  sing N N 298 
THR CB  CG2  sing N N 299 
THR CB  HB   sing N N 300 
THR OG1 HG1  sing N N 301 
THR CG2 HG21 sing N N 302 
THR CG2 HG22 sing N N 303 
THR CG2 HG23 sing N N 304 
THR OXT HXT  sing N N 305 
TRP N   CA   sing N N 306 
TRP N   H    sing N N 307 
TRP N   H2   sing N N 308 
TRP CA  C    sing N N 309 
TRP CA  CB   sing N N 310 
TRP CA  HA   sing N N 311 
TRP C   O    doub N N 312 
TRP C   OXT  sing N N 313 
TRP CB  CG   sing N N 314 
TRP CB  HB2  sing N N 315 
TRP CB  HB3  sing N N 316 
TRP CG  CD1  doub Y N 317 
TRP CG  CD2  sing Y N 318 
TRP CD1 NE1  sing Y N 319 
TRP CD1 HD1  sing N N 320 
TRP CD2 CE2  doub Y N 321 
TRP CD2 CE3  sing Y N 322 
TRP NE1 CE2  sing Y N 323 
TRP NE1 HE1  sing N N 324 
TRP CE2 CZ2  sing Y N 325 
TRP CE3 CZ3  doub Y N 326 
TRP CE3 HE3  sing N N 327 
TRP CZ2 CH2  doub Y N 328 
TRP CZ2 HZ2  sing N N 329 
TRP CZ3 CH2  sing Y N 330 
TRP CZ3 HZ3  sing N N 331 
TRP CH2 HH2  sing N N 332 
TRP OXT HXT  sing N N 333 
TYR N   CA   sing N N 334 
TYR N   H    sing N N 335 
TYR N   H2   sing N N 336 
TYR CA  C    sing N N 337 
TYR CA  CB   sing N N 338 
TYR CA  HA   sing N N 339 
TYR C   O    doub N N 340 
TYR C   OXT  sing N N 341 
TYR CB  CG   sing N N 342 
TYR CB  HB2  sing N N 343 
TYR CB  HB3  sing N N 344 
TYR CG  CD1  doub Y N 345 
TYR CG  CD2  sing Y N 346 
TYR CD1 CE1  sing Y N 347 
TYR CD1 HD1  sing N N 348 
TYR CD2 CE2  doub Y N 349 
TYR CD2 HD2  sing N N 350 
TYR CE1 CZ   doub Y N 351 
TYR CE1 HE1  sing N N 352 
TYR CE2 CZ   sing Y N 353 
TYR CE2 HE2  sing N N 354 
TYR CZ  OH   sing N N 355 
TYR OH  HH   sing N N 356 
TYR OXT HXT  sing N N 357 
VAL N   CA   sing N N 358 
VAL N   H    sing N N 359 
VAL N   H2   sing N N 360 
VAL CA  C    sing N N 361 
VAL CA  CB   sing N N 362 
VAL CA  HA   sing N N 363 
VAL C   O    doub N N 364 
VAL C   OXT  sing N N 365 
VAL CB  CG1  sing N N 366 
VAL CB  CG2  sing N N 367 
VAL CB  HB   sing N N 368 
VAL CG1 HG11 sing N N 369 
VAL CG1 HG12 sing N N 370 
VAL CG1 HG13 sing N N 371 
VAL CG2 HG21 sing N N 372 
VAL CG2 HG22 sing N N 373 
VAL CG2 HG23 sing N N 374 
VAL OXT HXT  sing N N 375 
ZL8 C1  C2   doub Y N 376 
ZL8 C2  C3   sing Y N 377 
ZL8 C3  C4   doub Y N 378 
ZL8 C4  C5   sing Y N 379 
ZL8 C5  C6   doub Y N 380 
ZL8 C5  C7   sing N N 381 
ZL8 C7  O1   doub N N 382 
ZL8 C7  N1   sing N N 383 
ZL8 N1  C8   sing N N 384 
ZL8 C8  C9   sing N N 385 
ZL8 C9  C10  sing N N 386 
ZL8 C10 N2   sing N N 387 
ZL8 N2  C11  sing N N 388 
ZL8 C11 C12  sing N N 389 
ZL8 N2  C13  sing N N 390 
ZL8 C13 O2   doub N N 391 
ZL8 C13 N3   sing N N 392 
ZL8 N3  C14  sing N N 393 
ZL8 C14 C15  sing N N 394 
ZL8 C15 C16  sing N N 395 
ZL8 C16 O3   doub N N 396 
ZL8 C16 N4   sing N N 397 
ZL8 N4  C17  sing N N 398 
ZL8 C17 C18  sing N N 399 
ZL8 C18 C19  sing N N 400 
ZL8 C19 S1   sing Y N 401 
ZL8 S1  C20  sing Y N 402 
ZL8 C20 C21  doub Y N 403 
ZL8 C21 C22  sing Y N 404 
ZL8 C22 C23  sing N N 405 
ZL8 C1  C6   sing Y N 406 
ZL8 N1  C12  sing N N 407 
ZL8 N4  C23  sing N N 408 
ZL8 C19 C22  doub Y N 409 
ZL8 N3  H15  sing N N 410 
ZL8 C4  H3   sing N N 411 
ZL8 C6  H4   sing N N 412 
ZL8 C8  H6   sing N N 413 
ZL8 C8  H5   sing N N 414 
ZL8 C10 H9   sing N N 415 
ZL8 C10 H10  sing N N 416 
ZL8 C15 H19  sing N N 417 
ZL8 C15 H18  sing N N 418 
ZL8 C17 H20  sing N N 419 
ZL8 C17 H21  sing N N 420 
ZL8 C20 H24  sing N N 421 
ZL8 C21 H25  sing N N 422 
ZL8 C11 H11  sing N N 423 
ZL8 C11 H12  sing N N 424 
ZL8 C12 H14  sing N N 425 
ZL8 C12 H13  sing N N 426 
ZL8 C14 H17  sing N N 427 
ZL8 C14 H16  sing N N 428 
ZL8 C18 H22  sing N N 429 
ZL8 C18 H23  sing N N 430 
ZL8 C2  H1   sing N N 431 
ZL8 C23 H26  sing N N 432 
ZL8 C23 H27  sing N N 433 
ZL8 C3  H2   sing N N 434 
ZL8 C9  H8   sing N N 435 
ZL8 C9  H7   sing N N 436 
ZL8 C1  CL1  sing N N 437 
# 
_pdbx_audit_support.ordinal                1 
_pdbx_audit_support.funding_organization   'Wellcome Trust' 
_pdbx_audit_support.grant_number           None 
_pdbx_audit_support.country                'United Kingdom' 
# 
_pdbx_deposit_group.group_id            G_1002265 
_pdbx_deposit_group.group_description   
;XDomainX of XOrganismX PHIP screened against predicted false negatives and catalogue compounds by X-ray Crystallography at the XChem facility of Diamond Light Source beamline I04-1
;
_pdbx_deposit_group.group_title         'PanDDA analysis group deposition' 
_pdbx_deposit_group.group_type          'changed state' 
# 
_pdbx_entity_instance_feature.ordinal        1 
_pdbx_entity_instance_feature.comp_id        ZL8 
_pdbx_entity_instance_feature.asym_id        ? 
_pdbx_entity_instance_feature.seq_num        ? 
_pdbx_entity_instance_feature.auth_comp_id   ZL8 
_pdbx_entity_instance_feature.auth_asym_id   ? 
_pdbx_entity_instance_feature.auth_seq_num   ? 
_pdbx_entity_instance_feature.feature_type   'SUBJECT OF INVESTIGATION' 
_pdbx_entity_instance_feature.details        ? 
# 
_atom_sites.entry_id                    7FV8 
_atom_sites.fract_transf_matrix[1][1]   0.00162617 
_atom_sites.fract_transf_matrix[1][2]   0.01160449 
_atom_sites.fract_transf_matrix[1][3]   0.00401884 
_atom_sites.fract_transf_matrix[2][1]   -0.03627288 
_atom_sites.fract_transf_matrix[2][2]   0.00460116 
_atom_sites.fract_transf_matrix[2][3]   0.00139135 
_atom_sites.fract_transf_matrix[3][1]   0.00032004 
_atom_sites.fract_transf_matrix[3][2]   -0.00286218 
_atom_sites.fract_transf_matrix[3][3]   0.01780862 
_atom_sites.fract_transf_vector[1]      -0.146878 
_atom_sites.fract_transf_vector[2]      0.449152 
_atom_sites.fract_transf_vector[3]      0.217325 
# 
loop_
_atom_type.symbol 
C  
CL 
N  
O  
S  
# 
loop_
_atom_site.group_PDB 
_atom_site.id 
_atom_site.type_symbol 
_atom_site.label_atom_id 
_atom_site.label_alt_id 
_atom_site.label_comp_id 
_atom_site.label_asym_id 
_atom_site.label_entity_id 
_atom_site.label_seq_id 
_atom_site.pdbx_PDB_ins_code 
_atom_site.Cartn_x 
_atom_site.Cartn_y 
_atom_site.Cartn_z 
_atom_site.occupancy 
_atom_site.B_iso_or_equiv 
_atom_site.pdbx_formal_charge 
_atom_site.auth_seq_id 
_atom_site.auth_comp_id 
_atom_site.auth_asym_id 
_atom_site.auth_atom_id 
_atom_site.pdbx_PDB_model_num 
ATOM   1    N  N   . SER A 1 24  ? -0.580  6.936   -23.285 1.00 26.01  ? 1315 SER A N   1 
ATOM   2    C  CA  . SER A 1 24  ? -1.137  7.653   -22.096 1.00 24.92  ? 1315 SER A CA  1 
ATOM   3    C  C   . SER A 1 24  ? 0.017   8.261   -21.298 1.00 22.26  ? 1315 SER A C   1 
ATOM   4    O  O   . SER A 1 24  ? 0.518   7.579   -20.381 1.00 21.63  ? 1315 SER A O   1 
ATOM   5    C  CB  . SER A 1 24  ? -1.959  6.728   -21.236 1.00 27.04  ? 1315 SER A CB  1 
ATOM   6    O  OG  . SER A 1 24  ? -2.632  7.474   -20.231 1.00 27.07  ? 1315 SER A OG  1 
ATOM   7    N  N   . TYR A 1 25  ? 0.433   9.489   -21.628 1.00 19.34  ? 1316 TYR A N   1 
ATOM   8    C  CA  . TYR A 1 25  ? 1.688   10.088  -21.106 1.00 15.79  ? 1316 TYR A CA  1 
ATOM   9    C  C   . TYR A 1 25  ? 1.401   11.163  -20.041 1.00 14.20  ? 1316 TYR A C   1 
ATOM   10   O  O   . TYR A 1 25  ? 2.207   12.087  -19.893 1.00 14.20  ? 1316 TYR A O   1 
ATOM   11   C  CB  . TYR A 1 25  ? 2.539   10.618  -22.254 1.00 16.22  ? 1316 TYR A CB  1 
ATOM   12   C  CG  . TYR A 1 25  ? 2.887   9.595   -23.313 1.00 14.91  ? 1316 TYR A CG  1 
ATOM   13   C  CD1 . TYR A 1 25  ? 3.533   8.408   -23.005 1.00 14.38  ? 1316 TYR A CD1 1 
ATOM   14   C  CD2 . TYR A 1 25  ? 2.664   9.880   -24.645 1.00 15.62  ? 1316 TYR A CD2 1 
ATOM   15   C  CE1 . TYR A 1 25  ? 3.864   7.491   -23.993 1.00 14.38  ? 1316 TYR A CE1 1 
ATOM   16   C  CE2 . TYR A 1 25  ? 3.004   8.986   -25.649 1.00 15.93  ? 1316 TYR A CE2 1 
ATOM   17   C  CZ  . TYR A 1 25  ? 3.613   7.792   -25.317 1.00 15.09  ? 1316 TYR A CZ  1 
ATOM   18   O  OH  . TYR A 1 25  ? 3.974   6.909   -26.312 1.00 16.11  ? 1316 TYR A OH  1 
ATOM   19   N  N   . ASP A 1 26  ? 0.288   11.034  -19.315 1.00 13.82  ? 1317 ASP A N   1 
ATOM   20   C  CA  . ASP A 1 26  ? -0.046  11.981  -18.209 1.00 12.76  ? 1317 ASP A CA  1 
ATOM   21   C  C   . ASP A 1 26  ? 0.781   11.627  -16.964 1.00 13.07  ? 1317 ASP A C   1 
ATOM   22   O  O   . ASP A 1 26  ? 0.544   10.596  -16.319 1.00 13.70  ? 1317 ASP A O   1 
ATOM   23   C  CB  . ASP A 1 26  ? -1.538  11.973  -17.978 1.00 13.62  ? 1317 ASP A CB  1 
ATOM   24   C  CG  . ASP A 1 26  ? -2.056  12.922  -16.918 1.00 13.54  ? 1317 ASP A CG  1 
ATOM   25   O  OD1 . ASP A 1 26  ? -1.262  13.427  -16.074 1.00 14.85  ? 1317 ASP A OD1 1 
ATOM   26   O  OD2 . ASP A 1 26  ? -3.309  13.201  -16.952 1.00 17.65  ? 1317 ASP A OD2 1 
ATOM   27   N  N   . ILE A 1 27  ? 1.718   12.501  -16.617 1.00 12.84  ? 1318 ILE A N   1 
ATOM   28   C  CA  . ILE A 1 27  ? 2.676   12.346  -15.480 1.00 12.94  ? 1318 ILE A CA  1 
ATOM   29   C  C   . ILE A 1 27  ? 1.919   12.412  -14.146 1.00 12.81  ? 1318 ILE A C   1 
ATOM   30   O  O   . ILE A 1 27  ? 2.427   11.845  -13.173 1.00 13.90  ? 1318 ILE A O   1 
ATOM   31   C  CB  . ILE A 1 27  ? 3.785   13.416  -15.563 1.00 13.38  ? 1318 ILE A CB  1 
ATOM   32   C  CG1 . ILE A 1 27  ? 4.587   13.305  -16.866 1.00 14.13  ? 1318 ILE A CG1 1 
ATOM   33   C  CG2 . ILE A 1 27  ? 4.693   13.378  -14.335 1.00 14.14  ? 1318 ILE A CG2 1 
ATOM   34   C  CD1 . ILE A 1 27  ? 5.467   14.502  -17.155 1.00 14.46  ? 1318 ILE A CD1 1 
ATOM   35   N  N   . GLN A 1 28  ? 0.736   13.032  -14.114 1.00 11.94  ? 1319 GLN A N   1 
ATOM   36   C  CA  . GLN A 1 28  ? -0.039  13.205  -12.842 1.00 11.75  ? 1319 GLN A CA  1 
ATOM   37   C  C   . GLN A 1 28  ? -1.120  12.154  -12.615 1.00 12.04  ? 1319 GLN A C   1 
ATOM   38   O  O   . GLN A 1 28  ? -1.710  12.129  -11.506 1.00 12.74  ? 1319 GLN A O   1 
ATOM   39   C  CB  . GLN A 1 28  ? -0.660  14.619  -12.779 1.00 13.18  ? 1319 GLN A CB  1 
ATOM   40   C  CG  . GLN A 1 28  ? 0.343   15.748  -12.458 1.00 13.98  ? 1319 GLN A CG  1 
ATOM   41   C  CD  . GLN A 1 28  ? 0.986   16.392  -13.671 1.00 13.26  ? 1319 GLN A CD  1 
ATOM   42   O  OE1 . GLN A 1 28  ? 0.269   16.782  -14.598 1.00 13.57  ? 1319 GLN A OE1 1 
ATOM   43   N  NE2 . GLN A 1 28  ? 2.285   16.507  -13.665 1.00 13.63  ? 1319 GLN A NE2 1 
ATOM   44   N  N   . ALA A 1 29  ? -1.422  11.315  -13.634 1.00 12.41  ? 1320 ALA A N   1 
ATOM   45   C  CA  . ALA A 1 29  ? -2.618  10.443  -13.569 1.00 11.83  ? 1320 ALA A CA  1 
ATOM   46   C  C   . ALA A 1 29  ? -2.559  9.411   -12.413 1.00 10.98  ? 1320 ALA A C   1 
ATOM   47   O  O   . ALA A 1 29  ? -3.615  8.982   -11.934 1.00 12.36  ? 1320 ALA A O   1 
ATOM   48   C  CB  . ALA A 1 29  ? -2.817  9.748   -14.893 1.00 12.34  ? 1320 ALA A CB  1 
ATOM   49   N  N   . TRP A 1 30  ? -1.366  9.057   -11.971 1.00 11.03  ? 1321 TRP A N   1 
ATOM   50   C  CA  . TRP A 1 30  ? -1.206  8.045   -10.917 1.00 11.08  ? 1321 TRP A CA  1 
ATOM   51   C  C   . TRP A 1 30  ? -1.928  8.416   -9.626  1.00 11.57  ? 1321 TRP A C   1 
ATOM   52   O  O   . TRP A 1 30  ? -2.374  7.502   -8.912  1.00 11.95  ? 1321 TRP A O   1 
ATOM   53   C  CB  . TRP A 1 30  ? 0.273   7.826   -10.616 1.00 11.84  ? 1321 TRP A CB  1 
ATOM   54   C  CG  . TRP A 1 30  ? 0.930   9.044   -10.024 1.00 11.38  ? 1321 TRP A CG  1 
ATOM   55   C  CD1 . TRP A 1 30  ? 1.455   10.092  -10.704 1.00 12.02  ? 1321 TRP A CD1 1 
ATOM   56   C  CD2 . TRP A 1 30  ? 1.102   9.364   -8.624  1.00 11.51  ? 1321 TRP A CD2 1 
ATOM   57   N  NE1 . TRP A 1 30  ? 1.930   11.047  -9.837  1.00 12.93  ? 1321 TRP A NE1 1 
ATOM   58   C  CE2 . TRP A 1 30  ? 1.744   10.616  -8.565  1.00 12.27  ? 1321 TRP A CE2 1 
ATOM   59   C  CE3 . TRP A 1 30  ? 0.795   8.728   -7.424  1.00 12.76  ? 1321 TRP A CE3 1 
ATOM   60   C  CZ2 . TRP A 1 30  ? 2.062   11.263  -7.376  1.00 13.28  ? 1321 TRP A CZ2 1 
ATOM   61   C  CZ3 . TRP A 1 30  ? 1.123   9.354   -6.235  1.00 13.41  ? 1321 TRP A CZ3 1 
ATOM   62   C  CH2 . TRP A 1 30  ? 1.706   10.618  -6.230  1.00 14.13  ? 1321 TRP A CH2 1 
ATOM   63   N  N   . LYS A 1 31  ? -2.089  9.720   -9.353  1.00 11.83  ? 1322 LYS A N   1 
ATOM   64   C  CA  . LYS A 1 31  ? -2.604  10.090  -8.020  1.00 11.30  ? 1322 LYS A CA  1 
ATOM   65   C  C   . LYS A 1 31  ? -4.072  9.697   -7.876  1.00 12.17  ? 1322 LYS A C   1 
ATOM   66   O  O   . LYS A 1 31  ? -4.452  9.018   -6.903  1.00 12.73  ? 1322 LYS A O   1 
ATOM   67   C  CB  . LYS A 1 31  ? -2.340  11.565  -7.774  1.00 11.76  ? 1322 LYS A CB  1 
ATOM   68   C  CG  . LYS A 1 31  ? -2.856  12.051  -6.415  1.00 12.57  ? 1322 LYS A CG  1 
ATOM   69   C  CD  . LYS A 1 31  ? -2.413  13.465  -6.113  1.00 12.71  ? 1322 LYS A CD  1 
ATOM   70   C  CE  . LYS A 1 31  ? -2.791  13.950  -4.727  1.00 13.90  ? 1322 LYS A CE  1 
ATOM   71   N  NZ  . LYS A 1 31  ? -2.323  15.347  -4.543  1.00 14.35  ? 1322 LYS A NZ  1 
ATOM   72   N  N   . LYS A 1 32  ? -4.886  10.038  -8.885  1.00 13.51  ? 1323 LYS A N   1 
ATOM   73   C  CA  . LYS A 1 32  ? -6.293  9.630   -8.802  1.00 13.39  ? 1323 LYS A CA  1 
ATOM   74   C  C   . LYS A 1 32  ? -6.408  8.103   -8.941  1.00 12.64  ? 1323 LYS A C   1 
ATOM   75   O  O   . LYS A 1 32  ? -7.304  7.531   -8.316  1.00 13.99  ? 1323 LYS A O   1 
ATOM   76   C  CB  . LYS A 1 32  ? -7.137  10.323  -9.874  1.00 17.60  ? 1323 LYS A CB  1 
ATOM   77   C  CG  . LYS A 1 32  ? -8.625  10.113  -9.706  1.00 26.99  ? 1323 LYS A CG  1 
ATOM   78   C  CD  . LYS A 1 32  ? -9.534  11.061  -10.522 1.00 33.44  ? 1323 LYS A CD  1 
ATOM   79   C  CE  . LYS A 1 32  ? -10.884 11.271  -9.843  1.00 42.40  ? 1323 LYS A CE  1 
ATOM   80   N  NZ  . LYS A 1 32  ? -11.957 11.675  -10.785 1.00 45.74  ? 1323 LYS A NZ  1 
ATOM   81   N  N   . GLN A 1 33  ? -5.559  7.477   -9.743  1.00 12.51  ? 1324 GLN A N   1 
ATOM   82   C  CA  . GLN A 1 33  ? -5.593  5.990   -9.865  1.00 12.94  ? 1324 GLN A CA  1 
ATOM   83   C  C   . GLN A 1 33  ? -5.315  5.354   -8.496  1.00 13.01  ? 1324 GLN A C   1 
ATOM   84   O  O   . GLN A 1 33  ? -5.997  4.406   -8.090  1.00 13.07  ? 1324 GLN A O   1 
ATOM   85   C  CB  . GLN A 1 33  ? -4.566  5.504   -10.878 1.00 13.94  ? 1324 GLN A CB  1 
ATOM   86   C  CG  . GLN A 1 33  ? -4.950  5.846   -12.304 1.00 14.15  ? 1324 GLN A CG  1 
ATOM   87   C  CD  . GLN A 1 33  ? -3.822  5.818   -13.280 1.00 14.76  ? 1324 GLN A CD  1 
ATOM   88   O  OE1 . GLN A 1 33  ? -2.670  5.504   -12.967 1.00 16.38  ? 1324 GLN A OE1 1 
ATOM   89   N  NE2 . GLN A 1 33  ? -4.126  6.177   -14.523 1.00 17.06  ? 1324 GLN A NE2 1 
ATOM   90   N  N   . CYS A 1 34  ? -4.385  5.928   -7.735  1.00 12.74  ? 1325 CYS A N   1 
ATOM   91   C  CA  . CYS A 1 34  ? -4.087  5.420   -6.382  1.00 13.17  ? 1325 CYS A CA  1 
ATOM   92   C  C   . CYS A 1 34  ? -5.217  5.716   -5.389  1.00 12.47  ? 1325 CYS A C   1 
ATOM   93   O  O   . CYS A 1 34  ? -5.554  4.862   -4.553  1.00 12.43  ? 1325 CYS A O   1 
ATOM   94   C  CB  . CYS A 1 34  ? -2.780  5.947   -5.835  1.00 13.07  ? 1325 CYS A CB  1 
ATOM   95   S  SG  . CYS A 1 34  ? -1.298  5.282   -6.646  1.00 13.15  ? 1325 CYS A SG  1 
ATOM   96   N  N   . GLU A 1 35  ? -5.853  6.880   -5.483  1.00 13.44  ? 1326 GLU A N   1 
ATOM   97   C  CA  . GLU A 1 35  ? -7.044  7.174   -4.654  1.00 14.25  ? 1326 GLU A CA  1 
ATOM   98   C  C   . GLU A 1 35  ? -8.128  6.122   -4.881  1.00 14.24  ? 1326 GLU A C   1 
ATOM   99   O  O   . GLU A 1 35  ? -8.727  5.645   -3.926  1.00 15.11  ? 1326 GLU A O   1 
ATOM   100  C  CB  . GLU A 1 35  ? -7.611  8.555   -5.040  1.00 16.59  ? 1326 GLU A CB  1 
ATOM   101  C  CG  . GLU A 1 35  ? -6.809  9.740   -4.581  1.00 19.62  ? 1326 GLU A CG  1 
ATOM   102  C  CD  . GLU A 1 35  ? -7.174  11.093  -5.184  1.00 23.83  ? 1326 GLU A CD  1 
ATOM   103  O  OE1 . GLU A 1 35  ? -8.117  11.174  -5.997  1.00 25.45  ? 1326 GLU A OE1 1 
ATOM   104  O  OE2 . GLU A 1 35  ? -6.477  12.067  -4.830  1.00 25.13  ? 1326 GLU A OE2 1 
ATOM   105  N  N   . GLU A 1 36  ? -8.409  5.834   -6.155  1.00 14.33  ? 1327 GLU A N   1 
ATOM   106  C  CA  . GLU A 1 36  ? -9.408  4.828   -6.608  1.00 15.28  ? 1327 GLU A CA  1 
ATOM   107  C  C   . GLU A 1 36  ? -9.062  3.474   -5.980  1.00 14.36  ? 1327 GLU A C   1 
ATOM   108  O  O   . GLU A 1 36  ? -9.949  2.877   -5.315  1.00 14.86  ? 1327 GLU A O   1 
ATOM   109  C  CB  . GLU A 1 36  ? -9.470  4.801   -8.144  1.00 17.04  ? 1327 GLU A CB  1 
ATOM   110  C  CG  . GLU A 1 36  ? -10.023 6.101   -8.722  1.00 20.11  ? 1327 GLU A CG  1 
ATOM   111  C  CD  . GLU A 1 36  ? -9.812  6.398   -10.202 1.00 23.42  ? 1327 GLU A CD  1 
ATOM   112  O  OE1 . GLU A 1 36  ? -10.423 7.383   -10.683 1.00 26.35  ? 1327 GLU A OE1 1 
ATOM   113  O  OE2 . GLU A 1 36  ? -9.058  5.668   -10.882 1.00 27.09  ? 1327 GLU A OE2 1 
ATOM   114  N  N   . LEU A 1 37  ? -7.799  3.052   -6.106  1.00 14.31  ? 1328 LEU A N   1 
ATOM   115  C  CA  . LEU A 1 37  ? -7.373  1.718   -5.615  1.00 12.96  ? 1328 LEU A CA  1 
ATOM   116  C  C   . LEU A 1 37  ? -7.491  1.700   -4.083  1.00 13.07  ? 1328 LEU A C   1 
ATOM   117  O  O   . LEU A 1 37  ? -7.947  0.660   -3.502  1.00 13.86  ? 1328 LEU A O   1 
ATOM   118  C  CB  . LEU A 1 37  ? -5.978  1.413   -6.109  1.00 13.26  ? 1328 LEU A CB  1 
ATOM   119  C  CG  . LEU A 1 37  ? -5.333  0.136   -5.586  1.00 13.49  ? 1328 LEU A CG  1 
ATOM   120  C  CD1 . LEU A 1 37  ? -6.195  -1.104  -5.846  1.00 14.99  ? 1328 LEU A CD1 1 
ATOM   121  C  CD2 . LEU A 1 37  ? -3.991  -0.037  -6.216  1.00 14.59  ? 1328 LEU A CD2 1 
ATOM   122  N  N   . LEU A 1 38  ? -7.139  2.755   -3.367  1.00 13.30  ? 1329 LEU A N   1 
ATOM   123  C  CA  . LEU A 1 38  ? -7.348  2.796   -1.902  1.00 13.27  ? 1329 LEU A CA  1 
ATOM   124  C  C   . LEU A 1 38  ? -8.824  2.663   -1.570  1.00 14.43  ? 1329 LEU A C   1 
ATOM   125  O  O   . LEU A 1 38  ? -9.148  1.972   -0.609  1.00 15.48  ? 1329 LEU A O   1 
ATOM   126  C  CB  . LEU A 1 38  ? -6.758  4.082   -1.313  1.00 14.06  ? 1329 LEU A CB  1 
ATOM   127  C  CG  . LEU A 1 38  ? -5.227  4.122   -1.315  1.00 13.92  ? 1329 LEU A CG  1 
ATOM   128  C  CD1 . LEU A 1 38  ? -4.733  5.517   -0.990  1.00 16.73  ? 1329 LEU A CD1 1 
ATOM   129  C  CD2 . LEU A 1 38  ? -4.636  3.136   -0.318  1.00 16.26  ? 1329 LEU A CD2 1 
ATOM   130  N  N   . ASN A 1 39  ? -9.703  3.289   -2.302  1.00 15.78  ? 1330 ASN A N   1 
ATOM   131  C  CA  . ASN A 1 39  ? -11.170 3.117   -2.083  1.00 17.90  ? 1330 ASN A CA  1 
ATOM   132  C  C   . ASN A 1 39  ? -11.535 1.636   -2.232  1.00 15.66  ? 1330 ASN A C   1 
ATOM   133  O  O   . ASN A 1 39  ? -12.289 1.101   -1.344  1.00 18.50  ? 1330 ASN A O   1 
ATOM   134  C  CB  . ASN A 1 39  ? -11.962 4.015   -3.036  1.00 21.10  ? 1330 ASN A CB  1 
ATOM   135  C  CG  . ASN A 1 39  ? -11.927 5.489   -2.677  1.00 24.45  ? 1330 ASN A CG  1 
ATOM   136  O  OD1 . ASN A 1 39  ? -11.639 5.847   -1.544  1.00 28.24  ? 1330 ASN A OD1 1 
ATOM   137  N  ND2 . ASN A 1 39  ? -12.256 6.356   -3.633  1.00 27.42  ? 1330 ASN A ND2 1 
ATOM   138  N  N   . LEU A 1 40  ? -11.074 0.967   -3.246  1.00 15.38  ? 1331 LEU A N   1 
ATOM   139  C  CA  . LEU A 1 40  ? -11.374 -0.482  -3.416  1.00 16.99  ? 1331 LEU A CA  1 
ATOM   140  C  C   . LEU A 1 40  ? -10.811 -1.259  -2.227  1.00 17.22  ? 1331 LEU A C   1 
ATOM   141  O  O   . LEU A 1 40  ? -11.536 -2.133  -1.645  1.00 18.47  ? 1331 LEU A O   1 
ATOM   142  C  CB  . LEU A 1 40  ? -10.782 -1.005  -4.717  1.00 16.90  ? 1331 LEU A CB  1 
ATOM   143  C  CG  . LEU A 1 40  ? -11.406 -0.517  -6.028  1.00 17.23  ? 1331 LEU A CG  1 
ATOM   144  C  CD1 . LEU A 1 40  ? -10.610 -1.012  -7.215  1.00 20.81  ? 1331 LEU A CD1 1 
ATOM   145  C  CD2 . LEU A 1 40  ? -12.894 -0.916  -6.126  1.00 21.90  ? 1331 LEU A CD2 1 
ATOM   146  N  N   . ILE A 1 41  ? -9.600  -0.930  -1.744  1.00 15.27  ? 1332 ILE A N   1 
ATOM   147  C  CA  . ILE A 1 41  ? -8.972  -1.654  -0.617  1.00 14.37  ? 1332 ILE A CA  1 
ATOM   148  C  C   . ILE A 1 41  ? -9.805  -1.475  0.658   1.00 15.39  ? 1332 ILE A C   1 
ATOM   149  O  O   . ILE A 1 41  ? -10.063 -2.465  1.358   1.00 15.07  ? 1332 ILE A O   1 
ATOM   150  C  CB  . ILE A 1 41  ? -7.510  -1.207  -0.452  1.00 14.71  ? 1332 ILE A CB  1 
ATOM   151  C  CG1 . ILE A 1 41  ? -6.697  -1.798  -1.601  1.00 15.47  ? 1332 ILE A CG1 1 
ATOM   152  C  CG2 . ILE A 1 41  ? -6.963  -1.558  0.919   1.00 13.35  ? 1332 ILE A CG2 1 
ATOM   153  C  CD1 . ILE A 1 41  ? -5.303  -1.284  -1.727  1.00 17.15  ? 1332 ILE A CD1 1 
ATOM   154  N  N   . PHE A 1 42  ? -10.282 -0.269  0.922   1.00 16.94  ? 1333 PHE A N   1 
ATOM   155  C  CA  . PHE A 1 42  ? -11.185 -0.004  2.083   1.00 18.77  ? 1333 PHE A CA  1 
ATOM   156  C  C   . PHE A 1 42  ? -12.530 -0.778  1.942   1.00 20.96  ? 1333 PHE A C   1 
ATOM   157  O  O   . PHE A 1 42  ? -12.998 -1.239  3.010   1.00 26.49  ? 1333 PHE A O   1 
ATOM   158  C  CB  . PHE A 1 42  ? -11.318 1.518   2.265   1.00 19.07  ? 1333 PHE A CB  1 
ATOM   159  C  CG  . PHE A 1 42  ? -10.217 2.163   3.080   1.00 19.24  ? 1333 PHE A CG  1 
ATOM   160  C  CD1 . PHE A 1 42  ? -10.372 2.347   4.446   1.00 20.47  ? 1333 PHE A CD1 1 
ATOM   161  C  CD2 . PHE A 1 42  ? -9.050  2.626   2.488   1.00 22.17  ? 1333 PHE A CD2 1 
ATOM   162  C  CE1 . PHE A 1 42  ? -9.382  2.961   5.211   1.00 23.69  ? 1333 PHE A CE1 1 
ATOM   163  C  CE2 . PHE A 1 42  ? -8.068  3.245   3.251   1.00 21.81  ? 1333 PHE A CE2 1 
ATOM   164  C  CZ  . PHE A 1 42  ? -8.225  3.394   4.607   1.00 21.45  ? 1333 PHE A CZ  1 
ATOM   165  N  N   . GLN A 1 43  ? -13.057 -1.076  0.746   1.00 19.25  ? 1334 GLN A N   1 
ATOM   166  C  CA  . GLN A 1 43  ? -14.290 -1.939  0.535   1.00 20.78  ? 1334 GLN A CA  1 
ATOM   167  C  C   . GLN A 1 43  ? -14.036 -3.436  0.784   1.00 21.06  ? 1334 GLN A C   1 
ATOM   168  O  O   . GLN A 1 43  ? -14.973 -4.172  1.107   1.00 22.83  ? 1334 GLN A O   1 
ATOM   169  C  CB  . GLN A 1 43  ? -14.796 -1.743  -0.903  1.00 21.05  ? 1334 GLN A CB  1 
ATOM   170  C  CG  . GLN A 1 43  ? -15.285 -0.332  -1.198  1.00 22.98  ? 1334 GLN A CG  1 
ATOM   171  N  N   A CYS A 1 44  ? -12.782 -3.870  0.651   0.25 19.05  ? 1335 CYS A N   1 
ATOM   172  N  N   B CYS A 1 44  ? -12.787 -3.891  0.625   0.25 19.67  ? 1335 CYS A N   1 
ATOM   173  C  CA  A CYS A 1 44  ? -12.340 -5.266  0.881   0.25 17.94  ? 1335 CYS A CA  1 
ATOM   174  C  CA  B CYS A 1 44  ? -12.373 -5.302  0.842   0.25 18.89  ? 1335 CYS A CA  1 
ATOM   175  C  C   A CYS A 1 44  ? -12.450 -5.584  2.374   0.25 17.16  ? 1335 CYS A C   1 
ATOM   176  C  C   B CYS A 1 44  ? -12.436 -5.606  2.341   0.25 17.65  ? 1335 CYS A C   1 
ATOM   177  O  O   A CYS A 1 44  ? -11.857 -4.852  3.192   0.25 15.87  ? 1335 CYS A O   1 
ATOM   178  O  O   B CYS A 1 44  ? -11.794 -4.891  3.128   0.25 16.30  ? 1335 CYS A O   1 
ATOM   179  C  CB  A CYS A 1 44  ? -10.910 -5.469  0.391   0.25 17.56  ? 1335 CYS A CB  1 
ATOM   180  C  CB  B CYS A 1 44  ? -10.965 -5.586  0.322   0.25 19.39  ? 1335 CYS A CB  1 
ATOM   181  S  SG  A CYS A 1 44  ? -10.798 -5.456  -1.416  0.25 18.52  ? 1335 CYS A SG  1 
ATOM   182  S  SG  B CYS A 1 44  ? -10.616 -7.360  0.151   0.25 21.74  ? 1335 CYS A SG  1 
ATOM   183  N  N   . GLU A 1 45  ? -13.177 -6.645  2.741   1.00 16.52  ? 1336 GLU A N   1 
ATOM   184  C  CA  . GLU A 1 45  ? -13.185 -7.067  4.175   1.00 15.97  ? 1336 GLU A CA  1 
ATOM   185  C  C   . GLU A 1 45  ? -11.780 -7.447  4.692   1.00 14.84  ? 1336 GLU A C   1 
ATOM   186  O  O   . GLU A 1 45  ? -11.474 -7.217  5.867   1.00 15.06  ? 1336 GLU A O   1 
ATOM   187  C  CB  . GLU A 1 45  ? -14.109 -8.261  4.371   1.00 16.37  ? 1336 GLU A CB  1 
ATOM   188  C  CG  . GLU A 1 45  ? -15.557 -7.904  4.076   1.00 18.93  ? 1336 GLU A CG  1 
ATOM   189  C  CD  . GLU A 1 45  ? -16.579 -8.997  4.305   1.00 22.96  ? 1336 GLU A CD  1 
ATOM   190  O  OE1 . GLU A 1 45  ? -16.195 -10.119 4.697   1.00 22.96  ? 1336 GLU A OE1 1 
ATOM   191  O  OE2 . GLU A 1 45  ? -17.789 -8.692  4.123   1.00 24.23  ? 1336 GLU A OE2 1 
ATOM   192  N  N   . ASP A 1 46  ? -10.931 -7.886  3.771   1.00 13.97  ? 1337 ASP A N   1 
ATOM   193  C  CA  . ASP A 1 46  ? -9.540  -8.264  4.125   1.00 13.49  ? 1337 ASP A CA  1 
ATOM   194  C  C   . ASP A 1 46  ? -8.711  -7.048  4.585   1.00 13.17  ? 1337 ASP A C   1 
ATOM   195  O  O   . ASP A 1 46  ? -7.629  -7.304  5.154   1.00 13.65  ? 1337 ASP A O   1 
ATOM   196  C  CB  . ASP A 1 46  ? -8.849  -8.992  2.979   1.00 13.99  ? 1337 ASP A CB  1 
ATOM   197  C  CG  . ASP A 1 46  ? -9.303  -10.440 2.761   1.00 15.08  ? 1337 ASP A CG  1 
ATOM   198  O  OD1 . ASP A 1 46  ? -9.850  -11.021 3.746   1.00 16.65  ? 1337 ASP A OD1 1 
ATOM   199  O  OD2 . ASP A 1 46  ? -9.068  -11.006 1.711   1.00 15.12  ? 1337 ASP A OD2 1 
ATOM   200  N  N   . SER A 1 47  ? -9.112  -5.813  4.320   1.00 13.13  ? 1338 SER A N   1 
ATOM   201  C  CA  . SER A 1 47  ? -8.316  -4.657  4.798   1.00 13.40  ? 1338 SER A CA  1 
ATOM   202  C  C   . SER A 1 47  ? -8.581  -4.317  6.258   1.00 13.19  ? 1338 SER A C   1 
ATOM   203  O  O   . SER A 1 47  ? -7.864  -3.497  6.801   1.00 13.87  ? 1338 SER A O   1 
ATOM   204  C  CB  . SER A 1 47  ? -8.478  -3.439  3.955   1.00 12.41  ? 1338 SER A CB  1 
ATOM   205  O  OG  . SER A 1 47  ? -9.821  -2.897  4.039   1.00 14.10  ? 1338 SER A OG  1 
ATOM   206  N  N   . GLU A 1 48  ? -9.619  -4.887  6.888   1.00 14.04  ? 1339 GLU A N   1 
ATOM   207  C  CA  . GLU A 1 48  ? -10.033 -4.343  8.201   1.00 16.79  ? 1339 GLU A CA  1 
ATOM   208  C  C   . GLU A 1 48  ? -8.898  -4.277  9.228   1.00 13.80  ? 1339 GLU A C   1 
ATOM   209  O  O   . GLU A 1 48  ? -8.773  -3.245  9.922   1.00 15.23  ? 1339 GLU A O   1 
ATOM   210  C  CB  . GLU A 1 48  ? -11.280 -5.072  8.702   1.00 22.44  ? 1339 GLU A CB  1 
ATOM   211  C  CG  . GLU A 1 48  ? -12.048 -4.173  9.667   1.00 27.42  ? 1339 GLU A CG  1 
ATOM   212  C  CD  . GLU A 1 48  ? -11.437 -4.149  11.049  1.00 29.30  ? 1339 GLU A CD  1 
ATOM   213  O  OE1 . GLU A 1 48  ? -10.739 -5.121  11.346  1.00 27.23  ? 1339 GLU A OE1 1 
ATOM   214  O  OE2 . GLU A 1 48  ? -11.650 -3.154  11.830  1.00 37.11  ? 1339 GLU A OE2 1 
ATOM   215  N  N   . PRO A 1 49  ? -8.000  -5.286  9.339   1.00 13.57  ? 1340 PRO A N   1 
ATOM   216  C  CA  . PRO A 1 49  ? -6.898  -5.205  10.320  1.00 13.13  ? 1340 PRO A CA  1 
ATOM   217  C  C   . PRO A 1 49  ? -5.847  -4.128  10.016  1.00 12.68  ? 1340 PRO A C   1 
ATOM   218  O  O   . PRO A 1 49  ? -5.045  -3.871  10.923  1.00 13.38  ? 1340 PRO A O   1 
ATOM   219  C  CB  . PRO A 1 49  ? -6.200  -6.569  10.256  1.00 15.13  ? 1340 PRO A CB  1 
ATOM   220  C  CG  . PRO A 1 49  ? -7.282  -7.488  9.712   1.00 15.57  ? 1340 PRO A CG  1 
ATOM   221  C  CD  . PRO A 1 49  ? -8.012  -6.608  8.689   1.00 14.25  ? 1340 PRO A CD  1 
ATOM   222  N  N   . PHE A 1 50  ? -5.894  -3.534  8.841   1.00 12.13  ? 1341 PHE A N   1 
ATOM   223  C  CA  . PHE A 1 50  ? -4.832  -2.659  8.301   1.00 11.01  ? 1341 PHE A CA  1 
ATOM   224  C  C   . PHE A 1 50  ? -5.349  -1.244  8.037   1.00 12.27  ? 1341 PHE A C   1 
ATOM   225  O  O   . PHE A 1 50  ? -4.605  -0.450  7.492   1.00 13.22  ? 1341 PHE A O   1 
ATOM   226  C  CB  . PHE A 1 50  ? -4.284  -3.278  7.012   1.00 10.81  ? 1341 PHE A CB  1 
ATOM   227  C  CG  . PHE A 1 50  ? -3.939  -4.741  7.167   1.00 10.77  ? 1341 PHE A CG  1 
ATOM   228  C  CD1 . PHE A 1 50  ? -2.917  -5.135  8.020   1.00 11.72  ? 1341 PHE A CD1 1 
ATOM   229  C  CD2 . PHE A 1 50  ? -4.681  -5.732  6.552   1.00 11.99  ? 1341 PHE A CD2 1 
ATOM   230  C  CE1 . PHE A 1 50  ? -2.653  -6.485  8.229   1.00 13.01  ? 1341 PHE A CE1 1 
ATOM   231  C  CE2 . PHE A 1 50  ? -4.420  -7.068  6.779   1.00 12.35  ? 1341 PHE A CE2 1 
ATOM   232  C  CZ  . PHE A 1 50  ? -3.392  -7.434  7.598   1.00 13.35  ? 1341 PHE A CZ  1 
ATOM   233  N  N   . ARG A 1 51  ? -6.586  -0.913  8.387   1.00 13.57  ? 1342 ARG A N   1 
ATOM   234  C  CA  . ARG A 1 51  ? -7.182  0.398   8.020   1.00 13.67  ? 1342 ARG A CA  1 
ATOM   235  C  C   . ARG A 1 51  ? -6.662  1.508   8.926   1.00 15.48  ? 1342 ARG A C   1 
ATOM   236  O  O   . ARG A 1 51  ? -6.672  2.685   8.469   1.00 20.39  ? 1342 ARG A O   1 
ATOM   237  C  CB  . ARG A 1 51  ? -8.714  0.378   8.083   1.00 15.20  ? 1342 ARG A CB  1 
ATOM   238  C  CG  . ARG A 1 51  ? -9.306  -0.469  6.971   1.00 15.18  ? 1342 ARG A CG  1 
ATOM   239  C  CD  . ARG A 1 51  ? -10.817 -0.636  7.098   1.00 17.63  ? 1342 ARG A CD  1 
ATOM   240  N  NE  . ARG A 1 51  ? -11.320 -1.675  6.206   1.00 18.06  ? 1342 ARG A NE  1 
ATOM   241  C  CZ  . ARG A 1 51  ? -12.448 -2.374  6.332   1.00 22.08  ? 1342 ARG A CZ  1 
ATOM   242  N  NH1 . ARG A 1 51  ? -13.259 -2.185  7.365   1.00 27.88  ? 1342 ARG A NH1 1 
ATOM   243  N  NH2 . ARG A 1 51  ? -12.751 -3.294  5.442   1.00 22.32  ? 1342 ARG A NH2 1 
ATOM   244  N  N   . GLN A 1 52  ? -6.214  1.179   10.133  1.00 14.81  ? 1343 GLN A N   1 
ATOM   245  C  CA  . GLN A 1 52  ? -5.729  2.137   11.156  1.00 15.97  ? 1343 GLN A CA  1 
ATOM   246  C  C   . GLN A 1 52  ? -4.519  1.500   11.835  1.00 14.85  ? 1343 GLN A C   1 
ATOM   247  O  O   . GLN A 1 52  ? -4.312  0.295   11.687  1.00 14.05  ? 1343 GLN A O   1 
ATOM   248  C  CB  . GLN A 1 52  ? -6.867  2.471   12.137  1.00 18.82  ? 1343 GLN A CB  1 
ATOM   249  C  CG  . GLN A 1 52  ? -8.235  2.681   11.487  1.00 23.74  ? 1343 GLN A CG  1 
ATOM   250  C  CD  . GLN A 1 52  ? -8.369  3.921   10.628  1.00 26.65  ? 1343 GLN A CD  1 
ATOM   251  O  OE1 . GLN A 1 52  ? -7.665  4.918   10.809  1.00 31.25  ? 1343 GLN A OE1 1 
ATOM   252  N  NE2 . GLN A 1 52  ? -9.302  3.886   9.685   1.00 29.27  ? 1343 GLN A NE2 1 
ATOM   253  N  N   . PRO A 1 53  ? -3.674  2.263   12.570  1.00 15.68  ? 1344 PRO A N   1 
ATOM   254  C  CA  . PRO A 1 53  ? -2.480  1.677   13.181  1.00 16.03  ? 1344 PRO A CA  1 
ATOM   255  C  C   . PRO A 1 53  ? -2.825  0.474   14.073  1.00 15.39  ? 1344 PRO A C   1 
ATOM   256  O  O   . PRO A 1 53  ? -3.914  0.446   14.663  1.00 14.54  ? 1344 PRO A O   1 
ATOM   257  C  CB  . PRO A 1 53  ? -1.868  2.820   13.999  1.00 15.69  ? 1344 PRO A CB  1 
ATOM   258  C  CG  . PRO A 1 53  ? -2.384  4.064   13.314  1.00 16.41  ? 1344 PRO A CG  1 
ATOM   259  C  CD  . PRO A 1 53  ? -3.770  3.714   12.815  1.00 16.67  ? 1344 PRO A CD  1 
ATOM   260  N  N   . VAL A 1 54  ? -1.925  -0.509  14.121  1.00 16.20  ? 1345 VAL A N   1 
ATOM   261  C  CA  . VAL A 1 54  ? -2.022  -1.697  15.013  1.00 15.98  ? 1345 VAL A CA  1 
ATOM   262  C  C   . VAL A 1 54  ? -2.185  -1.197  16.450  1.00 16.81  ? 1345 VAL A C   1 
ATOM   263  O  O   . VAL A 1 54  ? -1.447  -0.283  16.852  1.00 16.44  ? 1345 VAL A O   1 
ATOM   264  C  CB  . VAL A 1 54  ? -0.796  -2.622  14.889  1.00 16.77  ? 1345 VAL A CB  1 
ATOM   265  C  CG1 . VAL A 1 54  ? -0.825  -3.735  15.916  1.00 17.29  ? 1345 VAL A CG1 1 
ATOM   266  C  CG2 . VAL A 1 54  ? -0.685  -3.208  13.494  1.00 17.51  ? 1345 VAL A CG2 1 
ATOM   267  N  N   . ASP A 1 55  ? -3.148  -1.776  17.176  1.00 16.30  ? 1346 ASP A N   1 
ATOM   268  C  CA  . ASP A 1 55  ? -3.536  -1.373  18.554  1.00 18.22  ? 1346 ASP A CA  1 
ATOM   269  C  C   . ASP A 1 55  ? -2.465  -1.833  19.547  1.00 17.32  ? 1346 ASP A C   1 
ATOM   270  O  O   . ASP A 1 55  ? -2.354  -3.035  19.818  1.00 17.40  ? 1346 ASP A O   1 
ATOM   271  C  CB  . ASP A 1 55  ? -4.924  -1.913  18.913  1.00 19.06  ? 1346 ASP A CB  1 
ATOM   272  C  CG  . ASP A 1 55  ? -5.513  -1.375  20.215  1.00 20.39  ? 1346 ASP A CG  1 
ATOM   273  O  OD1 . ASP A 1 55  ? -4.749  -1.123  21.166  1.00 22.01  ? 1346 ASP A OD1 1 
ATOM   274  O  OD2 . ASP A 1 55  ? -6.756  -1.257  20.292  1.00 24.09  ? 1346 ASP A OD2 1 
ATOM   275  N  N   . LEU A 1 56  ? -1.744  -0.876  20.107  1.00 18.24  ? 1347 LEU A N   1 
ATOM   276  C  CA  . LEU A 1 56  ? -0.603  -1.131  21.015  1.00 18.93  ? 1347 LEU A CA  1 
ATOM   277  C  C   . LEU A 1 56  ? -1.113  -1.645  22.372  1.00 18.97  ? 1347 LEU A C   1 
ATOM   278  O  O   . LEU A 1 56  ? -0.413  -2.450  23.005  1.00 19.35  ? 1347 LEU A O   1 
ATOM   279  C  CB  . LEU A 1 56  ? 0.220   0.154   21.132  1.00 20.48  ? 1347 LEU A CB  1 
ATOM   280  C  CG  . LEU A 1 56  ? 0.761   0.714   19.812  1.00 22.08  ? 1347 LEU A CG  1 
ATOM   281  C  CD1 . LEU A 1 56  ? 1.552   1.990   20.070  1.00 22.81  ? 1347 LEU A CD1 1 
ATOM   282  C  CD2 . LEU A 1 56  ? 1.610   -0.298  19.058  1.00 22.41  ? 1347 LEU A CD2 1 
ATOM   283  N  N   . LEU A 1 57  ? -2.337  -1.299  22.780  1.00 20.62  ? 1348 LEU A N   1 
ATOM   284  C  CA  . LEU A 1 57  ? -2.880  -1.845  24.051  1.00 22.78  ? 1348 LEU A CA  1 
ATOM   285  C  C   . LEU A 1 57  ? -3.080  -3.354  23.892  1.00 23.84  ? 1348 LEU A C   1 
ATOM   286  O  O   . LEU A 1 57  ? -2.709  -4.101  24.825  1.00 26.12  ? 1348 LEU A O   1 
ATOM   287  C  CB  . LEU A 1 57  ? -4.185  -1.134  24.424  1.00 24.76  ? 1348 LEU A CB  1 
ATOM   288  C  CG  . LEU A 1 57  ? -4.035  0.339   24.795  1.00 27.83  ? 1348 LEU A CG  1 
ATOM   289  C  CD1 . LEU A 1 57  ? -5.386  0.944   25.148  1.00 29.22  ? 1348 LEU A CD1 1 
ATOM   290  C  CD2 . LEU A 1 57  ? -3.060  0.518   25.942  1.00 29.04  ? 1348 LEU A CD2 1 
ATOM   291  N  N   . GLU A 1 58  ? -3.641  -3.777  22.753  1.00 23.69  ? 1349 GLU A N   1 
ATOM   292  C  CA  . GLU A 1 58  ? -3.901  -5.203  22.417  1.00 25.16  ? 1349 GLU A CA  1 
ATOM   293  C  C   . GLU A 1 58  ? -2.565  -5.916  22.173  1.00 24.10  ? 1349 GLU A C   1 
ATOM   294  O  O   . GLU A 1 58  ? -2.480  -7.140  22.434  1.00 22.66  ? 1349 GLU A O   1 
ATOM   295  C  CB  . GLU A 1 58  ? -4.772  -5.322  21.160  1.00 27.62  ? 1349 GLU A CB  1 
ATOM   296  C  CG  . GLU A 1 58  ? -6.185  -4.765  21.284  1.00 31.75  ? 1349 GLU A CG  1 
ATOM   297  C  CD  . GLU A 1 58  ? -6.951  -4.711  19.963  1.00 36.11  ? 1349 GLU A CD  1 
ATOM   298  O  OE1 . GLU A 1 58  ? -6.377  -5.107  18.915  1.00 40.51  ? 1349 GLU A OE1 1 
ATOM   299  O  OE2 . GLU A 1 58  ? -8.131  -4.280  19.972  1.00 39.58  ? 1349 GLU A OE2 1 
ATOM   300  N  N   . TYR A 1 59  ? -1.583  -5.189  21.622  1.00 23.70  ? 1350 TYR A N   1 
ATOM   301  C  CA  . TYR A 1 59  ? -0.275  -5.716  21.145  1.00 23.67  ? 1350 TYR A CA  1 
ATOM   302  C  C   . TYR A 1 59  ? 0.844   -4.865  21.751  1.00 21.43  ? 1350 TYR A C   1 
ATOM   303  O  O   . TYR A 1 59  ? 1.532   -4.138  21.039  1.00 20.25  ? 1350 TYR A O   1 
ATOM   304  C  CB  . TYR A 1 59  ? -0.290  -5.757  19.609  1.00 24.32  ? 1350 TYR A CB  1 
ATOM   305  C  CG  . TYR A 1 59  ? -1.553  -6.352  19.031  1.00 26.59  ? 1350 TYR A CG  1 
ATOM   306  C  CD1 . TYR A 1 59  ? -1.922  -7.654  19.323  1.00 28.39  ? 1350 TYR A CD1 1 
ATOM   307  C  CD2 . TYR A 1 59  ? -2.403  -5.616  18.219  1.00 28.07  ? 1350 TYR A CD2 1 
ATOM   308  C  CE1 . TYR A 1 59  ? -3.092  -8.207  18.827  1.00 29.06  ? 1350 TYR A CE1 1 
ATOM   309  C  CE2 . TYR A 1 59  ? -3.583  -6.150  17.721  1.00 28.89  ? 1350 TYR A CE2 1 
ATOM   310  C  CZ  . TYR A 1 59  ? -3.929  -7.456  18.021  1.00 28.93  ? 1350 TYR A CZ  1 
ATOM   311  O  OH  . TYR A 1 59  ? -5.080  -8.006  17.529  1.00 29.02  ? 1350 TYR A OH  1 
ATOM   312  N  N   . PRO A 1 60  ? 1.047   -4.919  23.094  1.00 21.95  ? 1351 PRO A N   1 
ATOM   313  C  CA  . PRO A 1 60  ? 2.035   -4.067  23.770  1.00 20.62  ? 1351 PRO A CA  1 
ATOM   314  C  C   . PRO A 1 60  ? 3.504   -4.347  23.394  1.00 20.23  ? 1351 PRO A C   1 
ATOM   315  O  O   . PRO A 1 60  ? 4.335   -3.492  23.636  1.00 21.56  ? 1351 PRO A O   1 
ATOM   316  C  CB  . PRO A 1 60  ? 1.774   -4.348  25.268  1.00 21.75  ? 1351 PRO A CB  1 
ATOM   317  C  CG  . PRO A 1 60  ? 1.160   -5.731  25.291  1.00 21.35  ? 1351 PRO A CG  1 
ATOM   318  C  CD  . PRO A 1 60  ? 0.314   -5.787  24.036  1.00 22.60  ? 1351 PRO A CD  1 
ATOM   319  N  N   . ASP A 1 61  ? 3.769   -5.496  22.766  1.00 20.43  ? 1352 ASP A N   1 
ATOM   320  C  CA  . ASP A 1 61  ? 5.119   -5.890  22.278  1.00 18.87  ? 1352 ASP A CA  1 
ATOM   321  C  C   . ASP A 1 61  ? 5.316   -5.460  20.813  1.00 17.57  ? 1352 ASP A C   1 
ATOM   322  O  O   . ASP A 1 61  ? 6.438   -5.596  20.301  1.00 16.27  ? 1352 ASP A O   1 
ATOM   323  C  CB  . ASP A 1 61  ? 5.348   -7.395  22.468  1.00 20.20  ? 1352 ASP A CB  1 
ATOM   324  C  CG  . ASP A 1 61  ? 4.493   -8.289  21.597  1.00 20.92  ? 1352 ASP A CG  1 
ATOM   325  O  OD1 . ASP A 1 61  ? 3.438   -7.813  21.114  1.00 21.68  ? 1352 ASP A OD1 1 
ATOM   326  O  OD2 . ASP A 1 61  ? 4.896   -9.453  21.395  1.00 24.48  ? 1352 ASP A OD2 1 
ATOM   327  N  N   . TYR A 1 62  ? 4.301   -4.887  20.163  1.00 15.93  ? 1353 TYR A N   1 
ATOM   328  C  CA  . TYR A 1 62  ? 4.388   -4.610  18.698  1.00 14.77  ? 1353 TYR A CA  1 
ATOM   329  C  C   . TYR A 1 62  ? 5.663   -3.848  18.321  1.00 15.35  ? 1353 TYR A C   1 
ATOM   330  O  O   . TYR A 1 62  ? 6.344   -4.200  17.323  1.00 14.92  ? 1353 TYR A O   1 
ATOM   331  C  CB  . TYR A 1 62  ? 3.128   -3.883  18.232  1.00 15.26  ? 1353 TYR A CB  1 
ATOM   332  C  CG  . TYR A 1 62  ? 3.002   -3.805  16.733  1.00 14.50  ? 1353 TYR A CG  1 
ATOM   333  C  CD1 . TYR A 1 62  ? 2.696   -4.920  16.011  1.00 13.88  ? 1353 TYR A CD1 1 
ATOM   334  C  CD2 . TYR A 1 62  ? 3.176   -2.610  16.041  1.00 13.83  ? 1353 TYR A CD2 1 
ATOM   335  C  CE1 . TYR A 1 62  ? 2.563   -4.891  14.631  1.00 13.35  ? 1353 TYR A CE1 1 
ATOM   336  C  CE2 . TYR A 1 62  ? 2.986   -2.540  14.653  1.00 14.13  ? 1353 TYR A CE2 1 
ATOM   337  C  CZ  . TYR A 1 62  ? 2.761   -3.703  13.951  1.00 13.35  ? 1353 TYR A CZ  1 
ATOM   338  O  OH  . TYR A 1 62  ? 2.676   -3.723  12.579  1.00 14.15  ? 1353 TYR A OH  1 
ATOM   339  N  N   . ARG A 1 63  ? 6.000   -2.772  19.040  1.00 15.46  ? 1354 ARG A N   1 
ATOM   340  C  CA  . ARG A 1 63  ? 7.144   -1.921  18.690  1.00 16.23  ? 1354 ARG A CA  1 
ATOM   341  C  C   . ARG A 1 63  ? 8.484   -2.531  19.105  1.00 15.86  ? 1354 ARG A C   1 
ATOM   342  O  O   . ARG A 1 63  ? 9.504   -2.025  18.637  1.00 18.49  ? 1354 ARG A O   1 
ATOM   343  C  CB  . ARG A 1 63  ? 7.019   -0.538  19.319  1.00 18.30  ? 1354 ARG A CB  1 
ATOM   344  C  CG  . ARG A 1 63  ? 5.813   0.234   18.831  1.00 20.44  ? 1354 ARG A CG  1 
ATOM   345  C  CD  . ARG A 1 63  ? 5.803   0.488   17.328  1.00 25.05  ? 1354 ARG A CD  1 
ATOM   346  N  NE  . ARG A 1 63  ? 7.023   1.143   16.892  1.00 29.21  ? 1354 ARG A NE  1 
ATOM   347  C  CZ  . ARG A 1 63  ? 7.229   2.469   16.922  1.00 33.68  ? 1354 ARG A CZ  1 
ATOM   348  N  NH1 . ARG A 1 63  ? 6.282   3.301   17.334  1.00 36.97  ? 1354 ARG A NH1 1 
ATOM   349  N  NH2 . ARG A 1 63  ? 8.376   2.957   16.494  1.00 39.12  ? 1354 ARG A NH2 1 
ATOM   350  N  N   . ASP A 1 64  ? 8.499   -3.675  19.774  1.00 16.93  ? 1355 ASP A N   1 
ATOM   351  C  CA  . ASP A 1 64  ? 9.762   -4.435  19.999  1.00 18.12  ? 1355 ASP A CA  1 
ATOM   352  C  C   . ASP A 1 64  ? 10.132  -5.256  18.748  1.00 18.84  ? 1355 ASP A C   1 
ATOM   353  O  O   . ASP A 1 64  ? 11.311  -5.710  18.609  1.00 21.67  ? 1355 ASP A O   1 
ATOM   354  C  CB  . ASP A 1 64  ? 9.585   -5.409  21.154  1.00 19.74  ? 1355 ASP A CB  1 
ATOM   355  C  CG  . ASP A 1 64  ? 9.149   -4.787  22.466  1.00 22.87  ? 1355 ASP A CG  1 
ATOM   356  O  OD1 . ASP A 1 64  ? 9.343   -3.568  22.655  1.00 26.05  ? 1355 ASP A OD1 1 
ATOM   357  O  OD2 . ASP A 1 64  ? 8.560   -5.505  23.241  1.00 25.95  ? 1355 ASP A OD2 1 
ATOM   358  N  N   . ILE A 1 65  ? 9.158   -5.476  17.861  1.00 17.25  ? 1356 ILE A N   1 
ATOM   359  C  CA  . ILE A 1 65  ? 9.318   -6.251  16.595  1.00 17.10  ? 1356 ILE A CA  1 
ATOM   360  C  C   . ILE A 1 65  ? 9.342   -5.281  15.404  1.00 16.99  ? 1356 ILE A C   1 
ATOM   361  O  O   . ILE A 1 65  ? 10.245  -5.396  14.541  1.00 17.25  ? 1356 ILE A O   1 
ATOM   362  C  CB  . ILE A 1 65  ? 8.192   -7.302  16.472  1.00 17.51  ? 1356 ILE A CB  1 
ATOM   363  C  CG1 . ILE A 1 65  ? 7.950   -8.095  17.772  1.00 18.09  ? 1356 ILE A CG1 1 
ATOM   364  C  CG2 . ILE A 1 65  ? 8.431   -8.208  15.276  1.00 17.89  ? 1356 ILE A CG2 1 
ATOM   365  C  CD1 . ILE A 1 65  ? 9.104   -8.983  18.218  1.00 18.84  ? 1356 ILE A CD1 1 
ATOM   366  N  N   . ILE A 1 66  ? 8.415   -4.330  15.368  1.00 16.10  ? 1357 ILE A N   1 
ATOM   367  C  CA  . ILE A 1 66  ? 8.155   -3.484  14.176  1.00 16.17  ? 1357 ILE A CA  1 
ATOM   368  C  C   . ILE A 1 66  ? 8.741   -2.102  14.382  1.00 15.78  ? 1357 ILE A C   1 
ATOM   369  O  O   . ILE A 1 66  ? 8.296   -1.371  15.283  1.00 17.45  ? 1357 ILE A O   1 
ATOM   370  C  CB  . ILE A 1 66  ? 6.637   -3.452  13.913  1.00 15.28  ? 1357 ILE A CB  1 
ATOM   371  C  CG1 . ILE A 1 66  ? 6.112   -4.880  13.657  1.00 16.28  ? 1357 ILE A CG1 1 
ATOM   372  C  CG2 . ILE A 1 66  ? 6.344   -2.487  12.784  1.00 16.54  ? 1357 ILE A CG2 1 
ATOM   373  C  CD1 . ILE A 1 66  ? 6.789   -5.590  12.522  1.00 15.97  ? 1357 ILE A CD1 1 
ATOM   374  N  N   . ASP A 1 67  ? 9.734   -1.769  13.561  1.00 17.86  ? 1358 ASP A N   1 
ATOM   375  C  CA  . ASP A 1 67  ? 10.429  -0.458  13.665  1.00 20.89  ? 1358 ASP A CA  1 
ATOM   376  C  C   . ASP A 1 67  ? 9.577   0.675   13.080  1.00 18.72  ? 1358 ASP A C   1 
ATOM   377  O  O   . ASP A 1 67  ? 9.682   1.828   13.530  1.00 20.17  ? 1358 ASP A O   1 
ATOM   378  C  CB  . ASP A 1 67  ? 11.751  -0.497  12.905  1.00 23.81  ? 1358 ASP A CB  1 
ATOM   379  C  CG  . ASP A 1 67  ? 12.835  -1.369  13.501  1.00 32.58  ? 1358 ASP A CG  1 
ATOM   380  O  OD1 . ASP A 1 67  ? 12.740  -1.691  14.704  1.00 35.19  ? 1358 ASP A OD1 1 
ATOM   381  O  OD2 . ASP A 1 67  ? 13.747  -1.741  12.739  1.00 40.30  ? 1358 ASP A OD2 1 
ATOM   382  N  N   . THR A 1 68  ? 8.829   0.403   11.985  1.00 17.25  ? 1359 THR A N   1 
ATOM   383  C  CA  . THR A 1 68  ? 8.107   1.482   11.275  1.00 18.15  ? 1359 THR A CA  1 
ATOM   384  C  C   . THR A 1 68  ? 6.669   1.046   11.017  1.00 16.61  ? 1359 THR A C   1 
ATOM   385  O  O   . THR A 1 68  ? 6.390   0.426   9.963   1.00 15.72  ? 1359 THR A O   1 
ATOM   386  C  CB  . THR A 1 68  ? 8.775   1.858   9.946   1.00 18.22  ? 1359 THR A CB  1 
ATOM   387  O  OG1 . THR A 1 68  ? 10.164  2.110   10.184  1.00 21.89  ? 1359 THR A OG1 1 
ATOM   388  C  CG2 . THR A 1 68  ? 8.135   3.081   9.309   1.00 19.33  ? 1359 THR A CG2 1 
ATOM   389  N  N   . PRO A 1 69  ? 5.749   1.333   11.940  1.00 15.38  ? 1360 PRO A N   1 
ATOM   390  C  CA  . PRO A 1 69  ? 4.321   1.070   11.715  1.00 16.01  ? 1360 PRO A CA  1 
ATOM   391  C  C   . PRO A 1 69  ? 3.799   1.735   10.451  1.00 14.04  ? 1360 PRO A C   1 
ATOM   392  O  O   . PRO A 1 69  ? 4.204   2.808   10.078  1.00 15.19  ? 1360 PRO A O   1 
ATOM   393  C  CB  . PRO A 1 69  ? 3.635   1.608   12.967  1.00 16.79  ? 1360 PRO A CB  1 
ATOM   394  C  CG  . PRO A 1 69  ? 4.730   1.519   14.028  1.00 18.63  ? 1360 PRO A CG  1 
ATOM   395  C  CD  . PRO A 1 69  ? 5.983   1.947   13.278  1.00 16.84  ? 1360 PRO A CD  1 
ATOM   396  N  N   . MET A 1 70  ? 2.871   1.068   9.765   1.00 14.13  ? 1361 MET A N   1 
ATOM   397  C  CA  . MET A 1 70  ? 2.208   1.660   8.586   1.00 12.67  ? 1361 MET A CA  1 
ATOM   398  C  C   . MET A 1 70  ? 0.802   1.071   8.487   1.00 12.82  ? 1361 MET A C   1 
ATOM   399  O  O   . MET A 1 70  ? 0.574   -0.058  8.848   1.00 12.77  ? 1361 MET A O   1 
ATOM   400  C  CB  . MET A 1 70  ? 3.024   1.419   7.326   1.00 12.89  ? 1361 MET A CB  1 
ATOM   401  C  CG  . MET A 1 70  ? 2.530   2.193   6.139   1.00 12.79  ? 1361 MET A CG  1 
ATOM   402  S  SD  . MET A 1 70  ? 2.307   3.966   6.271   1.00 13.63  ? 1361 MET A SD  1 
ATOM   403  C  CE  . MET A 1 70  ? 3.965   4.450   6.789   1.00 17.55  ? 1361 MET A CE  1 
ATOM   404  N  N   . ASP A 1 71  ? -0.125  1.853   7.948   1.00 12.15  ? 1362 ASP A N   1 
ATOM   405  C  CA  . ASP A 1 71  ? -1.544  1.451   7.801   1.00 11.56  ? 1362 ASP A CA  1 
ATOM   406  C  C   . ASP A 1 71  ? -2.141  2.206   6.615   1.00 11.56  ? 1362 ASP A C   1 
ATOM   407  O  O   . ASP A 1 71  ? -1.590  3.233   6.152   1.00 11.72  ? 1362 ASP A O   1 
ATOM   408  C  CB  . ASP A 1 71  ? -2.305  1.722   9.095   1.00 13.04  ? 1362 ASP A CB  1 
ATOM   409  C  CG  . ASP A 1 71  ? -2.360  3.203   9.346   1.00 14.82  ? 1362 ASP A CG  1 
ATOM   410  O  OD1 . ASP A 1 71  ? -1.369  3.750   9.879   1.00 16.42  ? 1362 ASP A OD1 1 
ATOM   411  O  OD2 . ASP A 1 71  ? -3.344  3.801   8.860   1.00 15.70  ? 1362 ASP A OD2 1 
ATOM   412  N  N   . PHE A 1 72  ? -3.301  1.782   6.128   1.00 11.29  ? 1363 PHE A N   1 
ATOM   413  C  CA  . PHE A 1 72  ? -3.908  2.387   4.929   1.00 11.40  ? 1363 PHE A CA  1 
ATOM   414  C  C   . PHE A 1 72  ? -4.438  3.794   5.148   1.00 12.60  ? 1363 PHE A C   1 
ATOM   415  O  O   . PHE A 1 72  ? -4.461  4.575   4.194   1.00 12.21  ? 1363 PHE A O   1 
ATOM   416  C  CB  . PHE A 1 72  ? -4.958  1.480   4.298   1.00 12.26  ? 1363 PHE A CB  1 
ATOM   417  C  CG  . PHE A 1 72  ? -4.368  0.306   3.560   1.00 11.11  ? 1363 PHE A CG  1 
ATOM   418  C  CD1 . PHE A 1 72  ? -3.744  0.470   2.350   1.00 11.52  ? 1363 PHE A CD1 1 
ATOM   419  C  CD2 . PHE A 1 72  ? -4.435  -0.968  4.087   1.00 11.96  ? 1363 PHE A CD2 1 
ATOM   420  C  CE1 . PHE A 1 72  ? -3.231  -0.600  1.664   1.00 12.42  ? 1363 PHE A CE1 1 
ATOM   421  C  CE2 . PHE A 1 72  ? -3.923  -2.049  3.402   1.00 12.15  ? 1363 PHE A CE2 1 
ATOM   422  C  CZ  . PHE A 1 72  ? -3.282  -1.846  2.214   1.00 11.29  ? 1363 PHE A CZ  1 
ATOM   423  N  N   . ALA A 1 73  ? -4.885  4.130   6.357   1.00 11.89  ? 1364 ALA A N   1 
ATOM   424  C  CA  . ALA A 1 73  ? -5.302  5.523   6.645   1.00 13.07  ? 1364 ALA A CA  1 
ATOM   425  C  C   . ALA A 1 73  ? -4.092  6.460   6.559   1.00 12.52  ? 1364 ALA A C   1 
ATOM   426  O  O   . ALA A 1 73  ? -4.209  7.559   5.953   1.00 13.28  ? 1364 ALA A O   1 
ATOM   427  C  CB  . ALA A 1 73  ? -6.011  5.617   7.991   1.00 13.89  ? 1364 ALA A CB  1 
ATOM   428  N  N   . THR A 1 74  ? -2.954  6.040   7.066   1.00 12.14  ? 1365 THR A N   1 
ATOM   429  C  CA  . THR A 1 74  ? -1.720  6.851   6.926   1.00 12.86  ? 1365 THR A CA  1 
ATOM   430  C  C   . THR A 1 74  ? -1.345  7.000   5.452   1.00 11.03  ? 1365 THR A C   1 
ATOM   431  O  O   . THR A 1 74  ? -1.036  8.137   5.017   1.00 11.61  ? 1365 THR A O   1 
ATOM   432  C  CB  . THR A 1 74  ? -0.592  6.270   7.747   1.00 13.57  ? 1365 THR A CB  1 
ATOM   433  O  OG1 . THR A 1 74  ? -0.980  6.256   9.129   1.00 15.48  ? 1365 THR A OG1 1 
ATOM   434  C  CG2 . THR A 1 74  ? 0.708   7.016   7.580   1.00 14.18  ? 1365 THR A CG2 1 
ATOM   435  N  N   . VAL A 1 75  ? -1.419  5.943   4.672   1.00 11.03  ? 1366 VAL A N   1 
ATOM   436  C  CA  . VAL A 1 75  ? -1.122  6.067   3.210   1.00 10.61  ? 1366 VAL A CA  1 
ATOM   437  C  C   . VAL A 1 75  ? -2.071  7.048   2.511   1.00 10.84  ? 1366 VAL A C   1 
ATOM   438  O  O   . VAL A 1 75  ? -1.609  7.939   1.766   1.00 11.56  ? 1366 VAL A O   1 
ATOM   439  C  CB  . VAL A 1 75  ? -1.139  4.686   2.537   1.00 11.15  ? 1366 VAL A CB  1 
ATOM   440  C  CG1 . VAL A 1 75  ? -0.972  4.832   1.041   1.00 11.80  ? 1366 VAL A CG1 1 
ATOM   441  C  CG2 . VAL A 1 75  ? -0.070  3.775   3.142   1.00 11.69  ? 1366 VAL A CG2 1 
ATOM   442  N  N   . ARG A 1 76  ? -3.372  6.937   2.775   1.00 10.73  ? 1367 ARG A N   1 
ATOM   443  C  CA  . ARG A 1 76  ? -4.359  7.842   2.156   1.00 12.62  ? 1367 ARG A CA  1 
ATOM   444  C  C   . ARG A 1 76  ? -4.090  9.295   2.572   1.00 12.10  ? 1367 ARG A C   1 
ATOM   445  O  O   . ARG A 1 76  ? -4.194  10.222  1.713   1.00 12.72  ? 1367 ARG A O   1 
ATOM   446  C  CB  . ARG A 1 76  ? -5.752  7.419   2.609   1.00 14.14  ? 1367 ARG A CB  1 
ATOM   447  C  CG  . ARG A 1 76  ? -6.870  8.268   2.042   1.00 18.52  ? 1367 ARG A CG  1 
ATOM   448  C  CD  . ARG A 1 76  ? -8.174  7.720   2.594   1.00 23.68  ? 1367 ARG A CD  1 
ATOM   449  N  NE  . ARG A 1 76  ? -8.766  6.802   1.660   1.00 26.63  ? 1367 ARG A NE  1 
ATOM   450  C  CZ  . ARG A 1 76  ? -9.838  6.043   1.902   1.00 27.56  ? 1367 ARG A CZ  1 
ATOM   451  N  NH1 . ARG A 1 76  ? -10.333 5.921   3.126   1.00 26.65  ? 1367 ARG A NH1 1 
ATOM   452  N  NH2 . ARG A 1 76  ? -10.357 5.357   0.910   1.00 28.33  ? 1367 ARG A NH2 1 
ATOM   453  N  N   . GLU A 1 77  ? -3.840  9.532   3.853   1.00 12.14  ? 1368 GLU A N   1 
ATOM   454  C  CA  . GLU A 1 77  ? -3.560  10.908  4.325   1.00 13.06  ? 1368 GLU A CA  1 
ATOM   455  C  C   . GLU A 1 77  ? -2.299  11.436  3.667   1.00 12.99  ? 1368 GLU A C   1 
ATOM   456  O  O   . GLU A 1 77  ? -2.248  12.629  3.395   1.00 13.10  ? 1368 GLU A O   1 
ATOM   457  C  CB  . GLU A 1 77  ? -3.433  10.846  5.841   1.00 15.96  ? 1368 GLU A CB  1 
ATOM   458  C  CG  . GLU A 1 77  ? -4.749  10.687  6.570   1.00 20.46  ? 1368 GLU A CG  1 
ATOM   459  C  CD  . GLU A 1 77  ? -4.697  10.144  8.005   1.00 28.29  ? 1368 GLU A CD  1 
ATOM   460  O  OE1 . GLU A 1 77  ? -3.572  9.965   8.589   1.00 31.70  ? 1368 GLU A OE1 1 
ATOM   461  O  OE2 . GLU A 1 77  ? -5.810  9.855   8.548   1.00 36.46  ? 1368 GLU A OE2 1 
ATOM   462  N  N   . THR A 1 78  ? -1.245  10.656  3.574   1.00 12.56  ? 1369 THR A N   1 
ATOM   463  C  CA  . THR A 1 78  ? 0.020   11.113  2.947   1.00 11.47  ? 1369 THR A CA  1 
ATOM   464  C  C   . THR A 1 78  ? -0.267  11.498  1.499   1.00 12.77  ? 1369 THR A C   1 
ATOM   465  O  O   . THR A 1 78  ? 0.235   12.577  0.992   1.00 13.08  ? 1369 THR A O   1 
ATOM   466  C  CB  . THR A 1 78  ? 1.081   10.017  3.055   1.00 11.64  ? 1369 THR A CB  1 
ATOM   467  O  OG1 . THR A 1 78  ? 1.306   9.685   4.416   1.00 13.12  ? 1369 THR A OG1 1 
ATOM   468  C  CG2 . THR A 1 78  ? 2.410   10.414  2.461   1.00 12.89  ? 1369 THR A CG2 1 
ATOM   469  N  N   . LEU A 1 79  ? -1.014  10.675  0.776   1.00 12.06  ? 1370 LEU A N   1 
ATOM   470  C  CA  . LEU A 1 79  ? -1.401  10.972  -0.622  1.00 12.54  ? 1370 LEU A CA  1 
ATOM   471  C  C   . LEU A 1 79  ? -2.175  12.285  -0.707  1.00 12.57  ? 1370 LEU A C   1 
ATOM   472  O  O   . LEU A 1 79  ? -1.840  13.208  -1.539  1.00 12.84  ? 1370 LEU A O   1 
ATOM   473  C  CB  . LEU A 1 79  ? -2.171  9.763   -1.170  1.00 12.03  ? 1370 LEU A CB  1 
ATOM   474  C  CG  . LEU A 1 79  ? -2.554  9.865   -2.653  1.00 12.34  ? 1370 LEU A CG  1 
ATOM   475  C  CD1 . LEU A 1 79  ? -1.317  9.857   -3.524  1.00 12.87  ? 1370 LEU A CD1 1 
ATOM   476  C  CD2 . LEU A 1 79  ? -3.479  8.716   -3.024  1.00 13.92  ? 1370 LEU A CD2 1 
ATOM   477  N  N   . GLU A 1 80  ? -3.225  12.420  0.111   1.00 12.93  ? 1371 GLU A N   1 
ATOM   478  C  CA  . GLU A 1 80  ? -4.113  13.621  0.083   1.00 14.27  ? 1371 GLU A CA  1 
ATOM   479  C  C   . GLU A 1 80  ? -3.346  14.890  0.481   1.00 14.06  ? 1371 GLU A C   1 
ATOM   480  O  O   . GLU A 1 80  ? -3.650  15.975  -0.045  1.00 14.65  ? 1371 GLU A O   1 
ATOM   481  C  CB  . GLU A 1 80  ? -5.325  13.428  0.998   1.00 15.25  ? 1371 GLU A CB  1 
ATOM   482  C  CG  . GLU A 1 80  ? -6.303  14.592  0.943   1.00 17.95  ? 1371 GLU A CG  1 
ATOM   483  C  CD  . GLU A 1 80  ? -6.742  15.016  -0.448  1.00 20.94  ? 1371 GLU A CD  1 
ATOM   484  O  OE1 . GLU A 1 80  ? -6.790  14.149  -1.358  1.00 23.64  ? 1371 GLU A OE1 1 
ATOM   485  O  OE2 . GLU A 1 80  ? -7.013  16.231  -0.630  1.00 23.52  ? 1371 GLU A OE2 1 
ATOM   486  N  N   . ALA A 1 81  ? -2.366  14.779  1.363   1.00 13.93  ? 1372 ALA A N   1 
ATOM   487  C  CA  . ALA A 1 81  ? -1.551  15.946  1.788   1.00 14.37  ? 1372 ALA A CA  1 
ATOM   488  C  C   . ALA A 1 81  ? -0.603  16.383  0.677   1.00 14.46  ? 1372 ALA A C   1 
ATOM   489  O  O   . ALA A 1 81  ? 0.027   17.457  0.762   1.00 15.83  ? 1372 ALA A O   1 
ATOM   490  C  CB  . ALA A 1 81  ? -0.756  15.586  3.001   1.00 15.60  ? 1372 ALA A CB  1 
ATOM   491  N  N   . GLY A 1 82  ? -0.472  15.630  -0.421  1.00 13.61  ? 1373 GLY A N   1 
ATOM   492  C  CA  . GLY A 1 82  ? 0.520   15.957  -1.428  1.00 13.05  ? 1373 GLY A CA  1 
ATOM   493  C  C   . GLY A 1 82  ? 1.888   15.651  -0.957  1.00 12.54  ? 1373 GLY A C   1 
ATOM   494  O  O   . GLY A 1 82  ? 2.828   16.346  -1.324  1.00 13.93  ? 1373 GLY A O   1 
ATOM   495  N  N   . ASN A 1 83  ? 2.088   14.557  -0.219  1.00 11.98  ? 1374 ASN A N   1 
ATOM   496  C  CA  . ASN A 1 83  ? 3.406   14.194  0.331   1.00 12.81  ? 1374 ASN A CA  1 
ATOM   497  C  C   . ASN A 1 83  ? 3.982   12.877  -0.244  1.00 12.56  ? 1374 ASN A C   1 
ATOM   498  O  O   . ASN A 1 83  ? 5.009   12.363  0.244   1.00 12.91  ? 1374 ASN A O   1 
ATOM   499  C  CB  . ASN A 1 83  ? 3.355   14.134  1.852   1.00 13.93  ? 1374 ASN A CB  1 
ATOM   500  C  CG  . ASN A 1 83  ? 3.224   15.473  2.562   1.00 14.86  ? 1374 ASN A CG  1 
ATOM   501  O  OD1 . ASN A 1 83  ? 3.107   15.469  3.796   1.00 18.36  ? 1374 ASN A OD1 1 
ATOM   502  N  ND2 . ASN A 1 83  ? 3.233   16.617  1.898   1.00 14.76  ? 1374 ASN A ND2 1 
ATOM   503  N  N   . TYR A 1 84  ? 3.361   12.386  -1.330  1.00 12.55  ? 1375 TYR A N   1 
ATOM   504  C  CA  . TYR A 1 84  ? 3.997   11.422  -2.245  1.00 12.64  ? 1375 TYR A CA  1 
ATOM   505  C  C   . TYR A 1 84  ? 4.386   12.145  -3.540  1.00 12.18  ? 1375 TYR A C   1 
ATOM   506  O  O   . TYR A 1 84  ? 3.541   12.825  -4.109  1.00 14.39  ? 1375 TYR A O   1 
ATOM   507  C  CB  . TYR A 1 84  ? 3.137   10.189  -2.545  1.00 12.13  ? 1375 TYR A CB  1 
ATOM   508  C  CG  . TYR A 1 84  ? 2.912   9.234   -1.408  1.00 10.63  ? 1375 TYR A CG  1 
ATOM   509  C  CD1 . TYR A 1 84  ? 3.958   8.698   -0.695  1.00 10.94  ? 1375 TYR A CD1 1 
ATOM   510  C  CD2 . TYR A 1 84  ? 1.645   8.897   -0.995  1.00 10.47  ? 1375 TYR A CD2 1 
ATOM   511  C  CE1 . TYR A 1 84  ? 3.766   7.794   0.342   1.00 10.67  ? 1375 TYR A CE1 1 
ATOM   512  C  CE2 . TYR A 1 84  ? 1.420   7.993   0.009   1.00 10.65  ? 1375 TYR A CE2 1 
ATOM   513  C  CZ  . TYR A 1 84  ? 2.483   7.452   0.689   1.00 10.90  ? 1375 TYR A CZ  1 
ATOM   514  O  OH  . TYR A 1 84  ? 2.214   6.581   1.698   1.00 12.88  ? 1375 TYR A OH  1 
ATOM   515  N  N   . GLU A 1 85  ? 5.640   11.957  -3.970  1.00 13.56  ? 1376 GLU A N   1 
ATOM   516  C  CA  . GLU A 1 85  ? 6.027   12.489  -5.319  1.00 14.94  ? 1376 GLU A CA  1 
ATOM   517  C  C   . GLU A 1 85  ? 5.754   11.507  -6.471  1.00 15.07  ? 1376 GLU A C   1 
ATOM   518  O  O   . GLU A 1 85  ? 5.590   11.937  -7.655  1.00 19.76  ? 1376 GLU A O   1 
ATOM   519  C  CB  . GLU A 1 85  ? 7.515   12.802  -5.322  1.00 17.29  ? 1376 GLU A CB  1 
ATOM   520  C  CG  . GLU A 1 85  ? 7.885   13.576  -6.588  1.00 22.42  ? 1376 GLU A CG  1 
ATOM   521  C  CD  . GLU A 1 85  ? 9.347   13.960  -6.647  1.00 27.33  ? 1376 GLU A CD  1 
ATOM   522  O  OE1 . GLU A 1 85  ? 10.116  13.512  -5.748  1.00 32.68  ? 1376 GLU A OE1 1 
ATOM   523  O  OE2 . GLU A 1 85  ? 9.699   14.766  -7.561  1.00 33.16  ? 1376 GLU A OE2 1 
ATOM   524  N  N   . SER A 1 86  ? 5.616   10.215  -6.191  1.00 13.84  ? 1377 SER A N   1 
ATOM   525  C  CA  . SER A 1 86  ? 5.483   9.171   -7.231  1.00 13.41  ? 1377 SER A CA  1 
ATOM   526  C  C   . SER A 1 86  ? 4.689   8.012   -6.681  1.00 12.63  ? 1377 SER A C   1 
ATOM   527  O  O   . SER A 1 86  ? 4.603   7.810   -5.456  1.00 13.01  ? 1377 SER A O   1 
ATOM   528  C  CB  . SER A 1 86  ? 6.816   8.672   -7.663  1.00 14.22  ? 1377 SER A CB  1 
ATOM   529  O  OG  . SER A 1 86  ? 7.442   7.907   -6.652  1.00 15.46  ? 1377 SER A OG  1 
ATOM   530  N  N   . PRO A 1 87  ? 4.133   7.170   -7.564  1.00 12.12  ? 1378 PRO A N   1 
ATOM   531  C  CA  . PRO A 1 87  ? 3.434   5.982   -7.073  1.00 11.64  ? 1378 PRO A CA  1 
ATOM   532  C  C   . PRO A 1 87  ? 4.399   4.935   -6.506  1.00 11.32  ? 1378 PRO A C   1 
ATOM   533  O  O   . PRO A 1 87  ? 3.961   4.097   -5.722  1.00 12.09  ? 1378 PRO A O   1 
ATOM   534  C  CB  . PRO A 1 87  ? 2.712   5.441   -8.329  1.00 12.59  ? 1378 PRO A CB  1 
ATOM   535  C  CG  . PRO A 1 87  ? 3.526   5.977   -9.491  1.00 13.10  ? 1378 PRO A CG  1 
ATOM   536  C  CD  . PRO A 1 87  ? 3.976   7.347   -9.028  1.00 12.93  ? 1378 PRO A CD  1 
ATOM   537  N  N   . MET A 1 88  ? 5.693   4.971   -6.867  1.00 11.14  ? 1379 MET A N   1 
ATOM   538  C  CA  . MET A 1 88  ? 6.683   4.080   -6.268  1.00 11.70  ? 1379 MET A CA  1 
ATOM   539  C  C   . MET A 1 88  ? 6.769   4.324   -4.758  1.00 10.89  ? 1379 MET A C   1 
ATOM   540  O  O   . MET A 1 88  ? 6.904   3.373   -3.975  1.00 11.65  ? 1379 MET A O   1 
ATOM   541  C  CB  . MET A 1 88  ? 8.059   4.229   -6.907  1.00 12.22  ? 1379 MET A CB  1 
ATOM   542  C  CG  . MET A 1 88  ? 8.083   3.836   -8.384  1.00 13.22  ? 1379 MET A CG  1 
ATOM   543  S  SD  . MET A 1 88  ? 7.552   5.133   -9.545  1.00 15.09  ? 1379 MET A SD  1 
ATOM   544  C  CE  . MET A 1 88  ? 9.063   6.091   -9.673  1.00 17.26  ? 1379 MET A CE  1 
ATOM   545  N  N   . GLU A 1 89  ? 6.699   5.581   -4.319  1.00 11.03  ? 1380 GLU A N   1 
ATOM   546  C  CA  . GLU A 1 89  ? 6.765   5.868   -2.879  1.00 11.55  ? 1380 GLU A CA  1 
ATOM   547  C  C   . GLU A 1 89  ? 5.527   5.299   -2.190  1.00 11.39  ? 1380 GLU A C   1 
ATOM   548  O  O   . GLU A 1 89  ? 5.640   4.762   -1.059  1.00 11.93  ? 1380 GLU A O   1 
ATOM   549  C  CB  . GLU A 1 89  ? 6.855   7.368   -2.628  1.00 13.13  ? 1380 GLU A CB  1 
ATOM   550  C  CG  . GLU A 1 89  ? 8.136   8.027   -3.100  1.00 13.99  ? 1380 GLU A CG  1 
ATOM   551  C  CD  . GLU A 1 89  ? 8.141   9.533   -2.872  1.00 14.31  ? 1380 GLU A CD  1 
ATOM   552  O  OE1 . GLU A 1 89  ? 7.127   10.096  -2.610  1.00 14.98  ? 1380 GLU A OE1 1 
ATOM   553  O  OE2 . GLU A 1 89  ? 9.265   10.115  -3.034  1.00 19.84  ? 1380 GLU A OE2 1 
ATOM   554  N  N   . LEU A 1 90  ? 4.320   5.507   -2.729  1.00 10.49  ? 1381 LEU A N   1 
ATOM   555  C  CA  . LEU A 1 90  ? 3.089   4.926   -2.166  1.00 10.73  ? 1381 LEU A CA  1 
ATOM   556  C  C   . LEU A 1 90  ? 3.202   3.404   -2.071  1.00 11.15  ? 1381 LEU A C   1 
ATOM   557  O  O   . LEU A 1 90  ? 2.822   2.793   -1.042  1.00 10.97  ? 1381 LEU A O   1 
ATOM   558  C  CB  . LEU A 1 90  ? 1.886   5.401   -2.973  1.00 10.85  ? 1381 LEU A CB  1 
ATOM   559  C  CG  . LEU A 1 90  ? 0.531   4.843   -2.515  1.00 11.30  ? 1381 LEU A CG  1 
ATOM   560  C  CD1 . LEU A 1 90  ? -0.579  5.869   -2.698  1.00 11.74  ? 1381 LEU A CD1 1 
ATOM   561  C  CD2 . LEU A 1 90  ? 0.181   3.541   -3.211  1.00 12.05  ? 1381 LEU A CD2 1 
ATOM   562  N  N   A CYS A 1 91  ? 3.685   2.780   -3.147  0.35 11.31  ? 1382 CYS A N   1 
ATOM   563  N  N   B CYS A 1 91  ? 3.684   2.764   -3.134  0.15 11.53  ? 1382 CYS A N   1 
ATOM   564  C  CA  A CYS A 1 91  ? 3.835   1.311   -3.222  0.35 11.78  ? 1382 CYS A CA  1 
ATOM   565  C  CA  B CYS A 1 91  ? 3.893   1.296   -3.147  0.15 11.95  ? 1382 CYS A CA  1 
ATOM   566  C  C   A CYS A 1 91  ? 4.795   0.824   -2.111  0.35 12.35  ? 1382 CYS A C   1 
ATOM   567  C  C   B CYS A 1 91  ? 4.760   0.862   -1.982  0.15 12.24  ? 1382 CYS A C   1 
ATOM   568  O  O   A CYS A 1 91  ? 4.522   -0.240  -1.518  0.35 12.66  ? 1382 CYS A O   1 
ATOM   569  O  O   B CYS A 1 91  ? 4.420   -0.132  -1.311  0.15 12.50  ? 1382 CYS A O   1 
ATOM   570  C  CB  A CYS A 1 91  ? 4.243   0.938   -4.644  0.35 12.23  ? 1382 CYS A CB  1 
ATOM   571  C  CB  B CYS A 1 91  ? 4.615   0.851   -4.398  0.15 12.35  ? 1382 CYS A CB  1 
ATOM   572  S  SG  A CYS A 1 91  ? 4.275   -0.843  -4.956  0.35 13.26  ? 1382 CYS A SG  1 
ATOM   573  S  SG  B CYS A 1 91  ? 3.411   0.707   -5.719  0.15 13.02  ? 1382 CYS A SG  1 
ATOM   574  N  N   . LYS A 1 92  ? 5.884   1.547   -1.816  1.00 12.40  ? 1383 LYS A N   1 
ATOM   575  C  CA  . LYS A 1 92  ? 6.815   1.175   -0.753  1.00 12.45  ? 1383 LYS A CA  1 
ATOM   576  C  C   . LYS A 1 92  ? 6.072   1.159   0.591   1.00 12.62  ? 1383 LYS A C   1 
ATOM   577  O  O   . LYS A 1 92  ? 6.261   0.217   1.360   1.00 12.26  ? 1383 LYS A O   1 
ATOM   578  C  CB  . LYS A 1 92  ? 8.007   2.129   -0.799  1.00 14.51  ? 1383 LYS A CB  1 
ATOM   579  C  CG  . LYS A 1 92  ? 9.067   1.822   0.224   1.00 17.40  ? 1383 LYS A CG  1 
ATOM   580  C  CD  . LYS A 1 92  ? 10.320  2.671   0.021   1.00 20.99  ? 1383 LYS A CD  1 
ATOM   581  C  CE  . LYS A 1 92  ? 11.144  2.626   1.305   1.00 28.93  ? 1383 LYS A CE  1 
ATOM   582  N  NZ  . LYS A 1 92  ? 12.358  3.497   1.285   1.00 35.59  ? 1383 LYS A NZ  1 
ATOM   583  N  N   . ASP A 1 93  ? 5.274   2.177   0.879   1.00 11.33  ? 1384 ASP A N   1 
ATOM   584  C  CA  . ASP A 1 93  ? 4.534   2.209   2.161   1.00 11.01  ? 1384 ASP A CA  1 
ATOM   585  C  C   . ASP A 1 93  ? 3.476   1.080   2.242   1.00 10.03  ? 1384 ASP A C   1 
ATOM   586  O  O   . ASP A 1 93  ? 3.303   0.479   3.281   1.00 10.70  ? 1384 ASP A O   1 
ATOM   587  C  CB  . ASP A 1 93  ? 3.894   3.562   2.392   1.00 11.59  ? 1384 ASP A CB  1 
ATOM   588  C  CG  . ASP A 1 93  ? 4.803   4.648   2.922   1.00 14.10  ? 1384 ASP A CG  1 
ATOM   589  O  OD1 . ASP A 1 93  ? 6.014   4.285   3.205   1.00 17.30  ? 1384 ASP A OD1 1 
ATOM   590  O  OD2 . ASP A 1 93  ? 4.397   5.845   2.911   1.00 14.29  ? 1384 ASP A OD2 1 
ATOM   591  N  N   . VAL A 1 94  ? 2.771   0.819   1.128   1.00 10.46  ? 1385 VAL A N   1 
ATOM   592  C  CA  . VAL A 1 94  ? 1.759   -0.273  1.170   1.00 10.41  ? 1385 VAL A CA  1 
ATOM   593  C  C   . VAL A 1 94  ? 2.482   -1.605  1.404   1.00 10.75  ? 1385 VAL A C   1 
ATOM   594  O  O   . VAL A 1 94  ? 2.015   -2.435  2.193   1.00 10.59  ? 1385 VAL A O   1 
ATOM   595  C  CB  . VAL A 1 94  ? 0.893   -0.295  -0.102  1.00 10.16  ? 1385 VAL A CB  1 
ATOM   596  C  CG1 . VAL A 1 94  ? 0.064   -1.566  -0.147  1.00 10.78  ? 1385 VAL A CG1 1 
ATOM   597  C  CG2 . VAL A 1 94  ? 0.031   0.961   -0.216  1.00 10.63  ? 1385 VAL A CG2 1 
ATOM   598  N  N   . ARG A 1 95  ? 3.619   -1.822  0.722   1.00 10.42  ? 1386 ARG A N   1 
ATOM   599  C  CA  . ARG A 1 95  ? 4.372   -3.078  0.920   1.00 10.69  ? 1386 ARG A CA  1 
ATOM   600  C  C   . ARG A 1 95  ? 4.859   -3.189  2.355   1.00 10.80  ? 1386 ARG A C   1 
ATOM   601  O  O   . ARG A 1 95  ? 4.948   -4.337  2.872   1.00 11.72  ? 1386 ARG A O   1 
ATOM   602  C  CB  . ARG A 1 95  ? 5.478   -3.197  -0.137  1.00 11.20  ? 1386 ARG A CB  1 
ATOM   603  C  CG  . ARG A 1 95  ? 4.917   -3.509  -1.513  1.00 12.17  ? 1386 ARG A CG  1 
ATOM   604  C  CD  . ARG A 1 95  ? 5.983   -3.358  -2.569  1.00 13.76  ? 1386 ARG A CD  1 
ATOM   605  N  NE  . ARG A 1 95  ? 5.495   -3.738  -3.868  1.00 15.64  ? 1386 ARG A NE  1 
ATOM   606  C  CZ  . ARG A 1 95  ? 6.198   -3.638  -4.998  1.00 17.52  ? 1386 ARG A CZ  1 
ATOM   607  N  NH1 . ARG A 1 95  ? 7.397   -3.061  -5.038  1.00 19.31  ? 1386 ARG A NH1 1 
ATOM   608  N  NH2 . ARG A 1 95  ? 5.676   -4.102  -6.120  1.00 19.16  ? 1386 ARG A NH2 1 
ATOM   609  N  N   . LEU A 1 96  ? 5.133   -2.086  3.010   1.00 10.89  ? 1387 LEU A N   1 
ATOM   610  C  CA  . LEU A 1 96  ? 5.527   -2.086  4.448   1.00 11.16  ? 1387 LEU A CA  1 
ATOM   611  C  C   . LEU A 1 96  ? 4.378   -2.596  5.339   1.00 10.94  ? 1387 LEU A C   1 
ATOM   612  O  O   . LEU A 1 96  ? 4.628   -3.308  6.343   1.00 11.61  ? 1387 LEU A O   1 
ATOM   613  C  CB  . LEU A 1 96  ? 5.963   -0.678  4.840   1.00 11.92  ? 1387 LEU A CB  1 
ATOM   614  C  CG  . LEU A 1 96  ? 6.450   -0.455  6.266   1.00 13.16  ? 1387 LEU A CG  1 
ATOM   615  C  CD1 . LEU A 1 96  ? 7.608   -1.347  6.654   1.00 14.94  ? 1387 LEU A CD1 1 
ATOM   616  C  CD2 . LEU A 1 96  ? 6.778   1.028   6.464   1.00 13.86  ? 1387 LEU A CD2 1 
ATOM   617  N  N   . ILE A 1 97  ? 3.139   -2.219  5.008   1.00 10.66  ? 1388 ILE A N   1 
ATOM   618  C  CA  . ILE A 1 97  ? 1.970   -2.766  5.761   1.00 10.45  ? 1388 ILE A CA  1 
ATOM   619  C  C   . ILE A 1 97  ? 2.088   -4.295  5.751   1.00 10.78  ? 1388 ILE A C   1 
ATOM   620  O  O   . ILE A 1 97  ? 1.915   -4.968  6.785   1.00 11.61  ? 1388 ILE A O   1 
ATOM   621  C  CB  . ILE A 1 97  ? 0.641   -2.283  5.162   1.00 10.44  ? 1388 ILE A CB  1 
ATOM   622  C  CG1 . ILE A 1 97  ? 0.532   -0.752  5.214   1.00 10.33  ? 1388 ILE A CG1 1 
ATOM   623  C  CG2 . ILE A 1 97  ? -0.526  -2.975  5.843   1.00 11.13  ? 1388 ILE A CG2 1 
ATOM   624  C  CD1 . ILE A 1 97  ? -0.686  -0.173  4.467   1.00 10.75  ? 1388 ILE A CD1 1 
ATOM   625  N  N   . PHE A 1 98  ? 2.336   -4.863  4.579   1.00 9.91   ? 1389 PHE A N   1 
ATOM   626  C  CA  . PHE A 1 98  ? 2.333   -6.337  4.438   1.00 10.90  ? 1389 PHE A CA  1 
ATOM   627  C  C   . PHE A 1 98  ? 3.578   -6.940  5.091   1.00 11.17  ? 1389 PHE A C   1 
ATOM   628  O  O   . PHE A 1 98  ? 3.471   -8.017  5.698   1.00 11.74  ? 1389 PHE A O   1 
ATOM   629  C  CB  . PHE A 1 98  ? 2.136   -6.756  2.976   1.00 11.77  ? 1389 PHE A CB  1 
ATOM   630  C  CG  . PHE A 1 98  ? 0.883   -6.182  2.345   1.00 11.08  ? 1389 PHE A CG  1 
ATOM   631  C  CD1 . PHE A 1 98  ? -0.352  -6.270  2.956   1.00 13.35  ? 1389 PHE A CD1 1 
ATOM   632  C  CD2 . PHE A 1 98  ? 0.901   -5.560  1.115   1.00 11.99  ? 1389 PHE A CD2 1 
ATOM   633  C  CE1 . PHE A 1 98  ? -1.525  -5.764  2.393   1.00 14.23  ? 1389 PHE A CE1 1 
ATOM   634  C  CE2 . PHE A 1 98  ? -0.296  -5.082  0.570   1.00 12.28  ? 1389 PHE A CE2 1 
ATOM   635  C  CZ  . PHE A 1 98  ? -1.466  -5.201  1.193   1.00 13.83  ? 1389 PHE A CZ  1 
ATOM   636  N  N   . SER A 1 99  ? 4.756   -6.338  4.905   1.00 11.64  ? 1390 SER A N   1 
ATOM   637  C  CA  . SER A 1 99  ? 5.953   -6.914  5.557   1.00 11.89  ? 1390 SER A CA  1 
ATOM   638  C  C   . SER A 1 99  ? 5.801   -6.822  7.074   1.00 12.15  ? 1390 SER A C   1 
ATOM   639  O  O   . SER A 1 99  ? 6.292   -7.754  7.782   1.00 11.48  ? 1390 SER A O   1 
ATOM   640  C  CB  . SER A 1 99  ? 7.182   -6.276  5.007   1.00 13.05  ? 1390 SER A CB  1 
ATOM   641  O  OG  . SER A 1 99  ? 7.272   -4.936  5.271   1.00 14.89  ? 1390 SER A OG  1 
ATOM   642  N  N   . ASN A 1 100 ? 5.232   -5.758  7.622   1.00 11.59  ? 1391 ASN A N   1 
ATOM   643  C  CA  . ASN A 1 100 ? 5.002   -5.698  9.078   1.00 11.33  ? 1391 ASN A CA  1 
ATOM   644  C  C   . ASN A 1 100 ? 4.118   -6.854  9.523   1.00 12.61  ? 1391 ASN A C   1 
ATOM   645  O  O   . ASN A 1 100 ? 4.400   -7.492  10.564  1.00 13.04  ? 1391 ASN A O   1 
ATOM   646  C  CB  . ASN A 1 100 ? 4.426   -4.366  9.495   1.00 12.21  ? 1391 ASN A CB  1 
ATOM   647  C  CG  . ASN A 1 100 ? 5.381   -3.200  9.419   1.00 12.57  ? 1391 ASN A CG  1 
ATOM   648  O  OD1 . ASN A 1 100 ? 6.616   -3.375  9.325   1.00 13.01  ? 1391 ASN A OD1 1 
ATOM   649  N  ND2 . ASN A 1 100 ? 4.845   -2.020  9.538   1.00 13.15  ? 1391 ASN A ND2 1 
ATOM   650  N  N   . SER A 1 101 ? 3.031   -7.122  8.789   1.00 11.50  ? 1392 SER A N   1 
ATOM   651  C  CA  . SER A 1 101 ? 2.133   -8.231  9.178   1.00 11.50  ? 1392 SER A CA  1 
ATOM   652  C  C   . SER A 1 101 ? 2.929   -9.558  9.202   1.00 11.50  ? 1392 SER A C   1 
ATOM   653  O  O   . SER A 1 101 ? 2.730   -10.412 10.105  1.00 12.61  ? 1392 SER A O   1 
ATOM   654  C  CB  . SER A 1 101 ? 0.920   -8.244  8.234   1.00 11.35  ? 1392 SER A CB  1 
ATOM   655  O  OG  . SER A 1 101 ? 0.059   -9.353  8.574   1.00 13.28  ? 1392 SER A OG  1 
ATOM   656  N  N   . LYS A 1 102 ? 3.735   -9.793  8.165   1.00 12.01  ? 1393 LYS A N   1 
ATOM   657  C  CA  . LYS A 1 102 ? 4.544   -11.042 8.102   1.00 12.18  ? 1393 LYS A CA  1 
ATOM   658  C  C   . LYS A 1 102 ? 5.568   -11.126 9.242   1.00 12.90  ? 1393 LYS A C   1 
ATOM   659  O  O   . LYS A 1 102 ? 5.762   -12.231 9.790   1.00 14.30  ? 1393 LYS A O   1 
ATOM   660  C  CB  . LYS A 1 102 ? 5.233   -11.112 6.747   1.00 13.26  ? 1393 LYS A CB  1 
ATOM   661  C  CG  . LYS A 1 102 ? 5.916   -12.447 6.460   1.00 13.81  ? 1393 LYS A CG  1 
ATOM   662  C  CD  . LYS A 1 102 ? 6.443   -12.519 5.087   1.00 15.61  ? 1393 LYS A CD  1 
ATOM   663  C  CE  . LYS A 1 102 ? 6.918   -13.914 4.757   1.00 16.87  ? 1393 LYS A CE  1 
ATOM   664  N  NZ  . LYS A 1 102 ? 7.289   -14.025 3.333   1.00 20.03  ? 1393 LYS A NZ  1 
ATOM   665  N  N   . ALA A 1 103 ? 6.161   -10.026 9.594   1.00 13.16  ? 1394 ALA A N   1 
ATOM   666  C  CA  . ALA A 1 103 ? 7.166   -10.011 10.683  1.00 14.24  ? 1394 ALA A CA  1 
ATOM   667  C  C   . ALA A 1 103 ? 6.496   -10.197 12.029  1.00 14.14  ? 1394 ALA A C   1 
ATOM   668  O  O   . ALA A 1 103 ? 7.103   -10.857 12.915  1.00 15.70  ? 1394 ALA A O   1 
ATOM   669  C  CB  . ALA A 1 103 ? 7.910   -8.707  10.636  1.00 14.10  ? 1394 ALA A CB  1 
ATOM   670  N  N   . TYR A 1 104 ? 5.283   -9.708  12.249  1.00 13.05  ? 1395 TYR A N   1 
ATOM   671  C  CA  . TYR A 1 104 ? 4.631   -9.765  13.569  1.00 13.18  ? 1395 TYR A CA  1 
ATOM   672  C  C   . TYR A 1 104 ? 3.866   -11.073 13.760  1.00 13.88  ? 1395 TYR A C   1 
ATOM   673  O  O   . TYR A 1 104 ? 3.576   -11.430 14.894  1.00 14.52  ? 1395 TYR A O   1 
ATOM   674  C  CB  . TYR A 1 104 ? 3.775   -8.527  13.853  1.00 14.73  ? 1395 TYR A CB  1 
ATOM   675  C  CG  . TYR A 1 104 ? 3.342   -8.448  15.300  1.00 14.72  ? 1395 TYR A CG  1 
ATOM   676  C  CD1 . TYR A 1 104 ? 4.238   -8.192  16.328  1.00 16.07  ? 1395 TYR A CD1 1 
ATOM   677  C  CD2 . TYR A 1 104 ? 2.014   -8.673  15.647  1.00 17.28  ? 1395 TYR A CD2 1 
ATOM   678  C  CE1 . TYR A 1 104 ? 3.820   -8.208  17.660  1.00 17.04  ? 1395 TYR A CE1 1 
ATOM   679  C  CE2 . TYR A 1 104 ? 1.590   -8.676  16.964  1.00 19.27  ? 1395 TYR A CE2 1 
ATOM   680  C  CZ  . TYR A 1 104 ? 2.494   -8.461  17.968  1.00 17.85  ? 1395 TYR A CZ  1 
ATOM   681  O  OH  . TYR A 1 104 ? 1.991   -8.478  19.254  1.00 23.81  ? 1395 TYR A OH  1 
ATOM   682  N  N   . THR A 1 105 ? 3.530   -11.775 12.688  1.00 14.30  ? 1396 THR A N   1 
ATOM   683  C  CA  . THR A 1 105 ? 2.656   -12.952 12.839  1.00 12.75  ? 1396 THR A CA  1 
ATOM   684  C  C   . THR A 1 105 ? 3.380   -14.050 13.628  1.00 14.88  ? 1396 THR A C   1 
ATOM   685  O  O   . THR A 1 105 ? 4.570   -14.345 13.379  1.00 16.06  ? 1396 THR A O   1 
ATOM   686  C  CB  . THR A 1 105 ? 2.126   -13.445 11.479  1.00 13.04  ? 1396 THR A CB  1 
ATOM   687  O  OG1 . THR A 1 105 ? 1.053   -14.346 11.778  1.00 14.39  ? 1396 THR A OG1 1 
ATOM   688  C  CG2 . THR A 1 105 ? 3.126   -14.183 10.628  1.00 14.18  ? 1396 THR A CG2 1 
ATOM   689  N  N   . PRO A 1 106 ? 2.687   -14.749 14.560  1.00 15.01  ? 1397 PRO A N   1 
ATOM   690  C  CA  . PRO A 1 106 ? 3.310   -15.880 15.260  1.00 16.11  ? 1397 PRO A CA  1 
ATOM   691  C  C   . PRO A 1 106 ? 3.336   -17.121 14.388  1.00 17.36  ? 1397 PRO A C   1 
ATOM   692  O  O   . PRO A 1 106 ? 4.029   -18.090 14.731  1.00 17.37  ? 1397 PRO A O   1 
ATOM   693  C  CB  . PRO A 1 106 ? 2.438   -16.088 16.500  1.00 18.85  ? 1397 PRO A CB  1 
ATOM   694  C  CG  . PRO A 1 106 ? 1.084   -15.523 16.115  1.00 20.45  ? 1397 PRO A CG  1 
ATOM   695  C  CD  . PRO A 1 106 ? 1.343   -14.449 15.092  1.00 17.30  ? 1397 PRO A CD  1 
ATOM   696  N  N   . SER A 1 107 ? 2.504   -17.154 13.336  1.00 15.78  ? 1398 SER A N   1 
ATOM   697  C  CA  . SER A 1 107 ? 2.323   -18.325 12.467  1.00 16.22  ? 1398 SER A CA  1 
ATOM   698  C  C   . SER A 1 107 ? 1.967   -17.883 11.048  1.00 15.97  ? 1398 SER A C   1 
ATOM   699  O  O   . SER A 1 107 ? 1.192   -16.903 10.851  1.00 14.69  ? 1398 SER A O   1 
ATOM   700  C  CB  . SER A 1 107 ? 1.220   -19.190 13.020  1.00 18.72  ? 1398 SER A CB  1 
ATOM   701  O  OG  . SER A 1 107 ? 0.814   -20.120 12.064  1.00 22.08  ? 1398 SER A OG  1 
ATOM   702  N  N   . LYS A 1 108 ? 2.360   -18.647 10.044  1.00 18.24  ? 1399 LYS A N   1 
ATOM   703  C  CA  . LYS A 1 108 ? 2.013   -18.329 8.646   1.00 21.02  ? 1399 LYS A CA  1 
ATOM   704  C  C   . LYS A 1 108 ? 0.557   -18.712 8.417   1.00 20.99  ? 1399 LYS A C   1 
ATOM   705  O  O   . LYS A 1 108 ? 0.062   -18.332 7.330   1.00 21.72  ? 1399 LYS A O   1 
ATOM   706  C  CB  . LYS A 1 108 ? 3.071   -18.908 7.707   1.00 27.30  ? 1399 LYS A CB  1 
ATOM   707  C  CG  . LYS A 1 108 ? 4.357   -18.083 7.746   1.00 29.10  ? 1399 LYS A CG  1 
ATOM   708  C  CD  . LYS A 1 108 ? 5.463   -18.558 6.840   1.00 34.74  ? 1399 LYS A CD  1 
ATOM   709  C  CE  . LYS A 1 108 ? 6.561   -17.535 6.681   1.00 36.84  ? 1399 LYS A CE  1 
ATOM   710  N  NZ  . LYS A 1 108 ? 7.500   -17.925 5.601   1.00 40.18  ? 1399 LYS A NZ  1 
ATOM   711  N  N   . ARG A 1 109 ? -0.094  -19.411 9.370   1.00 19.41  ? 1400 ARG A N   1 
ATOM   712  C  CA  . ARG A 1 109 ? -1.526  -19.830 9.328   1.00 22.33  ? 1400 ARG A CA  1 
ATOM   713  C  C   . ARG A 1 109 ? -2.431  -18.837 10.048  1.00 23.23  ? 1400 ARG A C   1 
ATOM   714  O  O   . ARG A 1 109 ? -3.635  -19.093 10.051  1.00 25.97  ? 1400 ARG A O   1 
ATOM   715  C  CB  . ARG A 1 109 ? -1.682  -21.259 9.877   1.00 25.71  ? 1400 ARG A CB  1 
ATOM   716  C  CG  . ARG A 1 109 ? -1.008  -22.303 8.992   1.00 28.20  ? 1400 ARG A CG  1 
ATOM   717  C  CD  . ARG A 1 109 ? -1.058  -23.727 9.561   1.00 32.37  ? 1400 ARG A CD  1 
ATOM   718  N  NE  . ARG A 1 109 ? -2.416  -24.233 9.465   1.00 37.66  ? 1400 ARG A NE  1 
ATOM   719  C  CZ  . ARG A 1 109 ? -3.208  -24.512 10.494  1.00 40.34  ? 1400 ARG A CZ  1 
ATOM   720  N  NH1 . ARG A 1 109 ? -2.777  -24.363 11.741  1.00 52.59  ? 1400 ARG A NH1 1 
ATOM   721  N  NH2 . ARG A 1 109 ? -4.440  -24.946 10.274  1.00 43.59  ? 1400 ARG A NH2 1 
ATOM   722  N  N   . SER A 1 110 ? -1.921  -17.779 10.667  1.00 18.67  ? 1401 SER A N   1 
ATOM   723  C  CA  . SER A 1 110 ? -2.723  -16.833 11.475  1.00 16.60  ? 1401 SER A CA  1 
ATOM   724  C  C   . SER A 1 110 ? -3.735  -16.063 10.610  1.00 15.12  ? 1401 SER A C   1 
ATOM   725  O  O   . SER A 1 110 ? -3.457  -15.824 9.434   1.00 15.59  ? 1401 SER A O   1 
ATOM   726  C  CB  . SER A 1 110 ? -1.858  -15.855 12.196  1.00 15.59  ? 1401 SER A CB  1 
ATOM   727  O  OG  . SER A 1 110 ? -0.931  -16.487 13.123  1.00 18.70  ? 1401 SER A OG  1 
ATOM   728  N  N   . ARG A 1 111 ? -4.893  -15.727 11.196  1.00 14.50  ? 1402 ARG A N   1 
ATOM   729  C  CA  . ARG A 1 111 ? -5.979  -15.021 10.463  1.00 14.15  ? 1402 ARG A CA  1 
ATOM   730  C  C   . ARG A 1 111 ? -5.442  -13.720 9.844   1.00 13.30  ? 1402 ARG A C   1 
ATOM   731  O  O   . ARG A 1 111 ? -5.730  -13.484 8.670   1.00 13.50  ? 1402 ARG A O   1 
ATOM   732  C  CB  . ARG A 1 111 ? -7.148  -14.734 11.414  1.00 14.03  ? 1402 ARG A CB  1 
ATOM   733  C  CG  . ARG A 1 111 ? -8.344  -14.119 10.713  1.00 14.38  ? 1402 ARG A CG  1 
ATOM   734  C  CD  . ARG A 1 111 ? -9.084  -15.152 9.903   1.00 16.86  ? 1402 ARG A CD  1 
ATOM   735  N  NE  . ARG A 1 111 ? -9.992  -14.715 8.834   1.00 20.85  ? 1402 ARG A NE  1 
ATOM   736  C  CZ  . ARG A 1 111 ? -11.208 -14.241 9.017   1.00 23.37  ? 1402 ARG A CZ  1 
ATOM   737  N  NH1 . ARG A 1 111 ? -11.749 -14.198 10.220  1.00 21.06  ? 1402 ARG A NH1 1 
ATOM   738  N  NH2 . ARG A 1 111 ? -11.923 -13.872 7.974   1.00 30.77  ? 1402 ARG A NH2 1 
ATOM   739  N  N   . ILE A 1 112 ? -4.960  -12.836 10.649  1.00 13.17  ? 1403 ILE A N   1 
ATOM   740  C  CA  . ILE A 1 112 ? -4.575  -11.478 10.149  1.00 12.84  ? 1403 ILE A CA  1 
ATOM   741  C  C   . ILE A 1 112 ? -3.549  -11.588 9.015   1.00 13.00  ? 1403 ILE A C   1 
ATOM   742  O  O   . ILE A 1 112 ? -3.698  -10.975 7.942   1.00 12.57  ? 1403 ILE A O   1 
ATOM   743  C  CB  . ILE A 1 112 ? -4.160  -10.555 11.307  1.00 13.40  ? 1403 ILE A CB  1 
ATOM   744  C  CG1 . ILE A 1 112 ? -5.405  -10.280 12.169  1.00 14.69  ? 1403 ILE A CG1 1 
ATOM   745  C  CG2 . ILE A 1 112 ? -3.519  -9.272  10.765  1.00 14.62  ? 1403 ILE A CG2 1 
ATOM   746  C  CD1 . ILE A 1 112 ? -5.127  -9.531  13.443  1.00 17.48  ? 1403 ILE A CD1 1 
ATOM   747  N  N   . TYR A 1 113 ? -2.514  -12.415 9.179   1.00 12.12  ? 1404 TYR A N   1 
ATOM   748  C  CA  . TYR A 1 113 ? -1.492  -12.613 8.138   1.00 11.74  ? 1404 TYR A CA  1 
ATOM   749  C  C   . TYR A 1 113 ? -2.145  -13.178 6.887   1.00 11.86  ? 1404 TYR A C   1 
ATOM   750  O  O   . TYR A 1 113 ? -1.819  -12.772 5.801   1.00 12.61  ? 1404 TYR A O   1 
ATOM   751  C  CB  . TYR A 1 113 ? -0.350  -13.480 8.663   1.00 13.67  ? 1404 TYR A CB  1 
ATOM   752  C  CG  . TYR A 1 113 ? 0.660   -13.830 7.601   1.00 12.00  ? 1404 TYR A CG  1 
ATOM   753  C  CD1 . TYR A 1 113 ? 1.456   -12.842 7.000   1.00 12.86  ? 1404 TYR A CD1 1 
ATOM   754  C  CD2 . TYR A 1 113 ? 0.851   -15.158 7.189   1.00 13.71  ? 1404 TYR A CD2 1 
ATOM   755  C  CE1 . TYR A 1 113 ? 2.397   -13.178 6.018   1.00 12.84  ? 1404 TYR A CE1 1 
ATOM   756  C  CE2 . TYR A 1 113 ? 1.799   -15.490 6.225   1.00 14.72  ? 1404 TYR A CE2 1 
ATOM   757  C  CZ  . TYR A 1 113 ? 2.569   -14.490 5.643   1.00 13.21  ? 1404 TYR A CZ  1 
ATOM   758  O  OH  . TYR A 1 113 ? 3.511   -14.825 4.688   1.00 16.41  ? 1404 TYR A OH  1 
ATOM   759  N  N   A SER A 1 114 ? -3.039  -14.155 7.040   0.26 12.67  ? 1405 SER A N   1 
ATOM   760  N  N   B SER A 1 114 ? -3.029  -14.155 7.039   0.25 12.81  ? 1405 SER A N   1 
ATOM   761  C  CA  A SER A 1 114 ? -3.738  -14.767 5.880   0.26 13.34  ? 1405 SER A CA  1 
ATOM   762  C  CA  B SER A 1 114 ? -3.724  -14.765 5.881   0.25 13.53  ? 1405 SER A CA  1 
ATOM   763  C  C   A SER A 1 114 ? -4.513  -13.693 5.092   0.26 12.87  ? 1405 SER A C   1 
ATOM   764  C  C   B SER A 1 114 ? -4.508  -13.695 5.095   0.25 13.00  ? 1405 SER A C   1 
ATOM   765  O  O   A SER A 1 114 ? -4.530  -13.746 3.855   0.26 12.99  ? 1405 SER A O   1 
ATOM   766  O  O   B SER A 1 114 ? -4.522  -13.747 3.855   0.25 13.16  ? 1405 SER A O   1 
ATOM   767  C  CB  A SER A 1 114 ? -4.640  -15.914 6.301   0.26 14.92  ? 1405 SER A CB  1 
ATOM   768  C  CB  B SER A 1 114 ? -4.602  -15.891 6.348   0.25 15.27  ? 1405 SER A CB  1 
ATOM   769  O  OG  A SER A 1 114 ? -5.872  -15.470 6.856   0.26 15.17  ? 1405 SER A OG  1 
ATOM   770  O  OG  B SER A 1 114 ? -3.833  -16.847 7.073   0.25 15.91  ? 1405 SER A OG  1 
ATOM   771  N  N   . MET A 1 115 ? -5.153  -12.758 5.784   1.00 12.18  ? 1406 MET A N   1 
ATOM   772  C  CA  . MET A 1 115 ? -5.896  -11.645 5.128   1.00 11.83  ? 1406 MET A CA  1 
ATOM   773  C  C   . MET A 1 115 ? -4.877  -10.740 4.396   1.00 11.06  ? 1406 MET A C   1 
ATOM   774  O  O   . MET A 1 115 ? -5.140  -10.301 3.252   1.00 11.86  ? 1406 MET A O   1 
ATOM   775  C  CB  . MET A 1 115 ? -6.647  -10.867 6.201   1.00 12.02  ? 1406 MET A CB  1 
ATOM   776  C  CG  . MET A 1 115 ? -7.790  -11.612 6.801   1.00 12.60  ? 1406 MET A CG  1 
ATOM   777  S  SD  . MET A 1 115 ? -8.476  -10.925 8.308   1.00 17.00  ? 1406 MET A SD  1 
ATOM   778  C  CE  . MET A 1 115 ? -9.429  -9.677  7.593   1.00 16.49  ? 1406 MET A CE  1 
ATOM   779  N  N   . SER A 1 116 ? -3.717  -10.513 5.006   1.00 11.06  ? 1407 SER A N   1 
ATOM   780  C  CA  . SER A 1 116 ? -2.656  -9.674  4.390   1.00 11.44  ? 1407 SER A CA  1 
ATOM   781  C  C   . SER A 1 116 ? -2.217  -10.284 3.050   1.00 10.82  ? 1407 SER A C   1 
ATOM   782  O  O   . SER A 1 116 ? -1.962  -9.541  2.120   1.00 11.84  ? 1407 SER A O   1 
ATOM   783  C  CB  . SER A 1 116 ? -1.479  -9.471  5.336   1.00 12.98  ? 1407 SER A CB  1 
ATOM   784  O  OG  . SER A 1 116 ? -0.501  -10.501 5.275   1.00 12.79  ? 1407 SER A OG  1 
ATOM   785  N  N   . LEU A 1 117 ? -2.099  -11.608 2.969   1.00 10.91  ? 1408 LEU A N   1 
ATOM   786  C  CA  . LEU A 1 117 ? -1.614  -12.201 1.714   1.00 11.91  ? 1408 LEU A CA  1 
ATOM   787  C  C   . LEU A 1 117 ? -2.625  -12.037 0.592   1.00 11.28  ? 1408 LEU A C   1 
ATOM   788  O  O   . LEU A 1 117 ? -2.260  -11.767 -0.556  1.00 12.19  ? 1408 LEU A O   1 
ATOM   789  C  CB  . LEU A 1 117 ? -1.262  -13.662 1.903   1.00 13.45  ? 1408 LEU A CB  1 
ATOM   790  C  CG  . LEU A 1 117 ? -0.091  -13.996 2.826   1.00 13.93  ? 1408 LEU A CG  1 
ATOM   791  C  CD1 . LEU A 1 117 ? 0.085   -15.502 2.869   1.00 16.84  ? 1408 LEU A CD1 1 
ATOM   792  C  CD2 . LEU A 1 117 ? 1.198   -13.311 2.358   1.00 17.33  ? 1408 LEU A CD2 1 
ATOM   793  N  N   . ARG A 1 118 ? -3.922  -12.194 0.890   1.00 11.64  ? 1409 ARG A N   1 
ATOM   794  C  CA  . ARG A 1 118 ? -4.930  -11.978 -0.168  1.00 11.51  ? 1409 ARG A CA  1 
ATOM   795  C  C   . ARG A 1 118 ? -4.943  -10.504 -0.569  1.00 10.88  ? 1409 ARG A C   1 
ATOM   796  O  O   . ARG A 1 118 ? -5.035  -10.166 -1.785  1.00 11.91  ? 1409 ARG A O   1 
ATOM   797  C  CB  . ARG A 1 118 ? -6.320  -12.431 0.283   1.00 11.79  ? 1409 ARG A CB  1 
ATOM   798  C  CG  . ARG A 1 118 ? -6.494  -13.949 0.443   1.00 12.41  ? 1409 ARG A CG  1 
ATOM   799  C  CD  . ARG A 1 118 ? -7.953  -14.312 0.716   1.00 13.10  ? 1409 ARG A CD  1 
ATOM   800  N  NE  . ARG A 1 118 ? -8.454  -13.790 1.941   1.00 13.10  ? 1409 ARG A NE  1 
ATOM   801  C  CZ  . ARG A 1 118 ? -8.565  -14.431 3.086   1.00 15.53  ? 1409 ARG A CZ  1 
ATOM   802  N  NH1 . ARG A 1 118 ? -8.173  -15.688 3.226   1.00 17.05  ? 1409 ARG A NH1 1 
ATOM   803  N  NH2 . ARG A 1 118 ? -9.070  -13.783 4.140   1.00 17.25  ? 1409 ARG A NH2 1 
ATOM   804  N  N   . LEU A 1 119 ? -4.905  -9.602  0.388   1.00 10.48  ? 1410 LEU A N   1 
ATOM   805  C  CA  . LEU A 1 119 ? -4.945  -8.164  0.065   1.00 11.21  ? 1410 LEU A CA  1 
ATOM   806  C  C   . LEU A 1 119 ? -3.709  -7.733  -0.711  1.00 10.38  ? 1410 LEU A C   1 
ATOM   807  O  O   . LEU A 1 119 ? -3.831  -6.898  -1.672  1.00 11.34  ? 1410 LEU A O   1 
ATOM   808  C  CB  . LEU A 1 119 ? -5.127  -7.382  1.357   1.00 11.83  ? 1410 LEU A CB  1 
ATOM   809  C  CG  . LEU A 1 119 ? -5.560  -5.930  1.165   1.00 12.65  ? 1410 LEU A CG  1 
ATOM   810  C  CD1 . LEU A 1 119 ? -7.000  -5.856  0.626   1.00 14.27  ? 1410 LEU A CD1 1 
ATOM   811  C  CD2 . LEU A 1 119 ? -5.531  -5.197  2.496   1.00 12.72  ? 1410 LEU A CD2 1 
ATOM   812  N  N   . SER A 1 120 ? -2.541  -8.304  -0.393  1.00 10.11  ? 1411 SER A N   1 
ATOM   813  C  CA  . SER A 1 120 ? -1.309  -8.020  -1.141  1.00 11.10  ? 1411 SER A CA  1 
ATOM   814  C  C   . SER A 1 120 ? -1.492  -8.443  -2.595  1.00 11.27  ? 1411 SER A C   1 
ATOM   815  O  O   . SER A 1 120 ? -1.044  -7.720  -3.515  1.00 11.51  ? 1411 SER A O   1 
ATOM   816  C  CB  . SER A 1 120 ? -0.185  -8.699  -0.460  1.00 10.73  ? 1411 SER A CB  1 
ATOM   817  O  OG  . SER A 1 120 ? 1.018   -8.581  -1.236  1.00 12.53  ? 1411 SER A OG  1 
ATOM   818  N  N   . ALA A 1 121 ? -1.996  -9.656  -2.847  1.00 11.33  ? 1412 ALA A N   1 
ATOM   819  C  CA  . ALA A 1 121 ? -2.200  -10.112 -4.222  1.00 11.52  ? 1412 ALA A CA  1 
ATOM   820  C  C   . ALA A 1 121 ? -3.102  -9.146  -4.969  1.00 11.25  ? 1412 ALA A C   1 
ATOM   821  O  O   . ALA A 1 121 ? -2.829  -8.865  -6.148  1.00 11.90  ? 1412 ALA A O   1 
ATOM   822  C  CB  . ALA A 1 121 ? -2.739  -11.530 -4.248  1.00 12.15  ? 1412 ALA A CB  1 
ATOM   823  N  N   . PHE A 1 122 ? -4.212  -8.721  -4.360  1.00 11.57  ? 1413 PHE A N   1 
ATOM   824  C  CA  . PHE A 1 122 ? -5.132  -7.754  -4.999  1.00 11.44  ? 1413 PHE A CA  1 
ATOM   825  C  C   . PHE A 1 122 ? -4.409  -6.448  -5.318  1.00 11.30  ? 1413 PHE A C   1 
ATOM   826  O  O   . PHE A 1 122 ? -4.539  -5.888  -6.424  1.00 12.04  ? 1413 PHE A O   1 
ATOM   827  C  CB  . PHE A 1 122 ? -6.331  -7.577  -4.070  1.00 12.15  ? 1413 PHE A CB  1 
ATOM   828  C  CG  . PHE A 1 122 ? -7.316  -6.551  -4.557  1.00 12.47  ? 1413 PHE A CG  1 
ATOM   829  C  CD1 . PHE A 1 122 ? -8.237  -6.847  -5.550  1.00 15.33  ? 1413 PHE A CD1 1 
ATOM   830  C  CD2 . PHE A 1 122 ? -7.257  -5.240  -4.116  1.00 14.25  ? 1413 PHE A CD2 1 
ATOM   831  C  CE1 . PHE A 1 122 ? -9.125  -5.875  -6.029  1.00 16.27  ? 1413 PHE A CE1 1 
ATOM   832  C  CE2 . PHE A 1 122 ? -8.168  -4.286  -4.560  1.00 16.41  ? 1413 PHE A CE2 1 
ATOM   833  C  CZ  . PHE A 1 122 ? -9.109  -4.606  -5.508  1.00 17.94  ? 1413 PHE A CZ  1 
ATOM   834  N  N   . PHE A 1 123 ? -3.681  -5.919  -4.317  1.00 10.97  ? 1414 PHE A N   1 
ATOM   835  C  CA  . PHE A 1 123 ? -2.937  -4.663  -4.494  1.00 10.70  ? 1414 PHE A CA  1 
ATOM   836  C  C   . PHE A 1 123 ? -1.956  -4.777  -5.666  1.00 11.34  ? 1414 PHE A C   1 
ATOM   837  O  O   . PHE A 1 123 ? -1.896  -3.891  -6.525  1.00 11.89  ? 1414 PHE A O   1 
ATOM   838  C  CB  . PHE A 1 123 ? -2.235  -4.258  -3.189  1.00 10.88  ? 1414 PHE A CB  1 
ATOM   839  C  CG  . PHE A 1 123 ? -1.337  -3.043  -3.365  1.00 11.32  ? 1414 PHE A CG  1 
ATOM   840  C  CD1 . PHE A 1 123 ? -1.865  -1.771  -3.505  1.00 12.09  ? 1414 PHE A CD1 1 
ATOM   841  C  CD2 . PHE A 1 123 ? 0.055   -3.197  -3.424  1.00 11.65  ? 1414 PHE A CD2 1 
ATOM   842  C  CE1 . PHE A 1 123 ? -1.013  -0.682  -3.712  1.00 12.44  ? 1414 PHE A CE1 1 
ATOM   843  C  CE2 . PHE A 1 123 ? 0.872   -2.095  -3.655  1.00 12.55  ? 1414 PHE A CE2 1 
ATOM   844  C  CZ  . PHE A 1 123 ? 0.328   -0.876  -3.801  1.00 12.82  ? 1414 PHE A CZ  1 
ATOM   845  N  N   . GLU A 1 124 ? -1.134  -5.808  -5.668  1.00 11.07  ? 1415 GLU A N   1 
ATOM   846  C  CA  . GLU A 1 124 ? -0.085  -5.968  -6.706  1.00 11.89  ? 1415 GLU A CA  1 
ATOM   847  C  C   . GLU A 1 124 ? -0.720  -6.100  -8.094  1.00 13.04  ? 1415 GLU A C   1 
ATOM   848  O  O   . GLU A 1 124 ? -0.191  -5.530  -9.061  1.00 14.02  ? 1415 GLU A O   1 
ATOM   849  C  CB  . GLU A 1 124 ? 0.811   -7.172  -6.380  1.00 13.20  ? 1415 GLU A CB  1 
ATOM   850  C  CG  . GLU A 1 124 ? 1.691   -6.973  -5.132  1.00 14.19  ? 1415 GLU A CG  1 
ATOM   851  C  CD  . GLU A 1 124 ? 2.722   -5.842  -5.215  1.00 15.39  ? 1415 GLU A CD  1 
ATOM   852  O  OE1 . GLU A 1 124 ? 3.200   -5.519  -6.352  1.00 17.48  ? 1415 GLU A OE1 1 
ATOM   853  O  OE2 . GLU A 1 124 ? 3.091   -5.286  -4.135  1.00 14.58  ? 1415 GLU A OE2 1 
ATOM   854  N  N   . GLU A 1 125 ? -1.855  -6.797  -8.176  1.00 12.23  ? 1416 GLU A N   1 
ATOM   855  C  CA  . GLU A 1 125 ? -2.539  -6.978  -9.481  1.00 13.53  ? 1416 GLU A CA  1 
ATOM   856  C  C   . GLU A 1 125 ? -2.955  -5.609  -10.017 1.00 12.90  ? 1416 GLU A C   1 
ATOM   857  O  O   . GLU A 1 125 ? -2.883  -5.405  -11.222 1.00 15.64  ? 1416 GLU A O   1 
ATOM   858  C  CB  . GLU A 1 125 ? -3.741  -7.871  -9.185  1.00 12.97  ? 1416 GLU A CB  1 
ATOM   859  C  CG  . GLU A 1 125 ? -4.714  -8.054  -10.347 1.00 14.89  ? 1416 GLU A CG  1 
ATOM   860  C  CD  . GLU A 1 125 ? -5.828  -9.003  -9.927  1.00 15.72  ? 1416 GLU A CD  1 
ATOM   861  O  OE1 . GLU A 1 125 ? -5.528  -10.203 -9.671  1.00 16.03  ? 1416 GLU A OE1 1 
ATOM   862  O  OE2 . GLU A 1 125 ? -6.988  -8.545  -9.771  1.00 17.10  ? 1416 GLU A OE2 1 
ATOM   863  N  N   . HIS A 1 126 ? -3.360  -4.693  -9.163  1.00 13.33  ? 1417 HIS A N   1 
ATOM   864  C  CA  . HIS A 1 126 ? -3.913  -3.380  -9.585  1.00 14.74  ? 1417 HIS A CA  1 
ATOM   865  C  C   . HIS A 1 126 ? -2.832  -2.286  -9.714  1.00 14.06  ? 1417 HIS A C   1 
ATOM   866  O  O   . HIS A 1 126 ? -2.936  -1.388  -10.590 1.00 16.96  ? 1417 HIS A O   1 
ATOM   867  C  CB  . HIS A 1 126 ? -5.061  -2.966  -8.648  1.00 16.29  ? 1417 HIS A CB  1 
ATOM   868  C  CG  . HIS A 1 126 ? -6.321  -3.725  -8.882  1.00 19.19  ? 1417 HIS A CG  1 
ATOM   869  N  ND1 . HIS A 1 126 ? -6.510  -5.025  -8.462  1.00 20.04  ? 1417 HIS A ND1 1 
ATOM   870  C  CD2 . HIS A 1 126 ? -7.508  -3.278  -9.345  1.00 24.92  ? 1417 HIS A CD2 1 
ATOM   871  C  CE1 . HIS A 1 126 ? -7.716  -5.401  -8.856  1.00 24.99  ? 1417 HIS A CE1 1 
ATOM   872  N  NE2 . HIS A 1 126 ? -8.373  -4.343  -9.297  1.00 28.56  ? 1417 HIS A NE2 1 
ATOM   873  N  N   . ILE A 1 127 ? -1.781  -2.329  -8.879  1.00 13.14  ? 1418 ILE A N   1 
ATOM   874  C  CA  . ILE A 1 127 ? -0.745  -1.260  -8.921  1.00 12.90  ? 1418 ILE A CA  1 
ATOM   875  C  C   . ILE A 1 127 ? 0.178   -1.390  -10.141 1.00 12.32  ? 1418 ILE A C   1 
ATOM   876  O  O   . ILE A 1 127 ? 0.812   -0.395  -10.539 1.00 12.93  ? 1418 ILE A O   1 
ATOM   877  C  CB  . ILE A 1 127 ? 0.052   -1.209  -7.594  1.00 12.92  ? 1418 ILE A CB  1 
ATOM   878  C  CG1 . ILE A 1 127 ? 0.683   0.166   -7.297  1.00 14.08  ? 1418 ILE A CG1 1 
ATOM   879  C  CG2 . ILE A 1 127 ? 1.106   -2.284  -7.506  1.00 14.10  ? 1418 ILE A CG2 1 
ATOM   880  C  CD1 . ILE A 1 127 ? -0.288  1.270   -7.132  1.00 15.82  ? 1418 ILE A CD1 1 
ATOM   881  N  N   A SER A 1 128 ? 0.303   -2.581  -10.732 0.25 12.72  ? 1419 SER A N   1 
ATOM   882  N  N   B SER A 1 128 ? 0.270   -2.594  -10.720 0.25 12.77  ? 1419 SER A N   1 
ATOM   883  C  CA  A SER A 1 128 ? 1.292   -2.815  -11.816 0.25 13.24  ? 1419 SER A CA  1 
ATOM   884  C  CA  B SER A 1 128 ? 1.175   -2.909  -11.856 0.25 13.45  ? 1419 SER A CA  1 
ATOM   885  C  C   A SER A 1 128 ? 1.054   -1.842  -12.993 0.25 13.15  ? 1419 SER A C   1 
ATOM   886  C  C   B SER A 1 128 ? 1.034   -1.858  -12.967 0.25 13.25  ? 1419 SER A C   1 
ATOM   887  O  O   A SER A 1 128 ? 2.043   -1.256  -13.460 0.25 13.62  ? 1419 SER A O   1 
ATOM   888  O  O   B SER A 1 128 ? 2.061   -1.280  -13.368 0.25 13.78  ? 1419 SER A O   1 
ATOM   889  C  CB  A SER A 1 128 ? 1.292   -4.269  -12.238 0.25 14.45  ? 1419 SER A CB  1 
ATOM   890  C  CB  B SER A 1 128 ? 0.912   -4.304  -12.389 0.25 14.53  ? 1419 SER A CB  1 
ATOM   891  O  OG  A SER A 1 128 ? 0.009   -4.641  -12.693 0.25 16.72  ? 1419 SER A OG  1 
ATOM   892  O  OG  B SER A 1 128 ? 1.753   -4.563  -13.500 0.25 17.82  ? 1419 SER A OG  1 
ATOM   893  N  N   . SER A 1 129 ? -0.183  -1.612  -13.424 1.00 12.84  ? 1420 SER A N   1 
ATOM   894  C  CA  . SER A 1 129 ? -0.439  -0.712  -14.567 1.00 14.47  ? 1420 SER A CA  1 
ATOM   895  C  C   . SER A 1 129 ? -0.152  0.732   -14.130 1.00 13.08  ? 1420 SER A C   1 
ATOM   896  O  O   . SER A 1 129 ? 0.260   1.530   -14.970 1.00 13.79  ? 1420 SER A O   1 
ATOM   897  C  CB  . SER A 1 129 ? -1.819  -0.842  -15.110 1.00 16.77  ? 1420 SER A CB  1 
ATOM   898  O  OG  . SER A 1 129 ? -2.815  -0.615  -14.141 1.00 23.22  ? 1420 SER A OG  1 
ATOM   899  N  N   . VAL A 1 130 ? -0.474  1.075   -12.866 1.00 12.68  ? 1421 VAL A N   1 
ATOM   900  C  CA  . VAL A 1 130 ? -0.240  2.453   -12.368 1.00 12.05  ? 1421 VAL A CA  1 
ATOM   901  C  C   . VAL A 1 130 ? 1.238   2.742   -12.482 1.00 11.50  ? 1421 VAL A C   1 
ATOM   902  O  O   . VAL A 1 130 ? 1.656   3.848   -12.989 1.00 12.28  ? 1421 VAL A O   1 
ATOM   903  C  CB  . VAL A 1 130 ? -0.756  2.604   -10.946 1.00 11.24  ? 1421 VAL A CB  1 
ATOM   904  C  CG1 . VAL A 1 130 ? -0.473  4.011   -10.414 1.00 11.76  ? 1421 VAL A CG1 1 
ATOM   905  C  CG2 . VAL A 1 130 ? -2.237  2.324   -10.874 1.00 12.90  ? 1421 VAL A CG2 1 
ATOM   906  N  N   . LEU A 1 131 ? 2.086   1.861   -11.991 1.00 12.04  ? 1422 LEU A N   1 
ATOM   907  C  CA  . LEU A 1 131 ? 3.542   2.047   -12.054 1.00 11.87  ? 1422 LEU A CA  1 
ATOM   908  C  C   . LEU A 1 131 ? 4.034   2.092   -13.475 1.00 11.81  ? 1422 LEU A C   1 
ATOM   909  O  O   . LEU A 1 131 ? 4.848   2.952   -13.800 1.00 12.88  ? 1422 LEU A O   1 
ATOM   910  C  CB  . LEU A 1 131 ? 4.274   0.927   -11.299 1.00 12.53  ? 1422 LEU A CB  1 
ATOM   911  C  CG  . LEU A 1 131 ? 4.012   0.864   -9.796  1.00 13.11  ? 1422 LEU A CG  1 
ATOM   912  C  CD1 . LEU A 1 131 ? 4.482   -0.451  -9.180  1.00 14.87  ? 1422 LEU A CD1 1 
ATOM   913  C  CD2 . LEU A 1 131 ? 4.614   2.069   -9.109  1.00 15.58  ? 1422 LEU A CD2 1 
ATOM   914  N  N   A SER A 1 132 ? 3.606   1.157   -14.317 0.40 12.20  ? 1423 SER A N   1 
ATOM   915  N  N   B SER A 1 132 ? 3.562   1.173   -14.313 0.10 12.69  ? 1423 SER A N   1 
ATOM   916  C  CA  A SER A 1 132 ? 4.098   1.115   -15.720 0.40 12.78  ? 1423 SER A CA  1 
ATOM   917  C  CA  B SER A 1 132 ? 4.012   1.046   -15.723 0.10 13.26  ? 1423 SER A CA  1 
ATOM   918  C  C   A SER A 1 132 ? 3.720   2.415   -16.440 0.40 12.48  ? 1423 SER A C   1 
ATOM   919  C  C   B SER A 1 132 ? 3.673   2.321   -16.507 0.10 13.03  ? 1423 SER A C   1 
ATOM   920  O  O   A SER A 1 132 ? 4.586   2.974   -17.158 0.40 13.55  ? 1423 SER A O   1 
ATOM   921  O  O   B SER A 1 132 ? 4.518   2.784   -17.296 0.10 13.21  ? 1423 SER A O   1 
ATOM   922  C  CB  A SER A 1 132 ? 3.576   -0.079  -16.499 0.40 13.18  ? 1423 SER A CB  1 
ATOM   923  C  CB  B SER A 1 132 ? 3.408   -0.170  -16.357 0.10 13.86  ? 1423 SER A CB  1 
ATOM   924  O  OG  A SER A 1 132 ? 3.959   -1.311  -15.922 0.40 14.57  ? 1423 SER A OG  1 
ATOM   925  O  OG  B SER A 1 132 ? 4.089   -0.482  -17.553 0.10 15.09  ? 1423 SER A OG  1 
ATOM   926  N  N   . ASP A 1 133 ? 2.472   2.860   -16.310 1.00 12.85  ? 1424 ASP A N   1 
ATOM   927  C  CA  . ASP A 1 133 ? 2.036   4.082   -17.015 1.00 12.97  ? 1424 ASP A CA  1 
ATOM   928  C  C   . ASP A 1 133 ? 2.827   5.303   -16.553 1.00 13.27  ? 1424 ASP A C   1 
ATOM   929  O  O   . ASP A 1 133 ? 3.223   6.163   -17.366 1.00 13.63  ? 1424 ASP A O   1 
ATOM   930  C  CB  . ASP A 1 133 ? 0.538   4.318   -16.848 1.00 15.28  ? 1424 ASP A CB  1 
ATOM   931  C  CG  . ASP A 1 133 ? -0.402  3.381   -17.584 1.00 19.13  ? 1424 ASP A CG  1 
ATOM   932  O  OD1 . ASP A 1 133 ? 0.075   2.470   -18.294 1.00 20.26  ? 1424 ASP A OD1 1 
ATOM   933  O  OD2 . ASP A 1 133 ? -1.645  3.555   -17.424 1.00 23.75  ? 1424 ASP A OD2 1 
ATOM   934  N  N   . TYR A 1 134 ? 3.064   5.402   -15.240 1.00 11.90  ? 1425 TYR A N   1 
ATOM   935  C  CA  . TYR A 1 134 ? 3.805   6.545   -14.704 1.00 12.22  ? 1425 TYR A CA  1 
ATOM   936  C  C   . TYR A 1 134 ? 5.209   6.532   -15.288 1.00 12.05  ? 1425 TYR A C   1 
ATOM   937  O  O   . TYR A 1 134 ? 5.746   7.565   -15.690 1.00 12.44  ? 1425 TYR A O   1 
ATOM   938  C  CB  . TYR A 1 134 ? 3.830   6.560   -13.163 1.00 11.97  ? 1425 TYR A CB  1 
ATOM   939  C  CG  . TYR A 1 134 ? 4.684   7.638   -12.562 1.00 12.44  ? 1425 TYR A CG  1 
ATOM   940  C  CD1 . TYR A 1 134 ? 4.244   8.952   -12.524 1.00 13.51  ? 1425 TYR A CD1 1 
ATOM   941  C  CD2 . TYR A 1 134 ? 5.968   7.343   -12.123 1.00 14.12  ? 1425 TYR A CD2 1 
ATOM   942  C  CE1 . TYR A 1 134 ? 5.029   9.958   -11.975 1.00 14.69  ? 1425 TYR A CE1 1 
ATOM   943  C  CE2 . TYR A 1 134 ? 6.736   8.332   -11.560 1.00 14.60  ? 1425 TYR A CE2 1 
ATOM   944  C  CZ  . TYR A 1 134 ? 6.294   9.626   -11.509 1.00 15.50  ? 1425 TYR A CZ  1 
ATOM   945  O  OH  . TYR A 1 134 ? 7.097   10.622  -10.958 1.00 19.47  ? 1425 TYR A OH  1 
ATOM   946  N  N   . LYS A 1 135 ? 5.894   5.385   -15.186 1.00 12.17  ? 1426 LYS A N   1 
ATOM   947  C  CA  . LYS A 1 135 ? 7.297   5.321   -15.613 1.00 11.88  ? 1426 LYS A CA  1 
ATOM   948  C  C   . LYS A 1 135 ? 7.386   5.594   -17.131 1.00 12.11  ? 1426 LYS A C   1 
ATOM   949  O  O   . LYS A 1 135 ? 8.333   6.269   -17.562 1.00 12.10  ? 1426 LYS A O   1 
ATOM   950  C  CB  . LYS A 1 135 ? 7.935   3.976   -15.225 1.00 13.75  ? 1426 LYS A CB  1 
ATOM   951  C  CG  . LYS A 1 135 ? 8.018   3.815   -13.714 1.00 14.28  ? 1426 LYS A CG  1 
ATOM   952  C  CD  . LYS A 1 135 ? 8.656   2.457   -13.348 1.00 16.65  ? 1426 LYS A CD  1 
ATOM   953  C  CE  . LYS A 1 135 ? 8.744   2.230   -11.849 1.00 19.79  ? 1426 LYS A CE  1 
ATOM   954  N  NZ  . LYS A 1 135 ? 9.474   0.971   -11.533 1.00 25.31  ? 1426 LYS A NZ  1 
ATOM   955  N  N   A SER A 1 136 ? 6.438   5.092   -17.910 0.40 12.88  ? 1427 SER A N   1 
ATOM   956  N  N   B SER A 1 136 ? 6.412   5.130   -17.917 0.10 12.34  ? 1427 SER A N   1 
ATOM   957  C  CA  A SER A 1 136 ? 6.353   5.393   -19.367 0.40 13.60  ? 1427 SER A CA  1 
ATOM   958  C  CA  B SER A 1 136 ? 6.374   5.380   -19.384 0.10 12.56  ? 1427 SER A CA  1 
ATOM   959  C  C   A SER A 1 136 ? 6.169   6.899   -19.620 0.40 13.58  ? 1427 SER A C   1 
ATOM   960  C  C   B SER A 1 136 ? 6.095   6.864   -19.679 0.10 12.95  ? 1427 SER A C   1 
ATOM   961  O  O   A SER A 1 136 ? 6.879   7.467   -20.464 0.40 12.92  ? 1427 SER A O   1 
ATOM   962  O  O   B SER A 1 136 ? 6.669   7.372   -20.659 0.10 13.14  ? 1427 SER A O   1 
ATOM   963  C  CB  A SER A 1 136 ? 5.237   4.616   -19.947 0.40 15.42  ? 1427 SER A CB  1 
ATOM   964  C  CB  B SER A 1 136 ? 5.412   4.456   -20.087 0.10 12.68  ? 1427 SER A CB  1 
ATOM   965  O  OG  A SER A 1 136 ? 4.930   5.088   -21.248 0.40 18.97  ? 1427 SER A OG  1 
ATOM   966  O  OG  B SER A 1 136 ? 4.131   4.440   -19.474 0.10 12.60  ? 1427 SER A OG  1 
ATOM   967  N  N   . ALA A 1 137 ? 5.299   7.549   -18.848 1.00 13.41  ? 1428 ALA A N   1 
ATOM   968  C  CA  . ALA A 1 137 ? 5.054   9.011   -18.992 1.00 13.68  ? 1428 ALA A CA  1 
ATOM   969  C  C   . ALA A 1 137 ? 6.314   9.762   -18.684 1.00 14.65  ? 1428 ALA A C   1 
ATOM   970  O  O   . ALA A 1 137 ? 6.657   10.781  -19.359 1.00 15.02  ? 1428 ALA A O   1 
ATOM   971  C  CB  . ALA A 1 137 ? 3.972   9.440   -18.019 1.00 15.07  ? 1428 ALA A CB  1 
ATOM   972  N  N   . LEU A 1 138 ? 7.053   9.391   -17.649 1.00 14.33  ? 1429 LEU A N   1 
ATOM   973  C  CA  . LEU A 1 138 ? 8.265   10.113  -17.327 1.00 16.12  ? 1429 LEU A CA  1 
ATOM   974  C  C   . LEU A 1 138 ? 9.308   9.930   -18.420 1.00 13.30  ? 1429 LEU A C   1 
ATOM   975  O  O   . LEU A 1 138 ? 10.021  10.908  -18.772 1.00 14.52  ? 1429 LEU A O   1 
ATOM   976  C  CB  . LEU A 1 138 ? 8.765   9.666   -15.959 1.00 21.63  ? 1429 LEU A CB  1 
ATOM   977  C  CG  . LEU A 1 138 ? 9.184   10.751  -14.997 1.00 26.21  ? 1429 LEU A CG  1 
ATOM   978  C  CD1 . LEU A 1 138 ? 8.155   11.858  -14.810 1.00 24.10  ? 1429 LEU A CD1 1 
ATOM   979  C  CD2 . LEU A 1 138 ? 9.538   10.085  -13.684 1.00 24.87  ? 1429 LEU A CD2 1 
ATOM   980  N  N   . ARG A 1 139 ? 9.428   8.692   -18.968 1.00 12.48  ? 1430 ARG A N   1 
ATOM   981  C  CA  . ARG A 1 139 ? 10.388  8.469   -20.061 1.00 12.46  ? 1430 ARG A CA  1 
ATOM   982  C  C   . ARG A 1 139 ? 9.987   9.353   -21.260 1.00 11.03  ? 1430 ARG A C   1 
ATOM   983  O  O   . ARG A 1 139 ? 10.874  9.967   -21.884 1.00 14.11  ? 1430 ARG A O   1 
ATOM   984  C  CB  . ARG A 1 139 ? 10.471  7.012   -20.461 1.00 12.35  ? 1430 ARG A CB  1 
ATOM   985  C  CG  . ARG A 1 139 ? 11.118  6.102   -19.422 1.00 12.68  ? 1430 ARG A CG  1 
ATOM   986  C  CD  . ARG A 1 139 ? 11.324  4.703   -19.982 1.00 13.48  ? 1430 ARG A CD  1 
ATOM   987  N  NE  . ARG A 1 139 ? 10.135  3.957   -20.251 1.00 13.51  ? 1430 ARG A NE  1 
ATOM   988  C  CZ  . ARG A 1 139 ? 9.497   3.101   -19.447 1.00 13.23  ? 1430 ARG A CZ  1 
ATOM   989  N  NH1 . ARG A 1 139 ? 9.894   2.965   -18.187 1.00 15.64  ? 1430 ARG A NH1 1 
ATOM   990  N  NH2 . ARG A 1 139 ? 8.487   2.386   -19.877 1.00 14.34  ? 1430 ARG A NH2 1 
ATOM   991  N  N   . PHE A 1 140 ? 8.694   9.474   -21.564 1.00 11.32  ? 1431 PHE A N   1 
ATOM   992  C  CA  . PHE A 1 140 ? 8.239   10.277  -22.706 1.00 12.78  ? 1431 PHE A CA  1 
ATOM   993  C  C   . PHE A 1 140 ? 8.595   11.745  -22.453 1.00 12.88  ? 1431 PHE A C   1 
ATOM   994  O  O   . PHE A 1 140 ? 9.099   12.433  -23.314 1.00 13.43  ? 1431 PHE A O   1 
ATOM   995  C  CB  . PHE A 1 140 ? 6.751   10.111  -22.937 1.00 12.53  ? 1431 PHE A CB  1 
ATOM   996  C  CG  . PHE A 1 140 ? 6.267   10.767  -24.195 1.00 14.58  ? 1431 PHE A CG  1 
ATOM   997  C  CD1 . PHE A 1 140 ? 6.488   10.148  -25.423 1.00 15.53  ? 1431 PHE A CD1 1 
ATOM   998  C  CD2 . PHE A 1 140 ? 5.625   11.993  -24.164 1.00 14.80  ? 1431 PHE A CD2 1 
ATOM   999  C  CE1 . PHE A 1 140 ? 6.023   10.739  -26.590 1.00 16.86  ? 1431 PHE A CE1 1 
ATOM   1000 C  CE2 . PHE A 1 140 ? 5.178   12.593  -25.343 1.00 16.57  ? 1431 PHE A CE2 1 
ATOM   1001 C  CZ  . PHE A 1 140 ? 5.378   11.952  -26.550 1.00 17.05  ? 1431 PHE A CZ  1 
ATOM   1002 N  N   . HIS A 1 141 ? 8.472   12.196  -21.210 1.00 14.77  ? 1432 HIS A N   1 
ATOM   1003 C  CA  . HIS A 1 141 ? 8.772   13.613  -20.849 1.00 15.55  ? 1432 HIS A CA  1 
ATOM   1004 C  C   . HIS A 1 141 ? 10.239  13.926  -21.121 1.00 19.47  ? 1432 HIS A C   1 
ATOM   1005 O  O   . HIS A 1 141 ? 10.576  15.069  -21.587 1.00 20.05  ? 1432 HIS A O   1 
ATOM   1006 C  CB  . HIS A 1 141 ? 8.412   13.850  -19.400 1.00 16.45  ? 1432 HIS A CB  1 
ATOM   1007 C  CG  . HIS A 1 141 ? 8.481   15.307  -19.056 1.00 15.77  ? 1432 HIS A CG  1 
ATOM   1008 N  ND1 . HIS A 1 141 ? 7.515   16.212  -19.462 1.00 15.74  ? 1432 HIS A ND1 1 
ATOM   1009 C  CD2 . HIS A 1 141 ? 9.348   15.965  -18.253 1.00 18.88  ? 1432 HIS A CD2 1 
ATOM   1010 C  CE1 . HIS A 1 141 ? 7.819   17.402  -18.946 1.00 16.06  ? 1432 HIS A CE1 1 
ATOM   1011 N  NE2 . HIS A 1 141 ? 8.929   17.281  -18.213 1.00 17.23  ? 1432 HIS A NE2 1 
ATOM   1012 N  N   . LYS A 1 142 ? 11.126  12.965  -20.909 1.00 19.39  ? 1433 LYS A N   1 
ATOM   1013 C  CA  . LYS A 1 142 ? 12.598  13.096  -21.071 1.00 21.39  ? 1433 LYS A CA  1 
ATOM   1014 C  C   . LYS A 1 142 ? 13.055  12.596  -22.442 1.00 25.17  ? 1433 LYS A C   1 
ATOM   1015 O  O   . LYS A 1 142 ? 14.285  12.480  -22.619 1.00 32.42  ? 1433 LYS A O   1 
ATOM   1016 C  CB  . LYS A 1 142 ? 13.224  12.341  -19.894 1.00 29.42  ? 1433 LYS A CB  1 
ATOM   1017 C  CG  . LYS A 1 142 ? 12.728  12.835  -18.536 1.00 33.36  ? 1433 LYS A CG  1 
ATOM   1018 C  CD  . LYS A 1 142 ? 13.042  11.974  -17.333 1.00 40.79  ? 1433 LYS A CD  1 
ATOM   1019 C  CE  . LYS A 1 142 ? 12.107  12.268  -16.174 1.00 46.55  ? 1433 LYS A CE  1 
ATOM   1020 N  NZ  . LYS A 1 142 ? 12.539  13.439  -15.369 1.00 52.80  ? 1433 LYS A NZ  1 
ATOM   1021 N  N   . ARG A 1 143 ? 12.170  12.341  -23.399 1.00 23.57  ? 1434 ARG A N   1 
ATOM   1022 C  CA  . ARG A 1 143 ? 12.537  11.713  -24.694 1.00 27.76  ? 1434 ARG A CA  1 
ATOM   1023 C  C   . ARG A 1 143 ? 13.573  12.535  -25.489 1.00 37.75  ? 1434 ARG A C   1 
ATOM   1024 O  O   . ARG A 1 143 ? 14.331  11.922  -26.271 1.00 41.20  ? 1434 ARG A O   1 
ATOM   1025 C  CB  . ARG A 1 143 ? 11.307  11.421  -25.547 1.00 24.77  ? 1434 ARG A CB  1 
ATOM   1026 C  CG  . ARG A 1 143 ? 10.635  12.652  -26.134 1.00 23.40  ? 1434 ARG A CG  1 
ATOM   1027 C  CD  . ARG A 1 143 ? 9.264   12.326  -26.669 1.00 23.78  ? 1434 ARG A CD  1 
ATOM   1028 N  NE  . ARG A 1 143 ? 8.612   13.476  -27.241 1.00 21.59  ? 1434 ARG A NE  1 
ATOM   1029 C  CZ  . ARG A 1 143 ? 8.015   14.426  -26.574 1.00 22.50  ? 1434 ARG A CZ  1 
ATOM   1030 N  NH1 . ARG A 1 143 ? 7.950   14.405  -25.258 1.00 17.80  ? 1434 ARG A NH1 1 
ATOM   1031 N  NH2 . ARG A 1 143 ? 7.454   15.438  -27.226 1.00 24.32  ? 1434 ARG A NH2 1 
ATOM   1032 N  N   . ASN A 1 144 ? 13.556  13.865  -25.373 1.00 34.68  ? 1435 ASN A N   1 
ATOM   1033 C  CA  . ASN A 1 144 ? 14.452  14.771  -26.149 1.00 36.79  ? 1435 ASN A CA  1 
ATOM   1034 C  C   . ASN A 1 144 ? 15.404  15.480  -25.177 1.00 38.48  ? 1435 ASN A C   1 
ATOM   1035 O  O   . ASN A 1 144 ? 15.950  16.536  -25.575 1.00 41.30  ? 1435 ASN A O   1 
ATOM   1036 C  CB  . ASN A 1 144 ? 13.670  15.794  -26.985 1.00 35.04  ? 1435 ASN A CB  1 
ATOM   1037 C  CG  . ASN A 1 144 ? 12.753  15.181  -28.028 1.00 34.62  ? 1435 ASN A CG  1 
ATOM   1038 O  OD1 . ASN A 1 144 ? 13.183  14.394  -28.869 1.00 33.87  ? 1435 ASN A OD1 1 
ATOM   1039 N  ND2 . ASN A 1 144 ? 11.485  15.564  -28.001 1.00 31.27  ? 1435 ASN A ND2 1 
HETATM 1040 N  N1  . ZL8 B 2 .   ? -1.796  -9.574  15.702  0.62 79.62  ? 1901 ZL8 A N1  1 
HETATM 1041 N  N3  . ZL8 B 2 .   ? -1.959  -14.436 18.299  0.62 93.42  ? 1901 ZL8 A N3  1 
HETATM 1042 C  C4  . ZL8 B 2 .   ? -0.968  -7.563  13.248  0.62 71.09  ? 1901 ZL8 A C4  1 
HETATM 1043 C  C5  . ZL8 B 2 .   ? -1.806  -7.518  14.355  0.62 72.49  ? 1901 ZL8 A C5  1 
HETATM 1044 C  C6  . ZL8 B 2 .   ? -2.935  -6.712  14.334  0.62 70.50  ? 1901 ZL8 A C6  1 
HETATM 1045 C  C7  . ZL8 B 2 .   ? -1.471  -8.271  15.607  0.62 76.15  ? 1901 ZL8 A C7  1 
HETATM 1046 C  C8  . ZL8 B 2 .   ? -3.183  -10.035 15.794  0.62 81.49  ? 1901 ZL8 A C8  1 
HETATM 1047 C  C10 . ZL8 B 2 .   ? -3.013  -12.198 17.119  0.62 85.13  ? 1901 ZL8 A C10 1 
HETATM 1048 C  C13 . ZL8 B 2 .   ? -1.085  -13.472 17.992  0.62 91.29  ? 1901 ZL8 A C13 1 
HETATM 1049 C  C15 . ZL8 B 2 .   ? -2.245  -16.038 16.445  0.62 94.72  ? 1901 ZL8 A C15 1 
HETATM 1050 C  C17 . ZL8 B 2 .   ? -3.175  -18.796 17.947  0.62 100.21 ? 1901 ZL8 A C17 1 
HETATM 1051 C  C20 . ZL8 B 2 .   ? -4.963  -22.524 15.496  0.62 100.89 ? 1901 ZL8 A C20 1 
HETATM 1052 C  C21 . ZL8 B 2 .   ? -4.321  -21.485 14.903  0.62 101.55 ? 1901 ZL8 A C21 1 
HETATM 1053 C  C22 . ZL8 B 2 .   ? -3.991  -20.459 15.835  0.62 101.12 ? 1901 ZL8 A C22 1 
HETATM 1054 C  C1  . ZL8 B 2 .   ? -3.232  -5.996  13.193  0.62 68.68  ? 1901 ZL8 A C1  1 
HETATM 1055 C  C11 . ZL8 B 2 .   ? -0.686  -11.214 17.127  0.62 85.65  ? 1901 ZL8 A C11 1 
HETATM 1056 C  C12 . ZL8 B 2 .   ? -0.785  -10.633 15.733  0.62 82.79  ? 1901 ZL8 A C12 1 
HETATM 1057 C  C14 . ZL8 B 2 .   ? -1.776  -15.817 17.871  0.62 93.80  ? 1901 ZL8 A C14 1 
HETATM 1058 C  C16 . ZL8 B 2 .   ? -3.468  -16.897 16.340  0.62 98.06  ? 1901 ZL8 A C16 1 
HETATM 1059 C  C18 . ZL8 B 2 .   ? -4.257  -19.809 18.265  0.62 100.70 ? 1901 ZL8 A C18 1 
HETATM 1060 C  C19 . ZL8 B 2 .   ? -4.408  -20.735 17.099  0.62 100.70 ? 1901 ZL8 A C19 1 
HETATM 1061 C  C2  . ZL8 B 2 .   ? -2.417  -6.047  12.077  0.62 68.10  ? 1901 ZL8 A C2  1 
HETATM 1062 C  C23 . ZL8 B 2 .   ? -3.254  -19.185 15.497  0.62 100.81 ? 1901 ZL8 A C23 1 
HETATM 1063 C  C3  . ZL8 B 2 .   ? -1.284  -6.837  12.115  0.62 69.90  ? 1901 ZL8 A C3  1 
HETATM 1064 C  C9  . ZL8 B 2 .   ? -3.502  -10.768 17.080  0.62 82.83  ? 1901 ZL8 A C9  1 
HETATM 1065 N  N2  . ZL8 B 2 .   ? -1.573  -12.361 17.379  0.62 87.78  ? 1901 ZL8 A N2  1 
HETATM 1066 N  N4  . ZL8 B 2 .   ? -3.353  -18.223 16.608  0.62 100.37 ? 1901 ZL8 A N4  1 
HETATM 1067 O  O1  . ZL8 B 2 .   ? -0.848  -7.688  16.489  0.62 80.44  ? 1901 ZL8 A O1  1 
HETATM 1068 O  O2  . ZL8 B 2 .   ? 0.119   -13.560 18.298  0.62 91.80  ? 1901 ZL8 A O2  1 
HETATM 1069 O  O3  . ZL8 B 2 .   ? -4.539  -16.395 16.018  0.62 99.08  ? 1901 ZL8 A O3  1 
HETATM 1070 S  S1  . ZL8 B 2 .   ? -5.156  -22.289 17.182  0.62 99.49  ? 1901 ZL8 A S1  1 
HETATM 1071 CL CL1 . ZL8 B 2 .   ? -4.664  -5.007  13.185  0.62 68.56  ? 1901 ZL8 A CL1 1 
HETATM 1072 O  O   . HOH C 3 .   ? 3.477   -10.861 22.119  1.00 34.86  ? 2001 HOH A O   1 
HETATM 1073 O  O   . HOH C 3 .   ? -0.029  -14.976 20.065  1.00 34.49  ? 2002 HOH A O   1 
HETATM 1074 O  O   . HOH C 3 .   ? -4.923  -16.873 13.755  0.62 19.16  ? 2003 HOH A O   1 
HETATM 1075 O  O   . HOH C 3 .   ? 8.383   -1.115  -11.925 1.00 36.81  ? 2004 HOH A O   1 
HETATM 1076 O  O   . HOH C 3 .   ? 11.652  16.074  -8.232  1.00 35.30  ? 2005 HOH A O   1 
HETATM 1077 O  O   . HOH C 3 .   ? -9.522  -2.987  21.521  1.00 40.47  ? 2006 HOH A O   1 
HETATM 1078 O  O   . HOH C 3 .   ? 7.561   -1.967  23.190  1.00 33.89  ? 2007 HOH A O   1 
HETATM 1079 O  O   . HOH C 3 .   ? 1.711   -21.978 10.677  1.00 31.52  ? 2008 HOH A O   1 
HETATM 1080 O  O   . HOH C 3 .   ? 6.373   -15.295 11.914  0.62 36.47  ? 2009 HOH A O   1 
HETATM 1081 O  O   . HOH C 3 .   ? 10.691  17.192  -26.224 1.00 44.26  ? 2010 HOH A O   1 
HETATM 1082 O  O   . HOH C 3 .   ? 6.166   12.962  -10.575 1.00 33.36  ? 2011 HOH A O   1 
HETATM 1083 O  O   . HOH C 3 .   ? 5.945   4.330   -23.487 1.00 25.28  ? 2012 HOH A O   1 
HETATM 1084 O  O   . HOH C 3 .   ? 1.491   -5.721  11.467  0.62 13.74  ? 2013 HOH A O   1 
HETATM 1085 O  O   . HOH C 3 .   ? -8.440  -15.275 6.624   1.00 30.04  ? 2014 HOH A O   1 
HETATM 1086 O  O   . HOH C 3 .   ? 5.685   7.966   3.666   1.00 35.11  ? 2015 HOH A O   1 
HETATM 1087 O  O   . HOH C 3 .   ? -5.018  -0.601  -11.927 1.00 28.95  ? 2016 HOH A O   1 
HETATM 1088 O  O   . HOH C 3 .   ? -3.262  16.953  -2.419  1.00 16.96  ? 2017 HOH A O   1 
HETATM 1089 O  O   . HOH C 3 .   ? -7.117  -6.682  16.603  1.00 20.82  ? 2018 HOH A O   1 
HETATM 1090 O  O   . HOH C 3 .   ? -0.640  -2.185  9.732   0.62 13.65  ? 2019 HOH A O   1 
HETATM 1091 O  O   . HOH C 3 .   ? -0.511  8.414   -25.436 1.00 46.56  ? 2020 HOH A O   1 
HETATM 1092 O  O   . HOH C 3 .   ? 9.428   -16.341 6.406   0.62 27.81  ? 2021 HOH A O   1 
HETATM 1093 O  O   . HOH C 3 .   ? 2.451   -6.202  -1.763  1.00 16.82  ? 2022 HOH A O   1 
HETATM 1094 O  O   . HOH C 3 .   ? 12.591  11.855  -29.178 1.00 38.96  ? 2023 HOH A O   1 
HETATM 1095 O  O   . HOH C 3 .   ? 11.514  3.276   14.739  1.00 39.85  ? 2024 HOH A O   1 
HETATM 1096 O  O   . HOH C 3 .   ? 3.571   -17.230 3.610   1.00 31.26  ? 2025 HOH A O   1 
HETATM 1097 O  O   . HOH C 3 .   ? 6.416   -17.041 3.357   1.00 31.70  ? 2026 HOH A O   1 
HETATM 1098 O  O   . HOH C 3 .   ? 5.373   5.042   10.874  1.00 27.13  ? 2027 HOH A O   1 
HETATM 1099 O  O   . HOH C 3 .   ? 3.480   -1.668  25.352  1.00 26.53  ? 2028 HOH A O   1 
HETATM 1100 O  O   . HOH C 3 .   ? -3.368  -11.373 -10.673 1.00 24.32  ? 2029 HOH A O   1 
HETATM 1101 O  O   . HOH C 3 .   ? 8.301   2.991   3.591   1.00 29.33  ? 2030 HOH A O   1 
HETATM 1102 O  O   . HOH C 3 .   ? 1.783   0.775   -19.427 1.00 29.88  ? 2031 HOH A O   1 
HETATM 1103 O  O   . HOH C 3 .   ? 10.106  8.086   -6.696  1.00 27.29  ? 2032 HOH A O   1 
HETATM 1104 O  O   . HOH C 3 .   ? -12.507 -7.045  10.771  1.00 35.17  ? 2033 HOH A O   1 
HETATM 1105 O  O   . HOH C 3 .   ? -2.976  -1.972  11.197  1.00 14.50  ? 2034 HOH A O   1 
HETATM 1106 O  O   . HOH C 3 .   ? 2.833   7.370   -28.707 1.00 32.24  ? 2035 HOH A O   1 
HETATM 1107 O  O   . HOH C 3 .   ? 0.587   2.629   11.353  1.00 16.17  ? 2036 HOH A O   1 
HETATM 1108 O  O   . HOH C 3 .   ? 8.389   -4.755  7.836   1.00 18.95  ? 2037 HOH A O   1 
HETATM 1109 O  O   . HOH C 3 .   ? -6.152  14.054  -6.638  1.00 28.60  ? 2038 HOH A O   1 
HETATM 1110 O  O   . HOH C 3 .   ? 9.626   10.216  -10.076 1.00 26.93  ? 2039 HOH A O   1 
HETATM 1111 O  O   . HOH C 3 .   ? 5.098   -1.836  21.631  1.00 30.33  ? 2040 HOH A O   1 
HETATM 1112 O  O   . HOH C 3 .   ? 1.998   -1.627  10.997  1.00 15.07  ? 2041 HOH A O   1 
HETATM 1113 O  O   . HOH C 3 .   ? 2.620   -5.321  -8.996  1.00 17.53  ? 2042 HOH A O   1 
HETATM 1114 O  O   . HOH C 3 .   ? 13.336  8.856   -22.227 1.00 28.93  ? 2043 HOH A O   1 
HETATM 1115 O  O   . HOH C 3 .   ? -5.805  6.707   11.679  0.62 31.24  ? 2044 HOH A O   1 
HETATM 1116 O  O   . HOH C 3 .   ? 2.280   17.633  5.231   1.00 31.81  ? 2045 HOH A O   1 
HETATM 1117 O  O   . HOH C 3 .   ? -4.118  -19.552 6.832   1.00 37.71  ? 2046 HOH A O   1 
HETATM 1118 O  O   . HOH C 3 .   ? -10.801 -12.179 -0.051  1.00 23.89  ? 2047 HOH A O   1 
HETATM 1119 O  O   . HOH C 3 .   ? 5.605   15.190  -21.132 1.00 15.05  ? 2048 HOH A O   1 
HETATM 1120 O  O   . HOH C 3 .   ? 9.376   17.496  -22.020 1.00 41.81  ? 2049 HOH A O   1 
HETATM 1121 O  O   . HOH C 3 .   ? -3.199  -24.170 6.835   1.00 41.16  ? 2050 HOH A O   1 
HETATM 1122 O  O   . HOH C 3 .   ? 4.829   12.617  -20.529 1.00 16.12  ? 2051 HOH A O   1 
HETATM 1123 O  O   . HOH C 3 .   ? -1.058  -12.592 11.939  1.00 15.41  ? 2052 HOH A O   1 
HETATM 1124 O  O   . HOH C 3 .   ? -5.281  11.457  -17.755 1.00 35.89  ? 2053 HOH A O   1 
HETATM 1125 O  O   . HOH C 3 .   ? -8.164  -9.833  -7.639  1.00 15.29  ? 2054 HOH A O   1 
HETATM 1126 O  O   . HOH C 3 .   ? -7.899  -7.768  -12.252 1.00 25.85  ? 2055 HOH A O   1 
HETATM 1127 O  O   . HOH C 3 .   ? 0.844   7.392   10.855  1.00 32.55  ? 2056 HOH A O   1 
HETATM 1128 O  O   . HOH C 3 .   ? -0.697  19.345  2.642   1.00 27.81  ? 2057 HOH A O   1 
HETATM 1129 O  O   . HOH C 3 .   ? 2.120   -10.067 4.435   1.00 14.92  ? 2058 HOH A O   1 
HETATM 1130 O  O   . HOH C 3 .   ? 8.588   -3.674  3.193   1.00 17.04  ? 2059 HOH A O   1 
HETATM 1131 O  O   . HOH C 3 .   ? 5.862   -6.565  1.511   1.00 13.90  ? 2060 HOH A O   1 
HETATM 1132 O  O   . HOH C 3 .   ? -4.386  12.213  -10.802 1.00 13.91  ? 2061 HOH A O   1 
HETATM 1133 O  O   . HOH C 3 .   ? -5.940  -1.358  14.101  1.00 24.77  ? 2062 HOH A O   1 
HETATM 1134 O  O   . HOH C 3 .   ? 8.507   -1.340  1.832   1.00 15.89  ? 2063 HOH A O   1 
HETATM 1135 O  O   . HOH C 3 .   ? 2.080   -3.313  -16.333 1.00 21.34  ? 2064 HOH A O   1 
HETATM 1136 O  O   . HOH C 3 .   ? 8.342   -9.288  6.694   0.62 109.49 ? 2065 HOH A O   1 
HETATM 1137 O  O   . HOH C 3 .   ? -11.776 -11.696 5.638   1.00 36.14  ? 2066 HOH A O   1 
HETATM 1138 O  O   . HOH C 3 .   ? -6.016  9.476   -13.260 1.00 23.29  ? 2067 HOH A O   1 
HETATM 1139 O  O   . HOH C 3 .   ? 11.558  15.665  -24.129 1.00 37.07  ? 2068 HOH A O   1 
HETATM 1140 O  O   . HOH C 3 .   ? 3.137   -10.010 -0.110  1.00 27.14  ? 2069 HOH A O   1 
HETATM 1141 O  O   . HOH C 3 .   ? 0.575   -4.481  9.188   1.00 17.93  ? 2070 HOH A O   1 
HETATM 1142 O  O   . HOH C 3 .   ? -16.938 -4.366  3.084   1.00 24.65  ? 2071 HOH A O   1 
HETATM 1143 O  O   . HOH C 3 .   ? 9.445   4.444   -22.917 1.00 18.51  ? 2072 HOH A O   1 
HETATM 1144 O  O   . HOH C 3 .   ? -4.100  -16.088 2.382   1.00 17.43  ? 2073 HOH A O   1 
HETATM 1145 O  O   . HOH C 3 .   ? -7.197  2.566   -9.830  1.00 24.63  ? 2074 HOH A O   1 
HETATM 1146 O  O   . HOH C 3 .   ? 3.708   9.079   5.728   1.00 31.71  ? 2075 HOH A O   1 
HETATM 1147 O  O   . HOH C 3 .   ? 0.176   -12.532 -1.718  1.00 23.59  ? 2076 HOH A O   1 
HETATM 1148 O  O   . HOH C 3 .   ? 4.561   -2.527  -13.107 1.00 21.31  ? 2077 HOH A O   1 
HETATM 1149 O  O   . HOH C 3 .   ? 6.187   10.331  1.780   1.00 25.45  ? 2078 HOH A O   1 
HETATM 1150 O  O   . HOH C 3 .   ? 10.518  6.481   -15.808 1.00 20.28  ? 2079 HOH A O   1 
HETATM 1151 O  O   . HOH C 3 .   ? -4.994  -3.406  15.816  1.00 24.53  ? 2080 HOH A O   1 
HETATM 1152 O  O   . HOH C 3 .   ? 4.979   14.405  5.606   1.00 33.18  ? 2081 HOH A O   1 
HETATM 1153 O  O   . HOH C 3 .   ? 7.685   6.476   -23.126 1.00 15.20  ? 2082 HOH A O   1 
HETATM 1154 O  O   . HOH C 3 .   ? -4.056  14.505  4.469   0.62 17.68  ? 2083 HOH A O   1 
HETATM 1155 O  O   . HOH C 3 .   ? -1.044  -10.511 -7.580  1.00 22.41  ? 2084 HOH A O   1 
HETATM 1156 O  O   . HOH C 3 .   ? 9.048   -8.274  23.456  1.00 27.97  ? 2085 HOH A O   1 
HETATM 1157 O  O   . HOH C 3 .   ? 10.259  0.425   17.456  1.00 33.14  ? 2086 HOH A O   1 
HETATM 1158 O  O   . HOH C 3 .   ? -3.458  17.007  -6.528  1.00 19.18  ? 2087 HOH A O   1 
HETATM 1159 O  O   . HOH C 3 .   ? -0.021  6.102   -13.756 1.00 12.82  ? 2088 HOH A O   1 
HETATM 1160 O  O   . HOH C 3 .   ? -13.847 0.573   5.011   1.00 31.97  ? 2089 HOH A O   1 
HETATM 1161 O  O   . HOH C 3 .   ? -8.950  6.943   -1.421  1.00 31.92  ? 2090 HOH A O   1 
HETATM 1162 O  O   . HOH C 3 .   ? 1.890   5.098   -21.076 1.00 30.98  ? 2091 HOH A O   1 
HETATM 1163 O  O   . HOH C 3 .   ? 8.378   1.083   -4.752  1.00 20.57  ? 2092 HOH A O   1 
HETATM 1164 O  O   . HOH C 3 .   ? -18.709 -6.143  4.947   1.00 21.88  ? 2093 HOH A O   1 
HETATM 1165 O  O   . HOH C 3 .   ? 0.264   -10.043 11.458  0.62 17.47  ? 2094 HOH A O   1 
HETATM 1166 O  O   . HOH C 3 .   ? -2.545  -3.437  -13.240 1.00 20.44  ? 2095 HOH A O   1 
HETATM 1167 O  O   . HOH C 3 .   ? -7.276  -11.141 -3.229  1.00 19.27  ? 2096 HOH A O   1 
HETATM 1168 O  O   . HOH C 3 .   ? -14.254 2.659   -0.007  1.00 24.04  ? 2097 HOH A O   1 
HETATM 1169 O  O   . HOH C 3 .   ? 6.255   16.023  -23.647 1.00 21.58  ? 2098 HOH A O   1 
HETATM 1170 O  O   . HOH C 3 .   ? -12.798 -8.150  8.206   1.00 22.78  ? 2099 HOH A O   1 
HETATM 1171 O  O   . HOH C 3 .   ? -12.435 -3.428  14.552  0.62 32.23  ? 2100 HOH A O   1 
HETATM 1172 O  O   . HOH C 3 .   ? 8.904   -1.967  10.283  1.00 18.08  ? 2101 HOH A O   1 
HETATM 1173 O  O   . HOH C 3 .   ? 0.093   -7.440  -12.147 1.00 33.34  ? 2102 HOH A O   1 
HETATM 1174 O  O   . HOH C 3 .   ? -1.968  -7.373  -13.076 1.00 30.55  ? 2103 HOH A O   1 
HETATM 1175 O  O   . HOH C 3 .   ? 7.538   5.761   0.828   1.00 21.37  ? 2104 HOH A O   1 
HETATM 1176 O  O   . HOH C 3 .   ? 0.715   12.842  -2.764  1.00 12.45  ? 2105 HOH A O   1 
HETATM 1177 O  O   . HOH C 3 .   ? -0.093  8.013   -17.370 1.00 19.05  ? 2106 HOH A O   1 
HETATM 1178 O  O   . HOH C 3 .   ? 1.328   -10.471 -3.366  1.00 20.29  ? 2107 HOH A O   1 
HETATM 1179 O  O   . HOH C 3 .   ? -8.581  -0.187  18.362  0.62 35.94  ? 2108 HOH A O   1 
HETATM 1180 O  O   . HOH C 3 .   ? -6.511  -17.416 1.658   1.00 17.33  ? 2109 HOH A O   1 
HETATM 1181 O  O   . HOH C 3 .   ? -0.424  -4.605  -15.528 1.00 30.36  ? 2110 HOH A O   1 
HETATM 1182 O  O   . HOH C 3 .   ? 4.712   -13.365 2.258   1.00 25.42  ? 2111 HOH A O   1 
HETATM 1183 O  O   . HOH C 3 .   ? -7.477  -1.323  11.618  0.62 15.95  ? 2112 HOH A O   1 
HETATM 1184 O  O   . HOH C 3 .   ? 1.571   13.604  5.365   1.00 40.31  ? 2113 HOH A O   1 
HETATM 1185 O  O   . HOH C 3 .   ? -5.413  2.359   16.213  1.00 33.06  ? 2114 HOH A O   1 
HETATM 1186 O  O   . HOH C 3 .   ? -10.699 9.989   -6.494  1.00 33.13  ? 2115 HOH A O   1 
HETATM 1187 O  O   . HOH C 3 .   ? 2.994   -6.623  -15.093 1.00 38.10  ? 2116 HOH A O   1 
HETATM 1188 O  O   . HOH C 3 .   ? 10.827  10.478  -5.443  1.00 28.62  ? 2117 HOH A O   1 
HETATM 1189 O  O   . HOH C 3 .   ? -1.958  10.431  -22.970 1.00 37.93  ? 2118 HOH A O   1 
HETATM 1190 O  O   . HOH C 3 .   ? 5.033   -20.472 13.407  0.62 105.54 ? 2119 HOH A O   1 
HETATM 1191 O  O   . HOH C 3 .   ? -2.274  6.355   -16.858 1.00 20.46  ? 2120 HOH A O   1 
HETATM 1192 O  O   . HOH C 3 .   ? 8.004   -2.131  -7.751  1.00 38.61  ? 2121 HOH A O   1 
HETATM 1193 O  O   . HOH C 3 .   ? -11.798 -8.892  1.154   1.00 27.54  ? 2122 HOH A O   1 
HETATM 1194 O  O   . HOH C 3 .   ? -16.188 -2.392  7.531   1.00 39.27  ? 2123 HOH A O   1 
HETATM 1195 O  O   . HOH C 3 .   ? 11.924  4.274   -16.508 1.00 20.09  ? 2124 HOH A O   1 
HETATM 1196 O  O   . HOH C 3 .   ? 7.977   14.981  -9.939  0.50 31.02  ? 2125 HOH A O   1 
HETATM 1197 O  O   . HOH C 3 .   ? 10.443  1.206   -8.763  1.00 27.35  ? 2126 HOH A O   1 
HETATM 1198 O  O   . HOH C 3 .   ? 0.496   0.120   12.565  0.62 13.15  ? 2127 HOH A O   1 
HETATM 1199 O  O   . HOH C 3 .   ? 0.929   0.783   15.458  1.00 20.37  ? 2128 HOH A O   1 
HETATM 1200 O  O   . HOH C 3 .   ? 4.259   16.127  -11.494 1.00 22.25  ? 2129 HOH A O   1 
HETATM 1201 O  O   . HOH C 3 .   ? -3.300  7.568   10.423  1.00 35.69  ? 2130 HOH A O   1 
HETATM 1202 O  O   . HOH C 3 .   ? -5.070  18.201  1.306   1.00 40.31  ? 2131 HOH A O   1 
HETATM 1203 O  O   . HOH C 3 .   ? 1.634   18.965  2.755   1.00 27.64  ? 2132 HOH A O   1 
HETATM 1204 O  O   . HOH C 3 .   ? -13.548 0.090   9.252   1.00 28.94  ? 2133 HOH A O   1 
HETATM 1205 O  O   . HOH C 3 .   ? -14.791 -8.058  0.686   1.00 31.37  ? 2134 HOH A O   1 
HETATM 1206 O  O   . HOH C 3 .   ? 12.769  -6.787  20.964  1.00 38.88  ? 2135 HOH A O   1 
HETATM 1207 O  O   . HOH C 3 .   ? 0.860   8.800   -13.964 1.00 13.24  ? 2136 HOH A O   1 
HETATM 1208 O  O   . HOH C 3 .   ? -8.303  -9.444  -0.709  1.00 22.75  ? 2137 HOH A O   1 
HETATM 1209 O  O   . HOH C 3 .   ? 2.331   14.003  -9.918  1.00 20.57  ? 2138 HOH A O   1 
HETATM 1210 O  O   . HOH C 3 .   ? -3.879  13.502  -14.038 1.00 19.16  ? 2139 HOH A O   1 
HETATM 1211 O  O   . HOH C 3 .   ? -15.688 -3.781  5.199   1.00 37.34  ? 2140 HOH A O   1 
HETATM 1212 O  O   . HOH C 3 .   ? -12.986 5.220   4.314   1.00 32.74  ? 2141 HOH A O   1 
HETATM 1213 O  O   . HOH C 3 .   ? -4.600  -13.407 13.566  1.00 16.78  ? 2142 HOH A O   1 
HETATM 1214 O  O   . HOH C 3 .   ? -0.460  13.931  -9.466  1.00 15.68  ? 2143 HOH A O   1 
HETATM 1215 O  O   . HOH C 3 .   ? 13.874  1.008   0.571   1.00 32.45  ? 2144 HOH A O   1 
HETATM 1216 O  O   . HOH C 3 .   ? 7.435   5.384   5.631   1.00 38.60  ? 2145 HOH A O   1 
HETATM 1217 O  O   . HOH C 3 .   ? -12.857 2.972   -6.121  1.00 27.66  ? 2146 HOH A O   1 
HETATM 1218 O  O   . HOH C 3 .   ? -6.264  8.064   -15.542 1.00 41.04  ? 2147 HOH A O   1 
HETATM 1219 O  O   . HOH C 3 .   ? 8.622   -1.086  -3.036  1.00 17.56  ? 2148 HOH A O   1 
HETATM 1220 O  O   . HOH C 3 .   ? 4.368   -6.052  -12.809 1.00 37.20  ? 2149 HOH A O   1 
HETATM 1221 O  O   . HOH C 3 .   ? -13.213 -3.947  -3.515  1.00 34.01  ? 2150 HOH A O   1 
HETATM 1222 O  O   . HOH C 3 .   ? -7.107  8.676   5.840   1.00 29.41  ? 2151 HOH A O   1 
HETATM 1223 O  O   . HOH C 3 .   ? 6.701   -3.747  -9.036  1.00 25.39  ? 2152 HOH A O   1 
HETATM 1224 O  O   . HOH C 3 .   ? -3.948  -15.626 20.376  0.62 55.73  ? 2153 HOH A O   1 
HETATM 1225 O  O   . HOH C 3 .   ? -2.127  -13.014 14.380  0.62 23.83  ? 2154 HOH A O   1 
HETATM 1226 O  O   . HOH C 3 .   ? -9.122  6.846   5.882   1.00 39.58  ? 2155 HOH A O   1 
HETATM 1227 O  O   . HOH C 3 .   ? -2.945  2.633   -14.681 1.00 30.10  ? 2156 HOH A O   1 
HETATM 1228 O  O   . HOH C 3 .   ? 3.528   1.414   -20.343 1.00 39.11  ? 2157 HOH A O   1 
HETATM 1229 O  O   . HOH C 3 .   ? -6.765  -18.374 5.632   1.00 40.39  ? 2158 HOH A O   1 
HETATM 1230 O  O   . HOH C 3 .   ? 5.894   -15.304 8.510   1.00 37.09  ? 2159 HOH A O   1 
HETATM 1231 O  O   . HOH C 3 .   ? -10.057 -2.693  14.762  0.62 27.25  ? 2160 HOH A O   1 
HETATM 1232 O  O   . HOH C 3 .   ? -2.195  2.344   19.011  1.00 38.95  ? 2161 HOH A O   1 
HETATM 1233 O  O   . HOH C 3 .   ? 10.196  4.630   -3.816  1.00 29.86  ? 2162 HOH A O   1 
HETATM 1234 O  O   . HOH C 3 .   ? -9.967  -0.022  11.879  0.62 23.37  ? 2163 HOH A O   1 
HETATM 1235 O  O   . HOH C 3 .   ? 5.965   -8.995  2.844   1.00 15.39  ? 2164 HOH A O   1 
HETATM 1236 O  O   . HOH C 3 .   ? 0.484   -9.002  -9.821  1.00 42.08  ? 2165 HOH A O   1 
HETATM 1237 O  O   . HOH C 3 .   ? 9.524   8.065   -24.801 1.00 16.26  ? 2166 HOH A O   1 
HETATM 1238 O  O   . HOH C 3 .   ? -13.926 13.259  -13.432 1.00 54.47  ? 2167 HOH A O   1 
HETATM 1239 O  O   . HOH C 3 .   ? -14.762 1.678   -3.982  1.00 39.69  ? 2168 HOH A O   1 
HETATM 1240 O  O   . HOH C 3 .   ? -0.569  3.131   -21.864 1.00 40.18  ? 2169 HOH A O   1 
HETATM 1241 O  O   . HOH C 3 .   ? -16.193 -0.758  5.579   1.00 29.42  ? 2170 HOH A O   1 
HETATM 1242 O  O   . HOH C 3 .   ? -7.282  11.164  3.581   1.00 45.68  ? 2171 HOH A O   1 
HETATM 1243 O  O   . HOH C 3 .   ? 1.068   -2.120  -19.042 1.00 32.08  ? 2172 HOH A O   1 
HETATM 1244 O  O   . HOH C 3 .   ? 12.132  7.663   -24.567 1.00 37.23  ? 2173 HOH A O   1 
HETATM 1245 O  O   . HOH C 3 .   ? -3.495  -14.768 -2.498  1.00 25.65  ? 2174 HOH A O   1 
HETATM 1246 O  O   . HOH C 3 .   ? -16.287 -0.030  8.076   1.00 31.42  ? 2175 HOH A O   1 
HETATM 1247 O  O   . HOH C 3 .   ? 12.257  8.542   -16.439 1.00 31.78  ? 2176 HOH A O   1 
HETATM 1248 O  O   . HOH C 3 .   ? 8.463   -5.760  1.721   1.00 268.16 ? 2177 HOH A O   1 
HETATM 1249 O  O   . HOH C 3 .   ? -15.767 11.903  -10.284 1.00 24.43  ? 2178 HOH A O   1 
HETATM 1250 O  O   . HOH C 3 .   ? 8.677   -6.205  -3.175  1.00 36.48  ? 2179 HOH A O   1 
HETATM 1251 O  O   . HOH C 3 .   ? 10.921  -1.205  8.298   1.00 29.01  ? 2180 HOH A O   1 
HETATM 1252 O  O   . HOH C 3 .   ? -16.099 5.545   -3.321  1.00 32.07  ? 2181 HOH A O   1 
HETATM 1253 O  O   . HOH C 3 .   ? 4.796   -7.345  -0.903  1.00 20.59  ? 2182 HOH A O   1 
HETATM 1254 O  O   . HOH C 3 .   ? 3.715   -22.732 12.895  0.62 75.31  ? 2183 HOH A O   1 
HETATM 1255 O  O   . HOH C 3 .   ? 4.525   -4.038  -10.637 1.00 19.18  ? 2184 HOH A O   1 
HETATM 1256 O  O   . HOH C 3 .   ? -2.745  -18.159 3.410   1.00 24.84  ? 2185 HOH A O   1 
HETATM 1257 O  O   . HOH C 3 .   ? -5.343  -2.825  -16.398 1.00 39.53  ? 2186 HOH A O   1 
HETATM 1258 O  O   . HOH C 3 .   ? -15.659 3.287   -2.044  1.00 31.18  ? 2187 HOH A O   1 
HETATM 1259 O  O   . HOH C 3 .   ? 11.723  4.349   -12.147 1.00 39.29  ? 2188 HOH A O   1 
HETATM 1260 O  O   . HOH C 3 .   ? 12.740  -0.240  3.040   1.00 33.80  ? 2189 HOH A O   1 
HETATM 1261 O  O   . HOH C 3 .   ? 1.701   -19.003 3.555   1.00 30.93  ? 2190 HOH A O   1 
HETATM 1262 O  O   . HOH C 3 .   ? -13.296 -10.949 1.359   1.00 37.46  ? 2191 HOH A O   1 
HETATM 1263 O  O   . HOH C 3 .   ? -12.649 1.991   -8.411  1.00 39.04  ? 2192 HOH A O   1 
HETATM 1264 O  O   . HOH C 3 .   ? -2.903  -16.102 -0.327  1.00 33.39  ? 2193 HOH A O   1 
HETATM 1265 O  O   . HOH C 3 .   ? -6.906  -0.216  -9.769  1.00 34.05  ? 2194 HOH A O   1 
HETATM 1266 O  O   . HOH C 3 .   ? 7.865   0.474   -7.317  1.00 27.64  ? 2195 HOH A O   1 
HETATM 1267 O  O   . HOH C 3 .   ? -15.374 6.637   -6.488  1.00 40.37  ? 2196 HOH A O   1 
HETATM 1268 O  O   . HOH C 3 .   ? -4.971  14.277  -9.089  1.00 21.27  ? 2197 HOH A O   1 
HETATM 1269 O  O   . HOH C 3 .   ? -7.874  -0.337  15.998  1.00 36.49  ? 2198 HOH A O   1 
HETATM 1270 O  O   . HOH C 3 .   ? -0.135  -10.070 24.453  1.00 40.96  ? 2199 HOH A O   1 
HETATM 1271 O  O   . HOH C 3 .   ? -6.167  12.223  -13.027 1.00 24.17  ? 2200 HOH A O   1 
HETATM 1272 O  O   . HOH C 3 .   ? 3.814   -10.727 2.384   1.00 14.77  ? 2201 HOH A O   1 
HETATM 1273 O  O   . HOH C 3 .   ? 9.966   0.354   3.560   1.00 25.50  ? 2202 HOH A O   1 
HETATM 1274 O  O   . HOH C 3 .   ? 11.090  5.782   -5.661  1.00 39.37  ? 2203 HOH A O   1 
HETATM 1275 O  O   . HOH C 3 .   ? 9.107   -2.362  -0.661  1.00 106.44 ? 2204 HOH A O   1 
HETATM 1276 O  O   . HOH C 3 .   ? 1.466   4.780   13.109  1.00 30.03  ? 2205 HOH A O   1 
HETATM 1277 O  O   . HOH C 3 .   ? 4.609   3.291   21.477  1.00 36.74  ? 2206 HOH A O   1 
HETATM 1278 O  O   . HOH C 3 .   ? 20.358  16.580  -24.836 0.62 31.96  ? 2207 HOH A O   1 
HETATM 1279 O  O   . HOH C 3 .   ? -16.838 1.322   0.758   1.00 33.89  ? 2208 HOH A O   1 
HETATM 1280 O  O   . HOH C 3 .   ? 5.010   0.805   22.368  1.00 34.39  ? 2209 HOH A O   1 
HETATM 1281 O  O   . HOH C 3 .   ? -0.920  -10.876 -9.997  1.00 32.24  ? 2210 HOH A O   1 
HETATM 1282 O  O   . HOH C 3 .   ? 13.983  8.285   -18.726 1.00 45.19  ? 2211 HOH A O   1 
HETATM 1283 O  O   . HOH C 3 .   ? 3.981   -14.936 0.096   1.00 36.05  ? 2212 HOH A O   1 
HETATM 1284 O  O   . HOH C 3 .   ? 1.526   -10.782 -5.872  1.00 31.82  ? 2213 HOH A O   1 
HETATM 1285 O  O   . HOH C 3 .   ? -2.371  16.294  -9.542  0.50 12.42  ? 2214 HOH A O   1 
HETATM 1286 O  O   . HOH C 3 .   ? 4.268   8.168   7.699   1.00 39.33  ? 2215 HOH A O   1 
HETATM 1287 O  O   . HOH C 3 .   ? 14.327  4.639   -17.517 1.00 30.61  ? 2216 HOH A O   1 
HETATM 1288 O  O   . HOH C 3 .   ? -2.843  -4.323  -17.369 1.00 37.89  ? 2217 HOH A O   1 
HETATM 1289 O  O   . HOH C 3 .   ? 1.676   -14.787 -1.182  1.00 34.00  ? 2218 HOH A O   1 
HETATM 1290 O  O   . HOH C 3 .   ? 10.277  6.538   -12.962 1.00 24.17  ? 2219 HOH A O   1 
# 
